data_4ZAS
#
_entry.id   4ZAS
#
_cell.length_a   71.570
_cell.length_b   88.740
_cell.length_c   189.810
_cell.angle_alpha   90.00
_cell.angle_beta   96.22
_cell.angle_gamma   90.00
#
_symmetry.space_group_name_H-M   'P 1 21 1'
#
loop_
_entity.id
_entity.type
_entity.pdbx_description
1 polymer CalS13
2 non-polymer 'SULFATE ION'
3 non-polymer dTDP-4-keto-6-deoxyglucose
4 non-polymer "THYMIDINE-5'-DIPHOSPHATE"
5 water water
#
_entity_poly.entity_id   1
_entity_poly.type   'polypeptide(L)'
_entity_poly.pdbx_seq_one_letter_code
;MGSSHHHHHHSSGLVPRGSHMATSERGVMIPLSKVAMSPDVSTRVSAVLSSGRLEHGPTVAEYEAAVGSRIGNPRVVSVN
CGTAGLHLALSLAARPGAGESEHDGPGEVLTTPLTFEGTNWPILANGLRIRWVDVDPATLNMDLDDLAAKISPATRAIVV
VHWLGYPVDLNRLRAVVDRATAGYDRRPLVVEDCAQAWGATYRGAPLGTHGNVCVYSTGAI(LLP)ILTTGSGGFVVLPD
DDLYDRLRLRRWLGIERASDRITGDYDVAEWGYRFILNEIGGAIGLSNLERVDELLRRHRENAAFYDKELAGIDGVEQTE
RADDREPAFWMYPLKVRDRPAFMRRLLDAGIATSVVSRRNDAHSCVASARTTLPGLDRVADRVVHIPVGWWLTEDDRSHV
VETIKSGW
;
_entity_poly.pdbx_strand_id   A,B,C,D,E,F
#
loop_
_chem_comp.id
_chem_comp.type
_chem_comp.name
_chem_comp.formula
SO4 non-polymer 'SULFATE ION' 'O4 S -2'
T46 non-polymer dTDP-4-keto-6-deoxyglucose 'C16 H24 N2 O15 P2'
TYD non-polymer THYMIDINE-5'-DIPHOSPHATE 'C10 H16 N2 O11 P2'
#
# COMPACT_ATOMS: atom_id res chain seq x y z
N MET A 29 0.92 -53.15 5.87
CA MET A 29 0.85 -54.10 4.75
C MET A 29 -0.42 -54.96 4.82
N ILE A 30 -0.90 -55.22 6.03
CA ILE A 30 -2.29 -55.65 6.18
C ILE A 30 -3.05 -54.42 6.66
N PRO A 31 -3.82 -53.78 5.76
CA PRO A 31 -4.41 -52.49 6.15
C PRO A 31 -5.64 -52.64 7.04
N LEU A 32 -5.91 -51.61 7.84
CA LEU A 32 -7.08 -51.57 8.70
C LEU A 32 -8.38 -51.17 7.95
N SER A 33 -8.21 -50.39 6.89
CA SER A 33 -9.36 -49.95 6.09
C SER A 33 -9.01 -49.99 4.61
N LYS A 34 -10.02 -50.14 3.77
CA LYS A 34 -9.77 -50.23 2.34
C LYS A 34 -10.98 -49.75 1.56
N VAL A 35 -10.73 -49.08 0.44
CA VAL A 35 -11.81 -48.60 -0.43
C VAL A 35 -12.47 -49.77 -1.16
N ALA A 36 -13.79 -49.87 -1.06
CA ALA A 36 -14.51 -50.91 -1.78
C ALA A 36 -15.23 -50.34 -3.01
N MET A 37 -14.66 -50.55 -4.18
CA MET A 37 -15.23 -50.02 -5.42
C MET A 37 -15.50 -51.18 -6.39
N SER A 38 -16.75 -51.35 -6.77
CA SER A 38 -17.09 -52.35 -7.76
C SER A 38 -16.35 -52.00 -9.04
N PRO A 39 -15.88 -53.01 -9.78
CA PRO A 39 -15.20 -52.72 -11.05
C PRO A 39 -16.14 -52.21 -12.14
N ASP A 40 -17.44 -52.25 -11.85
CA ASP A 40 -18.48 -51.88 -12.80
C ASP A 40 -18.80 -50.38 -12.78
N VAL A 41 -18.24 -49.68 -11.81
CA VAL A 41 -18.58 -48.29 -11.54
C VAL A 41 -18.34 -47.37 -12.73
N SER A 42 -17.25 -47.60 -13.45
CA SER A 42 -16.86 -46.71 -14.53
C SER A 42 -17.97 -46.51 -15.55
N THR A 43 -18.66 -47.59 -15.88
CA THR A 43 -19.75 -47.55 -16.85
C THR A 43 -20.91 -46.67 -16.38
N ARG A 44 -21.33 -46.90 -15.14
CA ARG A 44 -22.44 -46.15 -14.58
C ARG A 44 -22.11 -44.66 -14.49
N VAL A 45 -20.91 -44.35 -14.00
CA VAL A 45 -20.43 -43.00 -13.79
C VAL A 45 -20.32 -42.29 -15.12
N SER A 46 -19.83 -43.01 -16.10
CA SER A 46 -19.69 -42.48 -17.44
C SER A 46 -21.03 -42.01 -17.99
N ALA A 47 -22.10 -42.73 -17.67
CA ALA A 47 -23.45 -42.35 -18.12
C ALA A 47 -23.91 -41.02 -17.53
N VAL A 48 -23.64 -40.84 -16.25
CA VAL A 48 -23.90 -39.60 -15.56
C VAL A 48 -23.16 -38.45 -16.21
N LEU A 49 -21.90 -38.68 -16.53
CA LEU A 49 -21.05 -37.63 -17.10
C LEU A 49 -21.49 -37.21 -18.49
N SER A 50 -22.10 -38.12 -19.22
CA SER A 50 -22.55 -37.81 -20.56
C SER A 50 -23.98 -37.26 -20.57
N SER A 51 -24.59 -37.13 -19.40
CA SER A 51 -25.99 -36.75 -19.32
C SER A 51 -26.21 -35.23 -19.25
N GLY A 52 -25.22 -34.49 -18.80
CA GLY A 52 -25.37 -33.05 -18.66
C GLY A 52 -26.14 -32.73 -17.39
N ARG A 53 -26.46 -33.77 -16.63
CA ARG A 53 -27.17 -33.67 -15.38
C ARG A 53 -26.28 -34.18 -14.26
N LEU A 54 -25.67 -33.26 -13.52
CA LEU A 54 -24.70 -33.67 -12.51
C LEU A 54 -25.26 -33.53 -11.09
N GLU A 55 -26.19 -32.60 -10.91
CA GLU A 55 -26.79 -32.43 -9.59
C GLU A 55 -28.32 -32.51 -9.79
N HIS A 56 -29.04 -32.82 -8.72
CA HIS A 56 -30.52 -32.93 -8.75
C HIS A 56 -31.13 -33.88 -9.79
N GLY A 57 -30.44 -34.95 -10.16
CA GLY A 57 -30.92 -35.84 -11.20
C GLY A 57 -31.55 -37.09 -10.64
N PRO A 58 -32.05 -37.97 -11.52
CA PRO A 58 -32.77 -39.19 -11.12
C PRO A 58 -31.88 -40.30 -10.52
N THR A 59 -30.59 -40.29 -10.81
CA THR A 59 -29.71 -41.34 -10.31
C THR A 59 -29.66 -41.35 -8.79
N VAL A 60 -29.52 -40.18 -8.19
CA VAL A 60 -29.55 -40.07 -6.73
C VAL A 60 -30.87 -40.56 -6.15
N ALA A 61 -31.98 -40.22 -6.79
CA ALA A 61 -33.28 -40.71 -6.35
C ALA A 61 -33.36 -42.24 -6.45
N GLU A 62 -32.80 -42.80 -7.52
CA GLU A 62 -32.80 -44.26 -7.72
C GLU A 62 -32.00 -44.93 -6.61
N TYR A 63 -30.89 -44.32 -6.24
CA TYR A 63 -30.06 -44.78 -5.13
C TYR A 63 -30.81 -44.71 -3.78
N GLU A 64 -31.41 -43.56 -3.49
CA GLU A 64 -32.17 -43.39 -2.24
C GLU A 64 -33.26 -44.44 -2.09
N ALA A 65 -33.92 -44.78 -3.19
CA ALA A 65 -34.95 -45.80 -3.15
C ALA A 65 -34.36 -47.18 -2.84
N ALA A 66 -33.23 -47.49 -3.46
CA ALA A 66 -32.58 -48.79 -3.28
C ALA A 66 -32.11 -48.97 -1.85
N VAL A 67 -31.52 -47.92 -1.29
CA VAL A 67 -31.13 -47.95 0.11
C VAL A 67 -32.38 -48.18 0.97
N GLY A 68 -33.43 -47.42 0.67
CA GLY A 68 -34.67 -47.50 1.41
C GLY A 68 -35.25 -48.90 1.38
N SER A 69 -35.11 -49.53 0.22
CA SER A 69 -35.69 -50.85 0.00
C SER A 69 -34.96 -51.88 0.85
N ARG A 70 -33.66 -51.69 1.04
CA ARG A 70 -32.85 -52.60 1.84
C ARG A 70 -33.08 -52.42 3.31
N ILE A 71 -33.06 -51.16 3.74
CA ILE A 71 -33.22 -50.82 5.14
C ILE A 71 -34.65 -51.13 5.54
N GLY A 72 -35.57 -51.05 4.59
CA GLY A 72 -36.96 -51.33 4.91
C GLY A 72 -37.68 -50.10 5.40
N ASN A 73 -37.10 -48.93 5.12
CA ASN A 73 -37.66 -47.62 5.44
C ASN A 73 -37.42 -46.67 4.27
N PRO A 74 -38.49 -46.25 3.59
CA PRO A 74 -38.35 -45.46 2.36
C PRO A 74 -37.89 -44.01 2.58
N ARG A 75 -37.95 -43.51 3.81
CA ARG A 75 -37.63 -42.10 4.07
C ARG A 75 -36.13 -41.82 4.12
N VAL A 76 -35.49 -41.97 2.98
CA VAL A 76 -34.05 -41.81 2.88
C VAL A 76 -33.71 -40.50 2.18
N VAL A 77 -32.92 -39.67 2.85
CA VAL A 77 -32.45 -38.44 2.26
C VAL A 77 -30.94 -38.48 2.11
N SER A 78 -30.45 -38.62 0.88
CA SER A 78 -29.00 -38.63 0.65
C SER A 78 -28.39 -37.24 0.95
N VAL A 79 -27.11 -37.23 1.36
CA VAL A 79 -26.38 -35.98 1.66
C VAL A 79 -24.94 -36.16 1.21
N ASN A 80 -24.15 -35.08 1.19
CA ASN A 80 -22.83 -35.14 0.56
C ASN A 80 -21.74 -35.70 1.51
N CYS A 81 -22.11 -35.97 2.76
CA CYS A 81 -21.30 -36.76 3.72
C CYS A 81 -22.08 -37.04 5.00
N GLY A 82 -21.57 -37.95 5.82
CA GLY A 82 -22.21 -38.32 7.07
C GLY A 82 -22.29 -37.19 8.09
N THR A 83 -21.23 -36.41 8.17
CA THR A 83 -21.18 -35.29 9.10
C THR A 83 -22.29 -34.28 8.74
N ALA A 84 -22.49 -34.07 7.44
CA ALA A 84 -23.56 -33.19 6.98
C ALA A 84 -24.93 -33.81 7.35
N GLY A 85 -25.05 -35.13 7.28
CA GLY A 85 -26.26 -35.79 7.73
C GLY A 85 -26.55 -35.45 9.18
N LEU A 86 -25.50 -35.47 10.02
CA LEU A 86 -25.67 -35.13 11.43
C LEU A 86 -25.96 -33.66 11.60
N HIS A 87 -25.27 -32.81 10.84
CA HIS A 87 -25.50 -31.37 10.90
C HIS A 87 -26.98 -31.07 10.62
N LEU A 88 -27.48 -31.63 9.53
CA LEU A 88 -28.87 -31.51 9.13
C LEU A 88 -29.86 -32.09 10.17
N ALA A 89 -29.57 -33.27 10.69
CA ALA A 89 -30.49 -33.89 11.65
C ALA A 89 -30.60 -33.07 12.92
N LEU A 90 -29.46 -32.62 13.44
CA LEU A 90 -29.46 -31.86 14.68
C LEU A 90 -30.15 -30.49 14.56
N SER A 91 -30.24 -29.98 13.33
CA SER A 91 -30.90 -28.71 13.09
C SER A 91 -32.40 -28.80 13.46
N LEU A 92 -32.95 -30.02 13.47
CA LEU A 92 -34.33 -30.26 13.92
C LEU A 92 -34.48 -29.91 15.38
N ALA A 93 -33.43 -30.18 16.13
CA ALA A 93 -33.40 -29.91 17.56
C ALA A 93 -33.26 -28.42 17.81
N ALA A 94 -32.29 -27.82 17.12
CA ALA A 94 -32.01 -26.40 17.24
C ALA A 94 -33.13 -25.51 16.69
N ARG A 95 -33.66 -25.89 15.53
CA ARG A 95 -34.73 -25.16 14.86
C ARG A 95 -35.86 -26.11 14.51
N PRO A 96 -36.84 -26.26 15.43
CA PRO A 96 -37.90 -27.28 15.32
C PRO A 96 -38.81 -27.31 14.06
N GLY A 97 -39.34 -26.23 13.48
CA GLY A 97 -39.10 -24.84 13.82
C GLY A 97 -39.30 -24.02 12.55
N ALA A 98 -39.67 -22.75 12.70
CA ALA A 98 -39.82 -21.86 11.56
C ALA A 98 -39.56 -20.42 11.95
N PRO A 106 -29.74 -21.86 24.54
CA PRO A 106 -29.99 -22.52 25.83
C PRO A 106 -29.84 -24.06 25.78
N GLY A 107 -30.00 -24.62 24.58
CA GLY A 107 -30.02 -26.06 24.32
C GLY A 107 -28.78 -26.95 24.45
N GLU A 108 -28.98 -28.18 24.92
CA GLU A 108 -27.90 -29.15 25.04
C GLU A 108 -28.13 -30.43 24.26
N VAL A 109 -27.04 -31.12 23.95
CA VAL A 109 -27.07 -32.44 23.33
C VAL A 109 -26.20 -33.39 24.13
N LEU A 110 -26.80 -34.50 24.55
CA LEU A 110 -26.09 -35.55 25.26
C LEU A 110 -25.52 -36.50 24.22
N THR A 111 -24.22 -36.76 24.31
CA THR A 111 -23.54 -37.54 23.28
C THR A 111 -22.35 -38.28 23.84
N THR A 112 -21.79 -39.19 23.04
CA THR A 112 -20.61 -39.92 23.49
C THR A 112 -19.34 -39.33 22.92
N PRO A 113 -18.28 -39.28 23.74
CA PRO A 113 -17.00 -38.75 23.28
C PRO A 113 -16.13 -39.80 22.58
N LEU A 114 -16.50 -41.08 22.71
CA LEU A 114 -15.78 -42.14 22.02
C LEU A 114 -16.38 -42.34 20.64
N THR A 115 -15.84 -41.60 19.69
CA THR A 115 -16.39 -41.58 18.35
C THR A 115 -15.54 -40.66 17.50
N PHE A 116 -15.84 -40.63 16.20
CA PHE A 116 -15.21 -39.66 15.30
C PHE A 116 -15.73 -38.27 15.61
N GLU A 117 -14.86 -37.26 15.51
CA GLU A 117 -15.26 -35.88 15.79
C GLU A 117 -16.45 -35.40 14.93
N GLY A 118 -16.61 -35.96 13.74
CA GLY A 118 -17.74 -35.60 12.88
C GLY A 118 -19.08 -35.86 13.55
N THR A 119 -19.07 -36.73 14.54
CA THR A 119 -20.27 -36.99 15.31
C THR A 119 -20.67 -35.77 16.12
N ASN A 120 -19.70 -35.08 16.69
CA ASN A 120 -20.01 -34.12 17.73
C ASN A 120 -19.91 -32.63 17.32
N TRP A 121 -19.02 -32.30 16.40
CA TRP A 121 -18.90 -30.90 16.02
C TRP A 121 -20.17 -30.32 15.40
N PRO A 122 -20.97 -31.14 14.68
CA PRO A 122 -22.29 -30.64 14.27
C PRO A 122 -23.17 -30.18 15.42
N ILE A 123 -22.94 -30.70 16.63
CA ILE A 123 -23.66 -30.17 17.76
C ILE A 123 -23.31 -28.71 17.90
N LEU A 124 -22.02 -28.39 17.81
CA LEU A 124 -21.58 -27.00 17.99
C LEU A 124 -21.96 -26.10 16.81
N ALA A 125 -21.93 -26.63 15.59
CA ALA A 125 -22.29 -25.86 14.40
C ALA A 125 -23.76 -25.43 14.47
N ASN A 126 -24.58 -26.22 15.13
CA ASN A 126 -25.99 -25.89 15.32
C ASN A 126 -26.20 -25.01 16.54
N GLY A 127 -25.12 -24.56 17.19
CA GLY A 127 -25.25 -23.64 18.30
C GLY A 127 -25.78 -24.24 19.60
N LEU A 128 -25.66 -25.55 19.74
CA LEU A 128 -26.08 -26.23 20.95
C LEU A 128 -24.86 -26.58 21.82
N ARG A 129 -25.08 -26.76 23.12
CA ARG A 129 -24.06 -27.20 24.07
C ARG A 129 -23.88 -28.72 24.04
N ILE A 130 -22.64 -29.18 24.16
CA ILE A 130 -22.33 -30.59 24.35
C ILE A 130 -22.32 -30.96 25.85
N ARG A 131 -23.05 -32.02 26.23
CA ARG A 131 -22.83 -32.68 27.53
C ARG A 131 -22.45 -34.15 27.30
N TRP A 132 -21.33 -34.55 27.88
CA TRP A 132 -20.81 -35.89 27.63
C TRP A 132 -21.50 -36.93 28.47
N VAL A 133 -21.84 -38.03 27.83
CA VAL A 133 -22.32 -39.17 28.56
C VAL A 133 -21.19 -40.20 28.57
N ASP A 134 -21.03 -40.88 29.70
CA ASP A 134 -19.96 -41.87 29.85
C ASP A 134 -20.18 -43.00 28.86
N VAL A 135 -19.15 -43.79 28.69
CA VAL A 135 -19.15 -44.92 27.79
C VAL A 135 -19.22 -46.20 28.61
N ASP A 136 -19.99 -47.15 28.12
CA ASP A 136 -19.99 -48.50 28.65
C ASP A 136 -18.74 -49.25 28.15
N PRO A 137 -17.84 -49.59 29.07
CA PRO A 137 -16.55 -50.20 28.73
C PRO A 137 -16.64 -51.58 28.07
N ALA A 138 -17.82 -52.20 28.08
CA ALA A 138 -17.99 -53.51 27.45
C ALA A 138 -18.36 -53.40 25.99
N THR A 139 -19.05 -52.31 25.62
CA THR A 139 -19.54 -52.13 24.24
C THR A 139 -18.83 -51.00 23.48
N LEU A 140 -18.13 -50.14 24.22
CA LEU A 140 -17.54 -48.92 23.70
C LEU A 140 -18.62 -47.93 23.27
N ASN A 141 -19.89 -48.27 23.55
CA ASN A 141 -21.00 -47.34 23.27
C ASN A 141 -21.46 -46.60 24.53
N MET A 142 -22.44 -45.72 24.38
CA MET A 142 -22.90 -44.87 25.48
C MET A 142 -23.43 -45.66 26.65
N ASP A 143 -23.05 -45.24 27.85
CA ASP A 143 -23.60 -45.78 29.08
C ASP A 143 -25.03 -45.29 29.24
N LEU A 144 -25.99 -46.17 29.01
CA LEU A 144 -27.39 -45.74 29.01
C LEU A 144 -27.92 -45.38 30.40
N ASP A 145 -27.25 -45.87 31.43
CA ASP A 145 -27.62 -45.52 32.80
C ASP A 145 -27.06 -44.15 33.14
N ASP A 146 -25.87 -43.83 32.63
CA ASP A 146 -25.34 -42.48 32.80
C ASP A 146 -26.19 -41.47 32.03
N LEU A 147 -26.67 -41.89 30.86
CA LEU A 147 -27.58 -41.09 30.05
C LEU A 147 -28.84 -40.74 30.83
N ALA A 148 -29.42 -41.75 31.45
CA ALA A 148 -30.65 -41.57 32.21
C ALA A 148 -30.53 -40.47 33.27
N ALA A 149 -29.37 -40.41 33.92
CA ALA A 149 -29.13 -39.44 35.00
C ALA A 149 -28.95 -38.01 34.46
N LYS A 150 -28.45 -37.89 33.23
CA LYS A 150 -28.08 -36.57 32.71
C LYS A 150 -29.17 -35.93 31.85
N ILE A 151 -30.23 -36.66 31.56
CA ILE A 151 -31.32 -36.10 30.77
C ILE A 151 -31.98 -35.03 31.60
N SER A 152 -32.24 -33.92 30.95
CA SER A 152 -32.66 -32.69 31.59
C SER A 152 -33.70 -32.01 30.69
N PRO A 153 -34.47 -31.06 31.25
CA PRO A 153 -35.34 -30.23 30.40
C PRO A 153 -34.54 -29.47 29.32
N ALA A 154 -33.22 -29.36 29.52
CA ALA A 154 -32.34 -28.67 28.59
C ALA A 154 -31.87 -29.55 27.43
N THR A 155 -32.10 -30.86 27.52
CA THR A 155 -31.68 -31.77 26.46
C THR A 155 -32.55 -31.59 25.23
N ARG A 156 -31.99 -31.07 24.14
CA ARG A 156 -32.77 -30.93 22.91
C ARG A 156 -32.65 -32.21 22.11
N ALA A 157 -31.52 -32.87 22.25
CA ALA A 157 -31.27 -34.08 21.48
C ALA A 157 -30.28 -35.01 22.17
N ILE A 158 -30.36 -36.29 21.82
CA ILE A 158 -29.45 -37.32 22.30
C ILE A 158 -28.81 -38.00 21.10
N VAL A 159 -27.49 -38.07 21.09
CA VAL A 159 -26.78 -38.77 20.00
C VAL A 159 -26.06 -40.02 20.49
N VAL A 160 -26.45 -41.19 19.98
CA VAL A 160 -25.73 -42.43 20.25
C VAL A 160 -24.96 -42.90 18.99
N VAL A 161 -23.76 -43.43 19.20
CA VAL A 161 -22.98 -44.00 18.12
C VAL A 161 -22.92 -45.51 18.22
N HIS A 162 -23.25 -46.18 17.13
CA HIS A 162 -23.03 -47.63 17.04
C HIS A 162 -21.58 -47.87 16.67
N TRP A 163 -20.68 -47.74 17.64
CA TRP A 163 -19.25 -47.85 17.36
C TRP A 163 -18.91 -49.18 16.69
N LEU A 164 -18.17 -49.09 15.59
CA LEU A 164 -17.73 -50.22 14.75
C LEU A 164 -18.88 -51.01 14.15
N GLY A 165 -20.10 -50.48 14.24
CA GLY A 165 -21.27 -51.19 13.75
C GLY A 165 -21.85 -52.17 14.75
N TYR A 166 -21.46 -52.04 16.01
CA TYR A 166 -22.09 -52.82 17.07
C TYR A 166 -23.26 -52.01 17.62
N PRO A 167 -24.47 -52.52 17.43
CA PRO A 167 -25.68 -51.77 17.79
C PRO A 167 -25.85 -51.45 19.28
N VAL A 168 -26.09 -50.18 19.56
CA VAL A 168 -26.60 -49.75 20.86
C VAL A 168 -27.88 -50.52 21.21
N ASP A 169 -28.10 -50.81 22.48
CA ASP A 169 -29.38 -51.41 22.87
C ASP A 169 -30.49 -50.39 22.72
N LEU A 170 -31.14 -50.36 21.55
CA LEU A 170 -32.07 -49.28 21.27
C LEU A 170 -33.34 -49.38 22.13
N ASN A 171 -33.73 -50.60 22.44
CA ASN A 171 -34.88 -50.84 23.31
C ASN A 171 -34.71 -50.15 24.67
N ARG A 172 -33.51 -50.29 25.21
CA ARG A 172 -33.19 -49.67 26.49
C ARG A 172 -33.12 -48.16 26.33
N LEU A 173 -32.49 -47.71 25.26
CA LEU A 173 -32.35 -46.28 24.98
C LEU A 173 -33.72 -45.62 24.97
N ARG A 174 -34.67 -46.29 24.31
CA ARG A 174 -36.03 -45.79 24.20
C ARG A 174 -36.70 -45.76 25.56
N ALA A 175 -36.55 -46.83 26.33
CA ALA A 175 -37.15 -46.88 27.66
C ALA A 175 -36.56 -45.83 28.58
N VAL A 176 -35.25 -45.64 28.48
CA VAL A 176 -34.56 -44.67 29.32
C VAL A 176 -35.00 -43.26 28.93
N VAL A 177 -35.04 -42.98 27.63
CA VAL A 177 -35.49 -41.66 27.20
C VAL A 177 -36.93 -41.41 27.61
N ASP A 178 -37.77 -42.43 27.45
CA ASP A 178 -39.19 -42.31 27.76
C ASP A 178 -39.44 -42.09 29.25
N ARG A 179 -38.69 -42.77 30.11
CA ARG A 179 -38.83 -42.60 31.57
C ARG A 179 -38.31 -41.24 32.03
N ALA A 180 -37.15 -40.82 31.53
CA ALA A 180 -36.52 -39.56 31.95
C ALA A 180 -37.35 -38.32 31.54
N THR A 181 -38.04 -38.41 30.41
CA THR A 181 -38.72 -37.25 29.86
C THR A 181 -40.25 -37.33 29.96
N ALA A 182 -40.74 -37.97 31.01
CA ALA A 182 -42.18 -38.21 31.17
C ALA A 182 -43.02 -36.94 31.13
N GLY A 183 -42.69 -35.94 31.95
CA GLY A 183 -43.50 -34.73 31.98
C GLY A 183 -43.16 -33.65 30.96
N TYR A 184 -42.03 -33.82 30.29
CA TYR A 184 -41.33 -32.75 29.57
C TYR A 184 -42.07 -31.95 28.49
N ASP A 185 -43.24 -32.40 28.07
CA ASP A 185 -44.06 -31.69 27.06
C ASP A 185 -43.42 -31.64 25.66
N ARG A 186 -42.12 -31.91 25.55
CA ARG A 186 -41.59 -32.39 24.28
C ARG A 186 -40.39 -33.30 24.49
N ARG A 187 -40.47 -34.47 23.88
CA ARG A 187 -39.40 -35.46 23.91
C ARG A 187 -38.19 -34.98 23.13
N PRO A 188 -36.99 -35.09 23.72
CA PRO A 188 -35.80 -34.70 22.96
C PRO A 188 -35.64 -35.54 21.72
N LEU A 189 -34.93 -34.99 20.75
CA LEU A 189 -34.65 -35.68 19.50
C LEU A 189 -33.65 -36.81 19.72
N VAL A 190 -33.96 -38.00 19.25
CA VAL A 190 -33.01 -39.12 19.36
C VAL A 190 -32.36 -39.39 18.00
N VAL A 191 -31.05 -39.19 17.92
CA VAL A 191 -30.28 -39.37 16.68
C VAL A 191 -29.27 -40.51 16.81
N GLU A 192 -29.36 -41.51 15.93
CA GLU A 192 -28.38 -42.60 15.86
C GLU A 192 -27.29 -42.38 14.81
N ASP A 193 -26.04 -42.26 15.23
CA ASP A 193 -24.94 -42.22 14.25
C ASP A 193 -24.59 -43.63 13.75
N CYS A 194 -25.05 -43.96 12.54
CA CYS A 194 -24.86 -45.28 11.96
C CYS A 194 -23.75 -45.29 10.92
N ALA A 195 -22.80 -44.36 11.03
CA ALA A 195 -21.77 -44.17 10.02
C ALA A 195 -20.98 -45.43 9.69
N GLN A 196 -20.69 -46.25 10.70
CA GLN A 196 -19.90 -47.45 10.47
C GLN A 196 -20.78 -48.68 10.46
N ALA A 197 -22.09 -48.46 10.44
CA ALA A 197 -23.03 -49.54 10.76
C ALA A 197 -23.82 -50.05 9.58
N TRP A 198 -23.40 -49.76 8.37
CA TRP A 198 -24.12 -50.30 7.22
C TRP A 198 -24.18 -51.82 7.33
N GLY A 199 -25.38 -52.39 7.24
CA GLY A 199 -25.51 -53.83 7.27
C GLY A 199 -25.83 -54.32 8.67
N ALA A 200 -25.52 -53.49 9.67
CA ALA A 200 -25.76 -53.91 11.04
C ALA A 200 -27.26 -54.13 11.23
N THR A 201 -27.59 -55.10 12.08
CA THR A 201 -28.96 -55.47 12.33
C THR A 201 -29.20 -55.48 13.84
N TYR A 202 -30.39 -55.05 14.27
CA TYR A 202 -30.73 -55.06 15.68
C TYR A 202 -32.12 -55.62 15.96
N ARG A 203 -32.18 -56.63 16.79
CA ARG A 203 -33.42 -57.33 17.06
C ARG A 203 -34.07 -57.82 15.79
N GLY A 204 -33.25 -58.24 14.84
CA GLY A 204 -33.75 -58.85 13.62
C GLY A 204 -34.04 -57.88 12.49
N ALA A 205 -33.99 -56.58 12.77
CA ALA A 205 -34.29 -55.56 11.74
C ALA A 205 -33.12 -54.61 11.56
N PRO A 206 -32.91 -54.15 10.33
CA PRO A 206 -31.82 -53.20 10.07
C PRO A 206 -31.92 -51.88 10.81
N LEU A 207 -30.78 -51.29 11.09
CA LEU A 207 -30.76 -50.01 11.74
C LEU A 207 -31.39 -49.02 10.78
N GLY A 208 -32.22 -48.13 11.33
CA GLY A 208 -33.01 -47.22 10.53
C GLY A 208 -34.50 -47.53 10.66
N THR A 209 -34.81 -48.61 11.36
CA THR A 209 -36.21 -49.03 11.51
C THR A 209 -36.76 -48.96 12.94
N HIS A 210 -36.03 -48.30 13.84
CA HIS A 210 -36.41 -48.36 15.25
C HIS A 210 -36.97 -47.04 15.79
N GLY A 211 -37.44 -46.18 14.89
CA GLY A 211 -38.14 -44.97 15.30
C GLY A 211 -37.30 -43.75 15.65
N ASN A 212 -36.01 -43.82 15.40
CA ASN A 212 -35.13 -42.68 15.65
C ASN A 212 -34.66 -42.13 14.32
N VAL A 213 -34.10 -40.93 14.35
CA VAL A 213 -33.41 -40.39 13.18
C VAL A 213 -32.05 -41.03 13.08
N CYS A 214 -31.75 -41.67 11.95
CA CYS A 214 -30.45 -42.37 11.76
C CYS A 214 -29.61 -41.75 10.62
N VAL A 215 -28.34 -41.49 10.91
CA VAL A 215 -27.42 -40.95 9.90
C VAL A 215 -26.35 -41.96 9.54
N TYR A 216 -26.20 -42.23 8.25
CA TYR A 216 -25.21 -43.17 7.71
C TYR A 216 -24.13 -42.42 6.95
N SER A 217 -22.94 -42.99 6.89
CA SER A 217 -21.90 -42.45 6.01
C SER A 217 -21.60 -43.41 4.88
N THR A 218 -21.35 -42.85 3.69
CA THR A 218 -20.86 -43.65 2.58
C THR A 218 -19.54 -43.07 2.08
N GLY A 219 -18.75 -42.55 3.03
CA GLY A 219 -17.40 -42.05 2.74
C GLY A 219 -16.44 -43.14 2.26
N ALA A 220 -15.24 -42.72 1.89
CA ALA A 220 -14.28 -43.57 1.15
C ALA A 220 -14.06 -45.00 1.68
N ILE A 221 -13.87 -45.14 2.99
CA ILE A 221 -13.53 -46.46 3.55
C ILE A 221 -14.67 -47.09 4.36
N1 LLP A 222 -19.30 -40.78 12.69
C2 LLP A 222 -18.57 -41.90 12.64
C2' LLP A 222 -18.63 -42.90 13.83
C3 LLP A 222 -17.77 -42.18 11.50
O3 LLP A 222 -17.03 -43.36 11.47
C4 LLP A 222 -17.70 -41.31 10.43
C4' LLP A 222 -16.77 -41.78 9.18
C5 LLP A 222 -18.46 -40.15 10.48
C6 LLP A 222 -19.24 -39.89 11.62
C5' LLP A 222 -18.53 -39.02 9.42
OP4 LLP A 222 -18.92 -39.41 8.14
P LLP A 222 -18.38 -38.56 6.97
OP1 LLP A 222 -18.73 -37.14 7.15
OP2 LLP A 222 -19.02 -39.06 5.77
OP3 LLP A 222 -16.85 -38.63 6.87
N LLP A 222 -15.87 -46.50 4.32
CA LLP A 222 -17.06 -47.20 4.86
CB LLP A 222 -18.23 -46.30 5.22
CG LLP A 222 -17.77 -44.99 5.90
CD LLP A 222 -17.36 -45.13 7.39
CE LLP A 222 -16.54 -43.90 7.87
NZ LLP A 222 -17.39 -42.96 8.62
C LLP A 222 -17.38 -48.27 3.86
O LLP A 222 -17.01 -48.18 2.70
N ILE A 223 -18.05 -49.33 4.31
CA ILE A 223 -18.07 -50.56 3.53
C ILE A 223 -18.91 -50.38 2.28
N LEU A 224 -19.95 -49.56 2.39
CA LEU A 224 -20.67 -49.11 1.22
C LEU A 224 -20.27 -47.69 0.94
N THR A 225 -19.60 -47.43 -0.19
CA THR A 225 -19.14 -46.05 -0.46
C THR A 225 -19.77 -45.39 -1.69
N THR A 226 -19.93 -44.07 -1.62
CA THR A 226 -20.32 -43.27 -2.80
C THR A 226 -19.19 -42.35 -3.23
N GLY A 227 -17.97 -42.65 -2.79
CA GLY A 227 -16.85 -41.75 -2.94
C GLY A 227 -16.88 -40.84 -1.72
N SER A 228 -17.78 -39.86 -1.76
CA SER A 228 -18.14 -39.14 -0.55
C SER A 228 -19.64 -39.23 -0.45
N GLY A 229 -20.17 -39.13 0.75
CA GLY A 229 -21.61 -39.16 0.91
C GLY A 229 -22.13 -39.77 2.19
N GLY A 230 -23.45 -39.66 2.32
CA GLY A 230 -24.15 -40.24 3.43
C GLY A 230 -25.63 -40.20 3.14
N PHE A 231 -26.41 -40.59 4.12
CA PHE A 231 -27.85 -40.38 4.03
C PHE A 231 -28.44 -40.39 5.42
N VAL A 232 -29.61 -39.78 5.55
CA VAL A 232 -30.36 -39.73 6.78
C VAL A 232 -31.64 -40.54 6.62
N VAL A 233 -31.96 -41.36 7.64
CA VAL A 233 -33.20 -42.15 7.64
C VAL A 233 -34.17 -41.60 8.69
N LEU A 234 -35.40 -41.32 8.28
CA LEU A 234 -36.34 -40.68 9.18
C LEU A 234 -37.45 -41.64 9.59
N PRO A 235 -37.93 -41.49 10.83
CA PRO A 235 -39.00 -42.35 11.36
C PRO A 235 -40.39 -41.95 10.92
N ASP A 236 -40.59 -40.73 10.42
CA ASP A 236 -41.92 -40.34 9.90
C ASP A 236 -41.88 -39.31 8.76
N ASP A 237 -43.03 -39.09 8.16
CA ASP A 237 -43.11 -38.24 6.98
C ASP A 237 -42.86 -36.75 7.26
N ASP A 238 -43.20 -36.25 8.45
CA ASP A 238 -42.95 -34.83 8.74
C ASP A 238 -41.46 -34.56 8.75
N LEU A 239 -40.72 -35.41 9.45
CA LEU A 239 -39.29 -35.21 9.54
C LEU A 239 -38.64 -35.42 8.16
N TYR A 240 -39.14 -36.38 7.38
CA TYR A 240 -38.62 -36.64 6.05
C TYR A 240 -38.81 -35.41 5.14
N ASP A 241 -40.02 -34.85 5.13
CA ASP A 241 -40.28 -33.66 4.32
C ASP A 241 -39.36 -32.53 4.76
N ARG A 242 -39.27 -32.31 6.06
CA ARG A 242 -38.49 -31.20 6.59
C ARG A 242 -37.00 -31.27 6.25
N LEU A 243 -36.42 -32.46 6.31
CA LEU A 243 -35.00 -32.60 6.08
C LEU A 243 -34.68 -32.48 4.62
N ARG A 244 -35.59 -32.95 3.78
CA ARG A 244 -35.41 -32.88 2.34
C ARG A 244 -35.38 -31.39 1.95
N LEU A 245 -36.22 -30.62 2.64
CA LEU A 245 -36.29 -29.18 2.47
C LEU A 245 -34.99 -28.50 2.85
N ARG A 246 -34.51 -28.75 4.06
CA ARG A 246 -33.32 -28.07 4.54
C ARG A 246 -32.07 -28.57 3.84
N ARG A 247 -32.22 -29.66 3.10
CA ARG A 247 -31.10 -30.20 2.37
C ARG A 247 -30.68 -29.27 1.23
N TRP A 248 -31.64 -28.55 0.67
CA TRP A 248 -31.40 -27.65 -0.45
C TRP A 248 -31.96 -26.24 -0.13
N LEU A 249 -31.31 -25.59 0.83
CA LEU A 249 -31.55 -24.17 1.14
C LEU A 249 -32.97 -23.76 1.53
N GLY A 250 -33.85 -24.71 1.81
CA GLY A 250 -35.20 -24.37 2.20
C GLY A 250 -36.04 -23.94 1.00
N ILE A 251 -35.59 -24.34 -0.18
CA ILE A 251 -36.26 -24.02 -1.43
C ILE A 251 -37.11 -25.21 -1.84
N GLU A 252 -38.41 -24.97 -1.96
CA GLU A 252 -39.35 -25.97 -2.46
C GLU A 252 -38.94 -26.28 -3.89
N ARG A 253 -38.51 -27.50 -4.18
CA ARG A 253 -37.96 -27.75 -5.50
C ARG A 253 -39.03 -27.93 -6.58
N ALA A 254 -40.29 -28.03 -6.18
CA ALA A 254 -41.38 -28.16 -7.15
C ALA A 254 -41.81 -26.77 -7.60
N SER A 255 -41.12 -25.75 -7.07
CA SER A 255 -41.42 -24.34 -7.36
C SER A 255 -40.70 -23.78 -8.59
N ASP A 256 -41.32 -22.76 -9.18
CA ASP A 256 -40.83 -22.06 -10.36
C ASP A 256 -39.79 -20.99 -10.02
N ARG A 257 -38.51 -21.35 -10.06
CA ARG A 257 -37.44 -20.40 -9.74
C ARG A 257 -36.88 -19.62 -10.96
N ILE A 258 -37.42 -19.88 -12.15
CA ILE A 258 -37.00 -19.19 -13.38
C ILE A 258 -37.61 -17.79 -13.50
N THR A 259 -38.82 -17.64 -12.96
CA THR A 259 -39.48 -16.34 -12.85
C THR A 259 -39.46 -15.83 -11.39
N GLY A 260 -38.88 -16.63 -10.50
CA GLY A 260 -38.76 -16.27 -9.09
C GLY A 260 -39.98 -16.40 -8.17
N ASP A 261 -40.95 -17.22 -8.56
CA ASP A 261 -42.16 -17.38 -7.76
C ASP A 261 -42.02 -18.51 -6.75
N TYR A 262 -41.21 -18.27 -5.70
CA TYR A 262 -41.02 -19.24 -4.62
C TYR A 262 -40.69 -18.53 -3.31
N ASP A 263 -40.89 -19.20 -2.18
CA ASP A 263 -40.60 -18.62 -0.86
C ASP A 263 -39.76 -19.55 -0.02
N VAL A 264 -38.92 -18.99 0.85
CA VAL A 264 -38.16 -19.80 1.79
C VAL A 264 -38.61 -19.50 3.19
N ALA A 265 -39.26 -20.47 3.83
CA ALA A 265 -39.77 -20.26 5.19
C ALA A 265 -38.77 -20.74 6.24
N GLU A 266 -38.01 -21.77 5.90
CA GLU A 266 -36.98 -22.31 6.79
C GLU A 266 -35.68 -22.37 6.04
N TRP A 267 -34.74 -21.50 6.41
CA TRP A 267 -33.49 -21.43 5.68
C TRP A 267 -32.79 -22.80 5.79
N GLY A 268 -31.98 -23.15 4.80
CA GLY A 268 -31.38 -24.46 4.76
C GLY A 268 -29.91 -24.45 4.41
N TYR A 269 -29.43 -25.62 4.01
CA TYR A 269 -28.01 -25.84 3.78
C TYR A 269 -27.87 -26.30 2.34
N ARG A 270 -26.65 -26.68 1.98
CA ARG A 270 -26.36 -27.13 0.63
C ARG A 270 -25.62 -28.45 0.78
N PHE A 271 -26.40 -29.51 0.96
CA PHE A 271 -25.93 -30.80 1.42
C PHE A 271 -26.24 -31.93 0.44
N ILE A 272 -26.73 -31.61 -0.75
CA ILE A 272 -27.16 -32.65 -1.69
C ILE A 272 -25.99 -33.53 -2.13
N LEU A 273 -26.31 -34.80 -2.42
CA LEU A 273 -25.38 -35.75 -3.01
C LEU A 273 -25.52 -35.67 -4.51
N ASN A 274 -24.43 -35.71 -5.26
CA ASN A 274 -24.59 -35.50 -6.70
C ASN A 274 -24.72 -36.81 -7.46
N GLU A 275 -24.99 -36.70 -8.76
CA GLU A 275 -25.29 -37.86 -9.57
C GLU A 275 -24.14 -38.85 -9.62
N ILE A 276 -22.94 -38.35 -9.44
CA ILE A 276 -21.78 -39.22 -9.47
C ILE A 276 -21.76 -40.08 -8.21
N GLY A 277 -22.08 -39.49 -7.08
CA GLY A 277 -22.21 -40.24 -5.85
C GLY A 277 -23.29 -41.30 -5.95
N GLY A 278 -24.47 -40.90 -6.44
CA GLY A 278 -25.55 -41.83 -6.60
C GLY A 278 -25.17 -42.98 -7.50
N ALA A 279 -24.46 -42.70 -8.59
CA ALA A 279 -24.06 -43.74 -9.52
C ALA A 279 -23.15 -44.79 -8.87
N ILE A 280 -22.13 -44.31 -8.15
CA ILE A 280 -21.18 -45.16 -7.43
C ILE A 280 -21.90 -46.00 -6.38
N GLY A 281 -22.79 -45.36 -5.63
CA GLY A 281 -23.61 -46.04 -4.64
C GLY A 281 -24.44 -47.18 -5.20
N LEU A 282 -25.06 -46.97 -6.36
CA LEU A 282 -25.86 -48.00 -7.00
C LEU A 282 -25.01 -49.22 -7.40
N SER A 283 -23.81 -48.96 -7.93
CA SER A 283 -22.87 -50.03 -8.27
C SER A 283 -22.46 -50.83 -7.06
N ASN A 284 -22.08 -50.11 -6.02
CA ASN A 284 -21.50 -50.78 -4.87
C ASN A 284 -22.54 -51.49 -4.05
N LEU A 285 -23.81 -51.09 -4.20
CA LEU A 285 -24.87 -51.81 -3.51
C LEU A 285 -24.94 -53.26 -3.97
N GLU A 286 -24.56 -53.50 -5.22
CA GLU A 286 -24.58 -54.85 -5.79
C GLU A 286 -23.53 -55.76 -5.18
N ARG A 287 -22.51 -55.20 -4.54
CA ARG A 287 -21.42 -56.03 -4.06
C ARG A 287 -21.28 -56.03 -2.53
N VAL A 288 -22.01 -55.15 -1.87
CA VAL A 288 -21.69 -54.89 -0.48
C VAL A 288 -22.09 -56.07 0.42
N ASP A 289 -23.12 -56.84 0.03
CA ASP A 289 -23.56 -57.95 0.87
C ASP A 289 -22.45 -58.97 1.06
N GLU A 290 -21.75 -59.30 -0.03
CA GLU A 290 -20.64 -60.23 0.06
C GLU A 290 -19.50 -59.64 0.89
N LEU A 291 -19.25 -58.34 0.76
CA LEU A 291 -18.18 -57.72 1.55
C LEU A 291 -18.52 -57.76 3.04
N LEU A 292 -19.77 -57.50 3.36
CA LEU A 292 -20.22 -57.53 4.75
C LEU A 292 -20.14 -58.94 5.33
N ARG A 293 -20.48 -59.94 4.52
CA ARG A 293 -20.43 -61.33 4.96
C ARG A 293 -19.00 -61.70 5.33
N ARG A 294 -18.03 -61.19 4.58
CA ARG A 294 -16.63 -61.48 4.87
C ARG A 294 -16.17 -60.80 6.17
N HIS A 295 -16.59 -59.54 6.40
CA HIS A 295 -16.33 -58.86 7.66
C HIS A 295 -16.78 -59.75 8.85
N ARG A 296 -18.03 -60.23 8.79
CA ARG A 296 -18.59 -60.98 9.90
C ARG A 296 -17.92 -62.32 10.10
N GLU A 297 -17.56 -62.96 8.99
CA GLU A 297 -16.90 -64.26 9.04
C GLU A 297 -15.53 -64.12 9.69
N ASN A 298 -14.80 -63.05 9.35
CA ASN A 298 -13.51 -62.79 9.94
C ASN A 298 -13.68 -62.45 11.43
N ALA A 299 -14.73 -61.70 11.78
CA ALA A 299 -14.97 -61.36 13.19
C ALA A 299 -15.28 -62.59 14.06
N ALA A 300 -16.11 -63.50 13.54
CA ALA A 300 -16.45 -64.72 14.26
C ALA A 300 -15.20 -65.57 14.49
N PHE A 301 -14.30 -65.54 13.50
CA PHE A 301 -13.03 -66.22 13.58
C PHE A 301 -12.20 -65.69 14.75
N TYR A 302 -12.08 -64.37 14.84
CA TYR A 302 -11.35 -63.73 15.94
C TYR A 302 -12.00 -64.04 17.30
N ASP A 303 -13.33 -63.92 17.38
CA ASP A 303 -14.06 -64.16 18.62
C ASP A 303 -13.68 -65.50 19.22
N LYS A 304 -13.55 -66.50 18.37
CA LYS A 304 -13.17 -67.84 18.77
C LYS A 304 -11.67 -67.88 19.11
N GLU A 305 -10.86 -67.40 18.19
CA GLU A 305 -9.40 -67.54 18.26
C GLU A 305 -8.70 -66.59 19.23
N LEU A 306 -9.29 -65.42 19.50
CA LEU A 306 -8.66 -64.48 20.40
C LEU A 306 -9.16 -64.62 21.83
N ALA A 307 -10.03 -65.59 22.07
CA ALA A 307 -10.58 -65.76 23.41
C ALA A 307 -9.57 -66.42 24.31
N GLY A 308 -9.47 -65.91 25.53
CA GLY A 308 -8.56 -66.50 26.49
C GLY A 308 -7.10 -66.14 26.33
N ILE A 309 -6.80 -65.12 25.54
CA ILE A 309 -5.41 -64.63 25.47
C ILE A 309 -5.19 -63.62 26.58
N ASP A 310 -4.17 -63.86 27.40
CA ASP A 310 -3.96 -62.96 28.51
C ASP A 310 -3.59 -61.57 28.01
N GLY A 311 -4.28 -60.56 28.52
CA GLY A 311 -4.02 -59.19 28.12
C GLY A 311 -4.88 -58.70 26.97
N VAL A 312 -5.79 -59.55 26.52
CA VAL A 312 -6.69 -59.23 25.42
C VAL A 312 -8.12 -59.39 25.90
N GLU A 313 -8.84 -58.29 26.03
CA GLU A 313 -10.24 -58.37 26.41
C GLU A 313 -11.10 -58.00 25.22
N GLN A 314 -12.08 -58.84 24.92
CA GLN A 314 -12.94 -58.59 23.76
C GLN A 314 -14.17 -57.81 24.22
N THR A 315 -14.93 -57.33 23.25
CA THR A 315 -16.14 -56.55 23.46
C THR A 315 -17.34 -57.49 23.67
N GLU A 316 -18.33 -57.01 24.43
CA GLU A 316 -19.60 -57.72 24.63
C GLU A 316 -20.25 -58.20 23.31
N ARG A 317 -20.93 -59.35 23.34
CA ARG A 317 -21.66 -59.84 22.18
C ARG A 317 -23.05 -60.33 22.56
N ALA A 318 -24.07 -59.65 22.09
CA ALA A 318 -25.42 -60.05 22.38
C ALA A 318 -26.02 -60.86 21.23
N ASP A 319 -26.91 -61.79 21.57
CA ASP A 319 -27.53 -62.69 20.60
C ASP A 319 -28.56 -61.98 19.76
N ASP A 320 -29.06 -60.86 20.27
CA ASP A 320 -30.24 -60.24 19.69
C ASP A 320 -29.84 -59.14 18.71
N ARG A 321 -28.61 -59.18 18.22
CA ARG A 321 -28.17 -58.21 17.23
C ARG A 321 -27.04 -58.80 16.42
N GLU A 322 -26.86 -58.29 15.21
CA GLU A 322 -25.85 -58.78 14.29
C GLU A 322 -24.93 -57.64 13.85
N PRO A 323 -23.79 -57.50 14.53
CA PRO A 323 -22.83 -56.41 14.32
C PRO A 323 -22.22 -56.42 12.93
N ALA A 324 -21.74 -55.27 12.49
CA ALA A 324 -21.16 -55.11 11.15
C ALA A 324 -19.66 -55.27 11.16
N PHE A 325 -19.05 -55.11 12.33
CA PHE A 325 -17.61 -55.27 12.48
C PHE A 325 -16.79 -54.55 11.42
N TRP A 326 -16.96 -53.24 11.33
CA TRP A 326 -16.20 -52.42 10.37
C TRP A 326 -14.71 -52.53 10.64
N MET A 327 -14.38 -52.53 11.94
CA MET A 327 -13.06 -52.89 12.44
C MET A 327 -13.29 -53.84 13.61
N TYR A 328 -12.26 -54.55 14.05
CA TYR A 328 -12.42 -55.44 15.19
C TYR A 328 -11.75 -54.81 16.44
N PRO A 329 -12.54 -54.62 17.51
CA PRO A 329 -12.11 -54.00 18.77
C PRO A 329 -11.46 -54.99 19.76
N LEU A 330 -10.43 -54.53 20.47
CA LEU A 330 -9.85 -55.25 21.59
C LEU A 330 -9.53 -54.24 22.70
N LYS A 331 -9.54 -54.68 23.96
CA LYS A 331 -8.94 -53.85 25.00
C LYS A 331 -7.70 -54.55 25.54
N VAL A 332 -6.54 -53.91 25.38
CA VAL A 332 -5.27 -54.58 25.64
C VAL A 332 -4.41 -53.85 26.67
N ARG A 333 -3.71 -54.60 27.50
CA ARG A 333 -2.65 -54.05 28.35
C ARG A 333 -1.52 -53.58 27.45
N ASP A 334 -0.82 -52.52 27.87
CA ASP A 334 0.36 -52.02 27.15
C ASP A 334 0.09 -51.80 25.65
N ARG A 335 -0.94 -51.04 25.33
CA ARG A 335 -1.31 -50.82 23.92
C ARG A 335 -0.16 -50.33 23.02
N PRO A 336 0.72 -49.43 23.51
CA PRO A 336 1.80 -49.03 22.60
C PRO A 336 2.71 -50.18 22.15
N ALA A 337 3.06 -51.08 23.07
CA ALA A 337 3.88 -52.23 22.71
C ALA A 337 3.06 -53.16 21.81
N PHE A 338 1.76 -53.25 22.05
CA PHE A 338 0.88 -54.08 21.22
C PHE A 338 0.87 -53.62 19.76
N MET A 339 0.58 -52.34 19.55
CA MET A 339 0.49 -51.77 18.20
C MET A 339 1.84 -51.88 17.53
N ARG A 340 2.89 -51.65 18.31
CA ARG A 340 4.24 -51.70 17.78
C ARG A 340 4.57 -53.11 17.28
N ARG A 341 4.22 -54.11 18.07
CA ARG A 341 4.48 -55.51 17.73
C ARG A 341 3.77 -55.90 16.44
N LEU A 342 2.48 -55.57 16.33
CA LEU A 342 1.71 -55.92 15.14
C LEU A 342 2.18 -55.15 13.92
N LEU A 343 2.72 -53.95 14.14
CA LEU A 343 3.22 -53.15 13.02
C LEU A 343 4.43 -53.83 12.39
N ASP A 344 5.28 -54.44 13.22
CA ASP A 344 6.45 -55.17 12.75
C ASP A 344 6.08 -56.40 11.93
N ALA A 345 4.90 -56.95 12.19
CA ALA A 345 4.41 -58.11 11.46
C ALA A 345 3.59 -57.67 10.23
N GLY A 346 3.54 -56.38 9.99
CA GLY A 346 2.85 -55.87 8.82
C GLY A 346 1.36 -55.76 9.00
N ILE A 347 0.95 -55.59 10.24
CA ILE A 347 -0.45 -55.48 10.56
C ILE A 347 -0.76 -54.06 11.02
N ALA A 348 -1.60 -53.38 10.26
CA ALA A 348 -2.00 -52.03 10.64
C ALA A 348 -2.97 -52.10 11.80
N THR A 349 -2.87 -51.12 12.68
CA THR A 349 -3.59 -51.10 13.94
C THR A 349 -3.84 -49.65 14.33
N SER A 350 -5.00 -49.31 14.91
CA SER A 350 -5.23 -47.89 15.27
C SER A 350 -6.22 -47.65 16.41
N VAL A 351 -6.01 -46.55 17.12
CA VAL A 351 -6.95 -46.08 18.15
C VAL A 351 -8.15 -45.41 17.47
N VAL A 352 -7.97 -45.05 16.19
CA VAL A 352 -8.99 -44.45 15.31
C VAL A 352 -9.30 -42.97 15.58
N SER A 353 -9.74 -42.64 16.79
CA SER A 353 -9.91 -41.24 17.14
C SER A 353 -9.66 -40.97 18.62
N ARG A 354 -9.28 -39.74 18.93
CA ARG A 354 -9.09 -39.33 20.32
C ARG A 354 -10.44 -39.14 21.01
N ARG A 355 -10.51 -39.46 22.31
CA ARG A 355 -11.73 -39.19 23.07
C ARG A 355 -12.05 -37.70 22.87
N ASN A 356 -13.21 -37.40 22.31
CA ASN A 356 -13.46 -36.02 21.86
C ASN A 356 -13.48 -35.04 23.03
N ASP A 357 -13.79 -35.54 24.22
CA ASP A 357 -13.92 -34.69 25.38
C ASP A 357 -12.59 -34.07 25.82
N ALA A 358 -11.47 -34.58 25.30
CA ALA A 358 -10.17 -34.09 25.73
C ALA A 358 -9.68 -32.92 24.88
N HIS A 359 -10.37 -32.66 23.77
CA HIS A 359 -10.00 -31.57 22.88
C HIS A 359 -10.16 -30.19 23.52
N SER A 360 -9.20 -29.31 23.25
CA SER A 360 -9.20 -27.94 23.74
C SER A 360 -10.46 -27.19 23.41
N CYS A 361 -10.96 -27.40 22.20
CA CYS A 361 -12.08 -26.61 21.70
C CYS A 361 -13.35 -26.85 22.51
N VAL A 362 -13.36 -27.91 23.32
CA VAL A 362 -14.52 -28.22 24.13
C VAL A 362 -14.11 -28.37 25.61
N ALA A 363 -13.11 -27.59 26.01
CA ALA A 363 -12.60 -27.67 27.38
C ALA A 363 -13.67 -27.43 28.45
N SER A 364 -14.68 -26.66 28.10
CA SER A 364 -15.70 -26.27 29.08
C SER A 364 -16.66 -27.41 29.44
N ALA A 365 -16.83 -28.39 28.55
CA ALA A 365 -17.79 -29.47 28.78
C ALA A 365 -17.14 -30.65 29.46
N ARG A 366 -15.87 -30.48 29.80
CA ARG A 366 -15.09 -31.57 30.37
C ARG A 366 -15.64 -31.95 31.75
N THR A 367 -15.88 -33.24 31.92
CA THR A 367 -16.53 -33.80 33.08
C THR A 367 -15.92 -35.17 33.31
N THR A 368 -15.96 -35.68 34.54
CA THR A 368 -15.34 -36.98 34.81
C THR A 368 -16.15 -38.13 34.26
N LEU A 369 -15.51 -38.95 33.42
CA LEU A 369 -16.15 -40.11 32.80
C LEU A 369 -15.33 -41.38 33.10
N PRO A 370 -15.61 -42.03 34.25
CA PRO A 370 -14.75 -43.12 34.74
C PRO A 370 -14.76 -44.34 33.82
N GLY A 371 -15.91 -44.63 33.22
CA GLY A 371 -16.01 -45.74 32.30
C GLY A 371 -15.10 -45.52 31.10
N LEU A 372 -15.13 -44.31 30.54
CA LEU A 372 -14.29 -43.99 29.40
C LEU A 372 -12.84 -44.02 29.82
N ASP A 373 -12.55 -43.48 31.00
CA ASP A 373 -11.21 -43.52 31.56
C ASP A 373 -10.68 -44.95 31.61
N ARG A 374 -11.57 -45.90 31.91
CA ARG A 374 -11.19 -47.29 32.09
C ARG A 374 -10.81 -48.00 30.77
N VAL A 375 -11.24 -47.46 29.62
CA VAL A 375 -10.90 -48.09 28.32
C VAL A 375 -10.07 -47.24 27.33
N ALA A 376 -10.01 -45.93 27.53
CA ALA A 376 -9.44 -45.01 26.53
C ALA A 376 -8.01 -45.38 26.13
N ASP A 377 -7.18 -45.79 27.10
CA ASP A 377 -5.78 -46.13 26.82
C ASP A 377 -5.59 -47.62 26.50
N ARG A 378 -6.68 -48.37 26.47
CA ARG A 378 -6.60 -49.82 26.24
C ARG A 378 -7.24 -50.20 24.89
N VAL A 379 -8.17 -49.38 24.40
CA VAL A 379 -8.91 -49.71 23.16
C VAL A 379 -7.99 -49.68 21.95
N VAL A 380 -8.17 -50.63 21.05
CA VAL A 380 -7.34 -50.69 19.88
C VAL A 380 -8.12 -51.42 18.80
N HIS A 381 -7.82 -51.15 17.53
CA HIS A 381 -8.56 -51.78 16.45
C HIS A 381 -7.65 -52.52 15.49
N ILE A 382 -8.08 -53.69 15.05
CA ILE A 382 -7.25 -54.53 14.21
C ILE A 382 -8.07 -54.85 12.95
N PRO A 383 -7.38 -55.08 11.81
CA PRO A 383 -8.03 -55.33 10.52
C PRO A 383 -8.93 -56.53 10.58
N VAL A 384 -10.14 -56.42 10.04
CA VAL A 384 -11.11 -57.50 10.07
C VAL A 384 -11.90 -57.55 8.77
N GLY A 385 -11.70 -56.54 7.91
CA GLY A 385 -12.46 -56.38 6.67
C GLY A 385 -12.37 -57.44 5.57
N TRP A 386 -13.09 -57.20 4.48
CA TRP A 386 -13.27 -58.14 3.36
C TRP A 386 -12.00 -58.44 2.55
N TRP A 387 -10.95 -57.64 2.74
CA TRP A 387 -9.70 -57.80 1.98
C TRP A 387 -8.75 -58.81 2.62
N LEU A 388 -9.08 -59.26 3.82
CA LEU A 388 -8.24 -60.24 4.50
C LEU A 388 -8.31 -61.61 3.84
N THR A 389 -7.16 -62.14 3.44
CA THR A 389 -7.10 -63.53 3.00
C THR A 389 -7.10 -64.41 4.21
N GLU A 390 -7.37 -65.69 3.99
CA GLU A 390 -7.35 -66.65 5.09
C GLU A 390 -5.97 -66.64 5.76
N ASP A 391 -4.91 -66.53 4.95
CA ASP A 391 -3.57 -66.44 5.53
C ASP A 391 -3.40 -65.12 6.31
N ASP A 392 -3.90 -63.99 5.80
CA ASP A 392 -3.81 -62.70 6.51
C ASP A 392 -4.42 -62.77 7.92
N ARG A 393 -5.59 -63.42 8.01
CA ARG A 393 -6.36 -63.58 9.23
C ARG A 393 -5.60 -64.42 10.29
N SER A 394 -4.99 -65.51 9.83
CA SER A 394 -4.17 -66.36 10.67
C SER A 394 -2.99 -65.59 11.23
N HIS A 395 -2.41 -64.74 10.38
CA HIS A 395 -1.24 -63.98 10.74
C HIS A 395 -1.47 -63.02 11.90
N VAL A 396 -2.64 -62.39 11.90
CA VAL A 396 -3.06 -61.50 12.97
C VAL A 396 -3.17 -62.25 14.28
N VAL A 397 -3.94 -63.32 14.26
CA VAL A 397 -4.11 -64.17 15.41
C VAL A 397 -2.77 -64.69 15.90
N GLU A 398 -1.94 -65.16 14.97
CA GLU A 398 -0.66 -65.77 15.33
C GLU A 398 0.25 -64.73 15.99
N THR A 399 0.22 -63.51 15.45
CA THR A 399 1.04 -62.42 15.96
C THR A 399 0.64 -61.99 17.38
N ILE A 400 -0.66 -61.84 17.59
CA ILE A 400 -1.18 -61.44 18.91
C ILE A 400 -0.78 -62.49 19.95
N LYS A 401 -0.81 -63.76 19.56
CA LYS A 401 -0.44 -64.88 20.44
C LYS A 401 1.07 -64.96 20.75
N SER A 402 1.89 -64.30 19.93
CA SER A 402 3.34 -64.28 20.16
C SER A 402 3.70 -63.33 21.29
N GLY A 403 2.71 -62.66 21.83
CA GLY A 403 2.92 -61.76 22.95
C GLY A 403 3.57 -60.44 22.60
N TRP A 404 3.65 -59.58 23.61
CA TRP A 404 4.26 -58.27 23.47
C TRP A 404 4.64 -57.78 24.85
N MET B 29 -34.22 -24.18 -26.21
CA MET B 29 -33.38 -24.76 -27.27
C MET B 29 -32.01 -24.06 -27.39
N ILE B 30 -31.97 -22.75 -27.13
CA ILE B 30 -30.69 -22.07 -26.85
C ILE B 30 -30.65 -21.85 -25.34
N PRO B 31 -29.87 -22.67 -24.62
CA PRO B 31 -29.89 -22.68 -23.16
C PRO B 31 -29.21 -21.50 -22.51
N LEU B 32 -29.64 -21.17 -21.30
CA LEU B 32 -29.02 -20.10 -20.54
C LEU B 32 -27.70 -20.55 -19.93
N SER B 33 -27.62 -21.85 -19.64
CA SER B 33 -26.45 -22.45 -19.02
C SER B 33 -26.15 -23.83 -19.57
N LYS B 34 -24.91 -24.28 -19.44
CA LYS B 34 -24.57 -25.59 -19.95
C LYS B 34 -23.38 -26.17 -19.18
N VAL B 35 -23.43 -27.48 -18.95
CA VAL B 35 -22.32 -28.19 -18.29
C VAL B 35 -21.15 -28.28 -19.26
N ALA B 36 -19.97 -27.83 -18.83
CA ALA B 36 -18.75 -27.89 -19.67
C ALA B 36 -17.86 -29.01 -19.18
N MET B 37 -17.90 -30.14 -19.88
CA MET B 37 -17.18 -31.33 -19.44
C MET B 37 -16.21 -31.80 -20.52
N SER B 38 -14.94 -31.84 -20.14
CA SER B 38 -13.88 -32.35 -21.01
C SER B 38 -14.16 -33.79 -21.39
N PRO B 39 -13.84 -34.17 -22.63
CA PRO B 39 -14.00 -35.55 -23.06
C PRO B 39 -13.01 -36.49 -22.38
N ASP B 40 -12.09 -35.90 -21.62
CA ASP B 40 -11.07 -36.66 -20.90
C ASP B 40 -11.53 -37.12 -19.54
N VAL B 41 -12.64 -36.57 -19.07
CA VAL B 41 -13.10 -36.81 -17.71
C VAL B 41 -13.45 -38.28 -17.38
N SER B 42 -14.14 -38.95 -18.30
CA SER B 42 -14.57 -40.31 -18.06
C SER B 42 -13.35 -41.20 -17.81
N THR B 43 -12.29 -41.01 -18.61
CA THR B 43 -11.03 -41.75 -18.43
C THR B 43 -10.35 -41.38 -17.10
N ARG B 44 -10.22 -40.08 -16.82
CA ARG B 44 -9.56 -39.65 -15.58
C ARG B 44 -10.27 -40.18 -14.33
N VAL B 45 -11.59 -40.09 -14.31
CA VAL B 45 -12.37 -40.52 -13.15
C VAL B 45 -12.23 -42.04 -12.94
N SER B 46 -12.26 -42.81 -14.04
CA SER B 46 -12.14 -44.26 -13.98
C SER B 46 -10.83 -44.69 -13.30
N ALA B 47 -9.75 -43.95 -13.56
CA ALA B 47 -8.47 -44.20 -12.93
C ALA B 47 -8.49 -43.89 -11.42
N VAL B 48 -9.11 -42.76 -11.05
CA VAL B 48 -9.28 -42.38 -9.65
C VAL B 48 -10.07 -43.46 -8.86
N LEU B 49 -11.18 -43.96 -9.42
CA LEU B 49 -12.01 -44.95 -8.75
C LEU B 49 -11.31 -46.30 -8.54
N SER B 50 -10.39 -46.63 -9.42
CA SER B 50 -9.69 -47.90 -9.27
C SER B 50 -8.40 -47.74 -8.47
N SER B 51 -8.13 -46.53 -7.96
CA SER B 51 -6.84 -46.19 -7.35
C SER B 51 -6.68 -46.54 -5.87
N GLY B 52 -7.79 -46.70 -5.15
CA GLY B 52 -7.77 -46.93 -3.71
C GLY B 52 -7.65 -45.69 -2.83
N ARG B 53 -7.59 -44.51 -3.45
CA ARG B 53 -7.61 -43.23 -2.73
C ARG B 53 -8.73 -42.36 -3.26
N LEU B 54 -9.80 -42.17 -2.49
CA LEU B 54 -10.90 -41.31 -2.96
C LEU B 54 -10.94 -39.99 -2.21
N GLU B 55 -10.45 -39.96 -0.96
CA GLU B 55 -10.42 -38.70 -0.20
C GLU B 55 -9.03 -38.40 0.36
N HIS B 56 -8.75 -37.12 0.57
CA HIS B 56 -7.46 -36.68 1.08
C HIS B 56 -6.33 -37.17 0.21
N GLY B 57 -6.59 -37.22 -1.09
CA GLY B 57 -5.65 -37.79 -2.02
C GLY B 57 -4.83 -36.74 -2.74
N PRO B 58 -3.91 -37.20 -3.61
CA PRO B 58 -2.99 -36.35 -4.35
C PRO B 58 -3.65 -35.61 -5.51
N THR B 59 -4.74 -36.13 -6.06
CA THR B 59 -5.36 -35.46 -7.18
C THR B 59 -5.90 -34.09 -6.74
N VAL B 60 -6.58 -34.06 -5.60
CA VAL B 60 -7.12 -32.83 -5.06
C VAL B 60 -5.99 -31.82 -4.77
N ALA B 61 -4.86 -32.29 -4.29
CA ALA B 61 -3.72 -31.41 -4.05
C ALA B 61 -3.21 -30.80 -5.35
N GLU B 62 -3.16 -31.62 -6.38
CA GLU B 62 -2.66 -31.21 -7.70
C GLU B 62 -3.55 -30.16 -8.34
N TYR B 63 -4.86 -30.36 -8.19
CA TYR B 63 -5.86 -29.43 -8.66
C TYR B 63 -5.70 -28.09 -7.98
N GLU B 64 -5.63 -28.12 -6.66
CA GLU B 64 -5.44 -26.91 -5.85
C GLU B 64 -4.19 -26.14 -6.27
N ALA B 65 -3.12 -26.87 -6.56
CA ALA B 65 -1.88 -26.24 -7.00
C ALA B 65 -2.07 -25.56 -8.36
N ALA B 66 -2.78 -26.25 -9.25
CA ALA B 66 -3.02 -25.74 -10.61
C ALA B 66 -3.90 -24.48 -10.55
N VAL B 67 -4.94 -24.51 -9.73
CA VAL B 67 -5.81 -23.34 -9.52
C VAL B 67 -4.99 -22.17 -8.99
N GLY B 68 -4.19 -22.44 -7.97
CA GLY B 68 -3.35 -21.43 -7.34
C GLY B 68 -2.41 -20.77 -8.31
N SER B 69 -1.87 -21.55 -9.24
CA SER B 69 -0.93 -21.02 -10.20
C SER B 69 -1.66 -20.09 -11.18
N ARG B 70 -2.93 -20.40 -11.44
CA ARG B 70 -3.72 -19.57 -12.35
C ARG B 70 -4.11 -18.24 -11.73
N ILE B 71 -4.58 -18.29 -10.50
CA ILE B 71 -5.01 -17.11 -9.78
C ILE B 71 -3.84 -16.20 -9.41
N GLY B 72 -2.67 -16.79 -9.20
CA GLY B 72 -1.50 -16.03 -8.77
C GLY B 72 -1.45 -15.96 -7.26
N ASN B 73 -2.18 -16.87 -6.65
CA ASN B 73 -2.22 -17.00 -5.21
C ASN B 73 -2.21 -18.48 -4.87
N PRO B 74 -1.11 -18.96 -4.27
CA PRO B 74 -1.04 -20.40 -3.98
C PRO B 74 -1.98 -20.85 -2.86
N ARG B 75 -2.52 -19.92 -2.08
CA ARG B 75 -3.37 -20.28 -0.94
C ARG B 75 -4.79 -20.72 -1.28
N VAL B 76 -4.91 -21.89 -1.88
CA VAL B 76 -6.22 -22.38 -2.31
C VAL B 76 -6.69 -23.52 -1.44
N VAL B 77 -7.87 -23.36 -0.86
CA VAL B 77 -8.45 -24.41 -0.05
C VAL B 77 -9.69 -24.93 -0.78
N SER B 78 -9.58 -26.10 -1.41
CA SER B 78 -10.71 -26.70 -2.12
C SER B 78 -11.76 -27.18 -1.11
N VAL B 79 -13.03 -27.19 -1.55
CA VAL B 79 -14.15 -27.60 -0.71
C VAL B 79 -15.19 -28.30 -1.58
N ASN B 80 -16.21 -28.89 -0.94
CA ASN B 80 -17.13 -29.74 -1.70
C ASN B 80 -18.26 -28.94 -2.37
N CYS B 81 -18.33 -27.64 -2.09
CA CYS B 81 -19.19 -26.74 -2.86
C CYS B 81 -18.92 -25.29 -2.47
N GLY B 82 -19.46 -24.38 -3.25
CA GLY B 82 -19.26 -22.96 -3.00
C GLY B 82 -19.93 -22.51 -1.73
N THR B 83 -21.14 -23.01 -1.48
CA THR B 83 -21.89 -22.64 -0.27
C THR B 83 -21.08 -23.05 0.96
N ALA B 84 -20.44 -24.21 0.85
CA ALA B 84 -19.59 -24.69 1.94
C ALA B 84 -18.41 -23.76 2.12
N GLY B 85 -17.87 -23.27 1.00
CA GLY B 85 -16.77 -22.35 1.03
C GLY B 85 -17.06 -21.07 1.80
N LEU B 86 -18.27 -20.53 1.58
CA LEU B 86 -18.73 -19.31 2.25
C LEU B 86 -18.99 -19.61 3.71
N HIS B 87 -19.63 -20.75 3.95
CA HIS B 87 -19.90 -21.18 5.29
C HIS B 87 -18.57 -21.25 6.05
N LEU B 88 -17.57 -21.88 5.43
CA LEU B 88 -16.26 -22.01 6.04
C LEU B 88 -15.63 -20.65 6.28
N ALA B 89 -15.68 -19.78 5.26
CA ALA B 89 -15.07 -18.46 5.37
C ALA B 89 -15.74 -17.61 6.43
N LEU B 90 -17.07 -17.62 6.47
CA LEU B 90 -17.78 -16.83 7.46
C LEU B 90 -17.51 -17.32 8.89
N SER B 91 -17.05 -18.57 9.06
CA SER B 91 -16.71 -19.07 10.40
C SER B 91 -15.55 -18.24 10.99
N LEU B 92 -14.76 -17.63 10.13
CA LEU B 92 -13.75 -16.67 10.57
C LEU B 92 -14.39 -15.45 11.22
N ALA B 93 -15.54 -15.04 10.70
CA ALA B 93 -16.18 -13.83 11.20
C ALA B 93 -16.75 -14.12 12.56
N ALA B 94 -17.48 -15.23 12.65
CA ALA B 94 -18.09 -15.67 13.90
C ALA B 94 -17.05 -16.17 14.92
N ARG B 95 -16.08 -16.95 14.45
CA ARG B 95 -15.05 -17.49 15.34
C ARG B 95 -13.66 -17.19 14.78
N PRO B 96 -13.10 -16.01 15.13
CA PRO B 96 -11.84 -15.47 14.58
C PRO B 96 -10.56 -16.32 14.66
N GLY B 97 -10.22 -17.02 15.76
CA GLY B 97 -11.02 -17.18 16.96
C GLY B 97 -10.79 -18.55 17.55
N ALA B 98 -11.04 -18.70 18.84
CA ALA B 98 -10.96 -19.99 19.50
C ALA B 98 -12.01 -20.03 20.61
N PRO B 106 -25.07 -10.92 18.60
CA PRO B 106 -25.08 -9.50 18.20
C PRO B 106 -24.46 -9.21 16.84
N GLY B 107 -23.56 -10.08 16.40
CA GLY B 107 -22.81 -9.86 15.18
C GLY B 107 -23.60 -9.89 13.89
N GLU B 108 -23.26 -8.98 12.98
CA GLU B 108 -23.96 -8.89 11.72
C GLU B 108 -23.02 -9.12 10.55
N VAL B 109 -23.62 -9.48 9.42
CA VAL B 109 -22.90 -9.57 8.18
C VAL B 109 -23.70 -8.74 7.20
N LEU B 110 -23.02 -7.77 6.56
CA LEU B 110 -23.60 -6.93 5.51
C LEU B 110 -23.46 -7.64 4.18
N THR B 111 -24.55 -7.79 3.47
CA THR B 111 -24.57 -8.58 2.24
C THR B 111 -25.67 -8.05 1.33
N THR B 112 -25.69 -8.54 0.09
CA THR B 112 -26.68 -8.17 -0.93
C THR B 112 -27.73 -9.25 -1.06
N PRO B 113 -29.00 -8.86 -1.22
CA PRO B 113 -30.10 -9.81 -1.38
C PRO B 113 -30.26 -10.28 -2.81
N LEU B 114 -29.61 -9.60 -3.74
CA LEU B 114 -29.70 -10.01 -5.13
C LEU B 114 -28.60 -11.03 -5.43
N THR B 115 -28.94 -12.31 -5.25
CA THR B 115 -27.99 -13.41 -5.42
C THR B 115 -28.67 -14.74 -5.11
N PHE B 116 -27.95 -15.85 -5.31
CA PHE B 116 -28.46 -17.16 -4.92
C PHE B 116 -28.49 -17.23 -3.40
N GLU B 117 -29.49 -17.93 -2.85
CA GLU B 117 -29.60 -18.04 -1.41
C GLU B 117 -28.34 -18.62 -0.76
N GLY B 118 -27.61 -19.43 -1.52
CA GLY B 118 -26.36 -20.02 -1.04
C GLY B 118 -25.33 -18.98 -0.61
N THR B 119 -25.45 -17.76 -1.12
CA THR B 119 -24.57 -16.71 -0.69
C THR B 119 -24.85 -16.35 0.77
N ASN B 120 -26.12 -16.39 1.17
CA ASN B 120 -26.55 -15.77 2.43
C ASN B 120 -26.96 -16.69 3.60
N TRP B 121 -27.51 -17.86 3.32
CA TRP B 121 -27.87 -18.75 4.42
C TRP B 121 -26.64 -19.23 5.22
N PRO B 122 -25.46 -19.32 4.58
CA PRO B 122 -24.30 -19.55 5.44
C PRO B 122 -24.12 -18.50 6.54
N ILE B 123 -24.63 -17.28 6.34
CA ILE B 123 -24.59 -16.29 7.42
C ILE B 123 -25.39 -16.75 8.62
N LEU B 124 -26.58 -17.31 8.39
CA LEU B 124 -27.44 -17.76 9.47
C LEU B 124 -26.90 -19.02 10.14
N ALA B 125 -26.33 -19.92 9.33
CA ALA B 125 -25.76 -21.16 9.85
C ALA B 125 -24.61 -20.89 10.79
N ASN B 126 -23.91 -19.78 10.60
CA ASN B 126 -22.82 -19.42 11.49
C ASN B 126 -23.34 -18.64 12.69
N GLY B 127 -24.66 -18.52 12.82
CA GLY B 127 -25.26 -17.82 13.95
C GLY B 127 -25.13 -16.29 13.94
N LEU B 128 -24.90 -15.69 12.77
CA LEU B 128 -24.83 -14.23 12.65
C LEU B 128 -26.11 -13.68 12.03
N ARG B 129 -26.45 -12.43 12.30
CA ARG B 129 -27.63 -11.77 11.68
C ARG B 129 -27.36 -11.21 10.28
N ILE B 130 -28.34 -11.32 9.38
CA ILE B 130 -28.23 -10.69 8.08
C ILE B 130 -28.70 -9.24 8.14
N ARG B 131 -27.87 -8.32 7.67
CA ARG B 131 -28.30 -6.95 7.40
C ARG B 131 -28.08 -6.66 5.91
N TRP B 132 -29.16 -6.32 5.21
CA TRP B 132 -29.12 -6.17 3.74
C TRP B 132 -28.54 -4.81 3.34
N VAL B 133 -27.67 -4.83 2.34
CA VAL B 133 -27.20 -3.61 1.71
C VAL B 133 -27.89 -3.53 0.37
N ASP B 134 -28.26 -2.32 -0.03
CA ASP B 134 -28.94 -2.08 -1.30
C ASP B 134 -28.05 -2.48 -2.48
N VAL B 135 -28.67 -2.62 -3.63
CA VAL B 135 -27.98 -3.01 -4.85
C VAL B 135 -27.82 -1.79 -5.72
N ASP B 136 -26.66 -1.69 -6.35
CA ASP B 136 -26.40 -0.67 -7.37
C ASP B 136 -27.04 -1.08 -8.69
N PRO B 137 -28.05 -0.32 -9.12
CA PRO B 137 -28.80 -0.70 -10.31
C PRO B 137 -27.97 -0.69 -11.59
N ALA B 138 -26.78 -0.09 -11.58
CA ALA B 138 -25.98 -0.05 -12.80
C ALA B 138 -25.10 -1.29 -12.94
N THR B 139 -24.72 -1.89 -11.81
CA THR B 139 -23.85 -3.06 -11.82
C THR B 139 -24.52 -4.36 -11.39
N LEU B 140 -25.69 -4.27 -10.76
CA LEU B 140 -26.36 -5.39 -10.10
C LEU B 140 -25.58 -5.92 -8.90
N ASN B 141 -24.53 -5.21 -8.52
CA ASN B 141 -23.73 -5.53 -7.35
C ASN B 141 -24.14 -4.67 -6.19
N MET B 142 -23.45 -4.85 -5.07
CA MET B 142 -23.72 -4.09 -3.86
C MET B 142 -23.46 -2.60 -4.07
N ASP B 143 -24.40 -1.80 -3.56
CA ASP B 143 -24.24 -0.37 -3.50
C ASP B 143 -23.21 -0.03 -2.41
N LEU B 144 -22.01 0.36 -2.83
CA LEU B 144 -20.92 0.60 -1.88
C LEU B 144 -21.11 1.85 -1.05
N ASP B 145 -22.00 2.74 -1.47
CA ASP B 145 -22.28 3.92 -0.64
C ASP B 145 -23.29 3.61 0.47
N ASP B 146 -24.28 2.76 0.16
CA ASP B 146 -25.19 2.30 1.21
C ASP B 146 -24.40 1.50 2.25
N LEU B 147 -23.42 0.73 1.77
CA LEU B 147 -22.54 -0.06 2.64
C LEU B 147 -21.82 0.82 3.67
N ALA B 148 -21.22 1.90 3.21
CA ALA B 148 -20.52 2.84 4.08
C ALA B 148 -21.47 3.32 5.17
N ALA B 149 -22.73 3.50 4.82
CA ALA B 149 -23.71 3.99 5.78
C ALA B 149 -24.06 2.91 6.81
N LYS B 150 -24.06 1.65 6.39
CA LYS B 150 -24.57 0.58 7.24
C LYS B 150 -23.48 -0.16 7.99
N ILE B 151 -22.21 0.16 7.77
CA ILE B 151 -21.13 -0.51 8.51
C ILE B 151 -21.16 -0.02 9.96
N SER B 152 -21.05 -0.96 10.89
CA SER B 152 -21.27 -0.69 12.32
C SER B 152 -20.24 -1.46 13.14
N PRO B 153 -20.02 -1.07 14.40
CA PRO B 153 -19.19 -1.92 15.27
C PRO B 153 -19.67 -3.37 15.37
N ALA B 154 -20.95 -3.61 15.07
CA ALA B 154 -21.52 -4.94 15.11
C ALA B 154 -21.28 -5.73 13.81
N THR B 155 -20.79 -5.04 12.78
CA THR B 155 -20.52 -5.70 11.51
C THR B 155 -19.34 -6.67 11.68
N ARG B 156 -19.59 -7.98 11.60
CA ARG B 156 -18.49 -8.97 11.72
C ARG B 156 -17.86 -9.27 10.37
N ALA B 157 -18.66 -9.21 9.32
CA ALA B 157 -18.18 -9.53 7.99
C ALA B 157 -19.01 -8.84 6.93
N ILE B 158 -18.40 -8.63 5.77
CA ILE B 158 -19.10 -8.10 4.62
C ILE B 158 -18.95 -9.06 3.46
N VAL B 159 -20.06 -9.44 2.83
CA VAL B 159 -20.01 -10.33 1.68
C VAL B 159 -20.37 -9.55 0.41
N VAL B 160 -19.45 -9.46 -0.57
CA VAL B 160 -19.81 -8.84 -1.85
C VAL B 160 -19.88 -9.92 -2.92
N VAL B 161 -20.88 -9.83 -3.78
CA VAL B 161 -21.05 -10.79 -4.86
C VAL B 161 -20.68 -10.11 -6.15
N HIS B 162 -19.78 -10.74 -6.89
CA HIS B 162 -19.46 -10.31 -8.25
C HIS B 162 -20.52 -10.90 -9.17
N TRP B 163 -21.68 -10.24 -9.26
CA TRP B 163 -22.78 -10.80 -10.03
C TRP B 163 -22.37 -11.03 -11.50
N LEU B 164 -22.62 -12.24 -11.98
CA LEU B 164 -22.28 -12.67 -13.36
C LEU B 164 -20.78 -12.65 -13.67
N GLY B 165 -19.95 -12.44 -12.67
CA GLY B 165 -18.53 -12.34 -12.92
C GLY B 165 -18.12 -10.93 -13.30
N TYR B 166 -19.00 -9.97 -13.02
CA TYR B 166 -18.62 -8.58 -13.18
C TYR B 166 -18.06 -8.09 -11.85
N PRO B 167 -16.75 -7.83 -11.83
CA PRO B 167 -16.04 -7.48 -10.59
C PRO B 167 -16.55 -6.20 -9.97
N VAL B 168 -16.84 -6.26 -8.67
CA VAL B 168 -17.03 -5.13 -7.78
C VAL B 168 -15.82 -4.20 -7.77
N ASP B 169 -16.04 -2.91 -7.64
CA ASP B 169 -14.90 -2.03 -7.52
C ASP B 169 -14.22 -2.24 -6.17
N LEU B 170 -13.21 -3.11 -6.15
CA LEU B 170 -12.58 -3.53 -4.91
C LEU B 170 -11.79 -2.40 -4.23
N ASN B 171 -11.19 -1.51 -5.02
CA ASN B 171 -10.52 -0.34 -4.44
C ASN B 171 -11.48 0.54 -3.65
N ARG B 172 -12.66 0.76 -4.20
CA ARG B 172 -13.66 1.58 -3.53
C ARG B 172 -14.15 0.82 -2.29
N LEU B 173 -14.37 -0.48 -2.43
CA LEU B 173 -14.78 -1.32 -1.30
C LEU B 173 -13.80 -1.22 -0.14
N ARG B 174 -12.51 -1.26 -0.46
CA ARG B 174 -11.49 -1.19 0.58
C ARG B 174 -11.52 0.20 1.21
N ALA B 175 -11.67 1.22 0.39
CA ALA B 175 -11.72 2.59 0.89
C ALA B 175 -12.93 2.81 1.80
N VAL B 176 -14.08 2.24 1.39
CA VAL B 176 -15.32 2.41 2.13
C VAL B 176 -15.19 1.74 3.51
N VAL B 177 -14.66 0.51 3.50
CA VAL B 177 -14.47 -0.25 4.73
C VAL B 177 -13.45 0.44 5.65
N ASP B 178 -12.40 1.01 5.09
CA ASP B 178 -11.39 1.68 5.92
C ASP B 178 -11.91 2.95 6.59
N ARG B 179 -12.67 3.74 5.86
CA ARG B 179 -13.16 5.02 6.37
C ARG B 179 -14.15 4.68 7.48
N ALA B 180 -15.03 3.71 7.21
CA ALA B 180 -16.09 3.31 8.14
C ALA B 180 -15.58 2.67 9.44
N THR B 181 -14.51 1.88 9.38
CA THR B 181 -14.11 1.14 10.56
C THR B 181 -12.84 1.66 11.22
N ALA B 182 -12.62 2.97 11.13
CA ALA B 182 -11.40 3.61 11.60
C ALA B 182 -11.09 3.34 13.06
N GLY B 183 -12.01 3.58 13.96
CA GLY B 183 -11.66 3.32 15.35
C GLY B 183 -11.87 1.87 15.80
N TYR B 184 -12.52 1.07 14.97
CA TYR B 184 -13.19 -0.17 15.40
C TYR B 184 -12.41 -1.26 16.13
N ASP B 185 -11.09 -1.15 16.22
CA ASP B 185 -10.27 -2.10 17.00
C ASP B 185 -10.26 -3.54 16.42
N ARG B 186 -11.21 -3.87 15.54
CA ARG B 186 -10.96 -4.93 14.58
C ARG B 186 -11.80 -4.73 13.30
N ARG B 187 -11.09 -4.75 12.18
CA ARG B 187 -11.66 -4.61 10.85
C ARG B 187 -12.49 -5.85 10.51
N PRO B 188 -13.72 -5.65 10.05
CA PRO B 188 -14.54 -6.79 9.66
C PRO B 188 -13.98 -7.54 8.49
N LEU B 189 -14.34 -8.81 8.39
CA LEU B 189 -13.90 -9.67 7.30
C LEU B 189 -14.58 -9.35 5.99
N VAL B 190 -13.80 -9.17 4.93
CA VAL B 190 -14.38 -8.95 3.62
C VAL B 190 -14.38 -10.23 2.82
N VAL B 191 -15.57 -10.72 2.45
CA VAL B 191 -15.66 -11.95 1.68
C VAL B 191 -16.25 -11.68 0.29
N GLU B 192 -15.48 -12.00 -0.75
CA GLU B 192 -15.97 -11.92 -2.12
C GLU B 192 -16.53 -13.27 -2.54
N ASP B 193 -17.83 -13.29 -2.83
CA ASP B 193 -18.44 -14.45 -3.44
C ASP B 193 -18.14 -14.40 -4.93
N CYS B 194 -17.19 -15.23 -5.35
CA CYS B 194 -16.73 -15.29 -6.72
C CYS B 194 -17.33 -16.48 -7.44
N ALA B 195 -18.49 -16.96 -7.00
CA ALA B 195 -19.04 -18.23 -7.51
C ALA B 195 -19.19 -18.27 -9.03
N GLN B 196 -19.57 -17.13 -9.61
CA GLN B 196 -19.78 -17.08 -11.05
C GLN B 196 -18.62 -16.40 -11.75
N ALA B 197 -17.53 -16.17 -11.01
CA ALA B 197 -16.52 -15.23 -11.48
C ALA B 197 -15.19 -15.83 -11.93
N TRP B 198 -15.14 -17.15 -12.14
CA TRP B 198 -13.91 -17.77 -12.65
C TRP B 198 -13.48 -17.06 -13.95
N GLY B 199 -12.22 -16.61 -13.98
CA GLY B 199 -11.67 -15.95 -15.14
C GLY B 199 -11.68 -14.43 -15.07
N ALA B 200 -12.53 -13.87 -14.22
CA ALA B 200 -12.65 -12.43 -14.08
C ALA B 200 -11.37 -11.78 -13.58
N THR B 201 -11.09 -10.57 -14.06
CA THR B 201 -9.91 -9.85 -13.64
C THR B 201 -10.31 -8.45 -13.20
N TYR B 202 -9.55 -7.92 -12.24
CA TYR B 202 -9.71 -6.56 -11.78
C TYR B 202 -8.31 -5.91 -11.77
N ARG B 203 -8.17 -4.80 -12.49
CA ARG B 203 -6.89 -4.12 -12.69
C ARG B 203 -5.84 -5.09 -13.20
N GLY B 204 -6.27 -5.99 -14.08
CA GLY B 204 -5.38 -6.89 -14.74
C GLY B 204 -5.09 -8.19 -14.02
N ALA B 205 -5.52 -8.32 -12.76
CA ALA B 205 -5.18 -9.50 -11.98
C ALA B 205 -6.43 -10.27 -11.61
N PRO B 206 -6.32 -11.60 -11.55
CA PRO B 206 -7.48 -12.43 -11.17
C PRO B 206 -7.97 -12.18 -9.75
N LEU B 207 -9.27 -12.39 -9.58
CA LEU B 207 -9.90 -12.27 -8.27
C LEU B 207 -9.31 -13.34 -7.36
N GLY B 208 -9.04 -12.97 -6.12
CA GLY B 208 -8.31 -13.82 -5.19
C GLY B 208 -6.96 -13.23 -4.87
N THR B 209 -6.59 -12.15 -5.55
CA THR B 209 -5.29 -11.54 -5.33
C THR B 209 -5.39 -10.13 -4.76
N HIS B 210 -6.56 -9.71 -4.31
CA HIS B 210 -6.73 -8.31 -3.92
C HIS B 210 -6.87 -8.11 -2.42
N GLY B 211 -6.43 -9.12 -1.66
CA GLY B 211 -6.35 -8.98 -0.22
C GLY B 211 -7.59 -9.33 0.55
N ASN B 212 -8.58 -9.93 -0.13
CA ASN B 212 -9.78 -10.39 0.54
C ASN B 212 -9.91 -11.92 0.53
N VAL B 213 -10.79 -12.46 1.37
CA VAL B 213 -11.12 -13.86 1.29
C VAL B 213 -12.07 -14.05 0.12
N CYS B 214 -11.71 -14.92 -0.81
CA CYS B 214 -12.55 -15.15 -1.99
C CYS B 214 -13.05 -16.59 -2.09
N VAL B 215 -14.33 -16.74 -2.38
CA VAL B 215 -14.89 -18.07 -2.55
C VAL B 215 -15.33 -18.25 -3.97
N TYR B 216 -14.90 -19.35 -4.58
CA TYR B 216 -15.31 -19.69 -5.92
C TYR B 216 -16.21 -20.90 -5.83
N SER B 217 -17.12 -21.05 -6.80
CA SER B 217 -17.88 -22.28 -6.92
C SER B 217 -17.43 -23.00 -8.16
N THR B 218 -17.38 -24.34 -8.09
CA THR B 218 -17.11 -25.10 -9.29
C THR B 218 -18.26 -26.10 -9.50
N GLY B 219 -19.46 -25.67 -9.13
CA GLY B 219 -20.64 -26.48 -9.38
C GLY B 219 -20.91 -26.72 -10.85
N ALA B 220 -21.91 -27.56 -11.12
CA ALA B 220 -22.17 -28.11 -12.46
C ALA B 220 -22.19 -27.10 -13.64
N ILE B 221 -22.80 -25.95 -13.48
CA ILE B 221 -22.88 -25.06 -14.65
C ILE B 221 -21.99 -23.85 -14.51
N1 LLP B 222 -23.07 -17.98 -4.87
C2 LLP B 222 -23.38 -17.66 -6.14
C2' LLP B 222 -23.32 -16.18 -6.63
C3 LLP B 222 -23.73 -18.67 -7.06
O3 LLP B 222 -24.03 -18.31 -8.37
C4 LLP B 222 -23.81 -20.00 -6.69
C4' LLP B 222 -24.22 -21.12 -7.82
C5 LLP B 222 -23.52 -20.33 -5.40
C6 LLP B 222 -23.16 -19.33 -4.47
C5' LLP B 222 -23.60 -21.82 -4.91
OP4 LLP B 222 -22.39 -22.51 -5.10
P LLP B 222 -22.44 -24.03 -4.89
OP1 LLP B 222 -22.58 -24.28 -3.37
OP2 LLP B 222 -23.65 -24.61 -5.58
OP3 LLP B 222 -21.18 -24.65 -5.46
N LLP B 222 -21.09 -23.90 -13.57
CA LLP B 222 -20.08 -22.84 -13.48
CB LLP B 222 -19.63 -22.78 -12.03
CG LLP B 222 -20.57 -21.78 -11.30
CD LLP B 222 -21.64 -22.39 -10.36
CE LLP B 222 -22.59 -21.33 -9.73
NZ LLP B 222 -23.05 -21.77 -8.38
C LLP B 222 -19.12 -23.14 -14.61
O LLP B 222 -19.06 -24.26 -15.11
N ILE B 223 -18.41 -22.12 -15.09
CA ILE B 223 -17.65 -22.29 -16.32
C ILE B 223 -16.51 -23.28 -16.12
N LEU B 224 -15.92 -23.31 -14.92
CA LEU B 224 -15.02 -24.40 -14.51
C LEU B 224 -15.76 -25.25 -13.50
N THR B 225 -16.03 -26.51 -13.86
CA THR B 225 -16.75 -27.38 -12.95
C THR B 225 -15.94 -28.57 -12.51
N THR B 226 -16.19 -28.99 -11.27
CA THR B 226 -15.68 -30.23 -10.69
C THR B 226 -16.82 -31.21 -10.42
N GLY B 227 -17.97 -30.99 -11.04
CA GLY B 227 -19.18 -31.72 -10.69
C GLY B 227 -19.89 -30.97 -9.60
N SER B 228 -19.37 -31.10 -8.39
CA SER B 228 -19.73 -30.24 -7.27
C SER B 228 -18.42 -29.77 -6.72
N GLY B 229 -18.38 -28.62 -6.07
CA GLY B 229 -17.13 -28.20 -5.48
C GLY B 229 -16.98 -26.71 -5.43
N GLY B 230 -15.90 -26.28 -4.80
CA GLY B 230 -15.55 -24.89 -4.76
C GLY B 230 -14.15 -24.82 -4.21
N PHE B 231 -13.67 -23.61 -3.96
CA PHE B 231 -12.44 -23.42 -3.23
C PHE B 231 -12.44 -22.01 -2.66
N VAL B 232 -11.65 -21.82 -1.60
CA VAL B 232 -11.52 -20.52 -0.97
C VAL B 232 -10.10 -20.07 -1.23
N VAL B 233 -9.92 -18.80 -1.57
CA VAL B 233 -8.58 -18.25 -1.75
C VAL B 233 -8.36 -17.27 -0.61
N LEU B 234 -7.25 -17.41 0.10
CA LEU B 234 -6.99 -16.60 1.30
C LEU B 234 -5.88 -15.61 1.05
N PRO B 235 -5.95 -14.43 1.67
CA PRO B 235 -4.95 -13.38 1.46
C PRO B 235 -3.63 -13.55 2.26
N ASP B 236 -3.61 -14.39 3.29
CA ASP B 236 -2.36 -14.62 4.02
C ASP B 236 -2.32 -16.03 4.63
N ASP B 237 -1.17 -16.41 5.16
CA ASP B 237 -1.00 -17.77 5.64
C ASP B 237 -1.81 -18.14 6.88
N ASP B 238 -2.13 -17.16 7.74
CA ASP B 238 -2.97 -17.46 8.93
C ASP B 238 -4.37 -17.87 8.52
N LEU B 239 -4.95 -17.14 7.58
CA LEU B 239 -6.28 -17.51 7.16
C LEU B 239 -6.22 -18.83 6.43
N TYR B 240 -5.15 -19.02 5.67
CA TYR B 240 -4.97 -20.26 4.91
C TYR B 240 -4.88 -21.47 5.82
N ASP B 241 -4.01 -21.38 6.81
CA ASP B 241 -3.87 -22.44 7.80
C ASP B 241 -5.18 -22.71 8.55
N ARG B 242 -5.82 -21.65 9.04
CA ARG B 242 -7.02 -21.80 9.84
C ARG B 242 -8.16 -22.43 9.03
N LEU B 243 -8.32 -22.05 7.77
CA LEU B 243 -9.41 -22.60 6.98
C LEU B 243 -9.11 -24.04 6.56
N ARG B 244 -7.84 -24.34 6.35
CA ARG B 244 -7.42 -25.69 6.00
C ARG B 244 -7.70 -26.66 7.17
N LEU B 245 -7.53 -26.15 8.38
CA LEU B 245 -7.83 -26.90 9.60
C LEU B 245 -9.34 -27.13 9.69
N ARG B 246 -10.12 -26.04 9.58
CA ARG B 246 -11.56 -26.14 9.78
C ARG B 246 -12.26 -26.90 8.64
N ARG B 247 -11.55 -27.12 7.54
CA ARG B 247 -12.14 -27.89 6.46
C ARG B 247 -12.40 -29.34 6.84
N TRP B 248 -11.55 -29.89 7.72
CA TRP B 248 -11.66 -31.29 8.21
C TRP B 248 -11.65 -31.30 9.72
N LEU B 249 -12.76 -30.83 10.31
CA LEU B 249 -13.03 -30.98 11.73
C LEU B 249 -12.02 -30.36 12.68
N GLY B 250 -11.13 -29.53 12.15
CA GLY B 250 -10.10 -28.89 12.94
C GLY B 250 -8.96 -29.83 13.27
N ILE B 251 -8.86 -30.91 12.50
CA ILE B 251 -7.83 -31.92 12.73
C ILE B 251 -6.64 -31.72 11.82
N GLU B 252 -5.47 -31.50 12.41
CA GLU B 252 -4.25 -31.47 11.63
C GLU B 252 -4.03 -32.87 11.02
N ARG B 253 -4.12 -33.00 9.71
CA ARG B 253 -4.10 -34.35 9.13
C ARG B 253 -2.70 -34.93 9.12
N ALA B 254 -1.71 -34.09 9.44
CA ALA B 254 -0.33 -34.55 9.52
C ALA B 254 -0.04 -35.12 10.91
N SER B 255 -1.04 -35.12 11.77
CA SER B 255 -0.88 -35.62 13.12
C SER B 255 -1.12 -37.11 13.18
N ASP B 256 -0.57 -37.70 14.24
CA ASP B 256 -0.67 -39.12 14.52
C ASP B 256 -2.05 -39.42 15.10
N ARG B 257 -3.04 -39.69 14.25
CA ARG B 257 -4.36 -39.96 14.77
C ARG B 257 -4.52 -41.46 14.95
N ILE B 258 -3.44 -42.18 14.68
CA ILE B 258 -3.37 -43.64 14.85
C ILE B 258 -3.33 -43.99 16.34
N THR B 259 -2.69 -43.14 17.13
CA THR B 259 -2.67 -43.29 18.59
C THR B 259 -3.51 -42.23 19.30
N GLY B 260 -4.15 -41.35 18.54
CA GLY B 260 -4.98 -40.33 19.15
C GLY B 260 -4.20 -39.17 19.73
N ASP B 261 -2.95 -39.01 19.28
CA ASP B 261 -2.09 -37.93 19.76
C ASP B 261 -2.19 -36.66 18.90
N TYR B 262 -3.33 -35.99 19.00
CA TYR B 262 -3.59 -34.73 18.31
C TYR B 262 -4.60 -33.97 19.14
N ASP B 263 -4.68 -32.67 18.92
CA ASP B 263 -5.64 -31.87 19.64
C ASP B 263 -6.39 -31.01 18.62
N VAL B 264 -7.66 -30.75 18.92
CA VAL B 264 -8.46 -29.86 18.11
C VAL B 264 -8.71 -28.61 18.95
N ALA B 265 -8.14 -27.50 18.52
CA ALA B 265 -8.24 -26.26 19.27
C ALA B 265 -9.46 -25.44 18.83
N GLU B 266 -9.77 -25.58 17.55
CA GLU B 266 -10.89 -24.88 16.92
C GLU B 266 -11.75 -25.88 16.18
N TRP B 267 -12.99 -26.09 16.62
CA TRP B 267 -13.82 -27.09 15.96
C TRP B 267 -14.05 -26.73 14.50
N GLY B 268 -14.29 -27.74 13.67
CA GLY B 268 -14.44 -27.47 12.26
C GLY B 268 -15.61 -28.21 11.63
N TYR B 269 -15.55 -28.30 10.30
CA TYR B 269 -16.61 -28.84 9.47
C TYR B 269 -16.02 -30.02 8.70
N ARG B 270 -16.82 -30.59 7.81
CA ARG B 270 -16.38 -31.72 7.01
C ARG B 270 -16.70 -31.38 5.56
N PHE B 271 -15.79 -30.61 4.97
CA PHE B 271 -16.02 -29.88 3.72
C PHE B 271 -15.07 -30.22 2.59
N ILE B 272 -14.28 -31.28 2.72
CA ILE B 272 -13.30 -31.57 1.68
C ILE B 272 -13.92 -31.92 0.32
N LEU B 273 -13.15 -31.63 -0.74
CA LEU B 273 -13.45 -32.08 -2.09
C LEU B 273 -12.73 -33.41 -2.29
N ASN B 274 -13.36 -34.36 -2.95
CA ASN B 274 -12.74 -35.68 -3.08
C ASN B 274 -12.01 -35.88 -4.41
N GLU B 275 -11.35 -37.02 -4.57
CA GLU B 275 -10.48 -37.23 -5.72
C GLU B 275 -11.22 -37.18 -7.07
N ILE B 276 -12.51 -37.47 -7.06
CA ILE B 276 -13.27 -37.45 -8.31
C ILE B 276 -13.42 -36.01 -8.79
N GLY B 277 -13.74 -35.12 -7.85
CA GLY B 277 -13.84 -33.70 -8.14
C GLY B 277 -12.56 -33.08 -8.64
N GLY B 278 -11.47 -33.35 -7.94
CA GLY B 278 -10.18 -32.82 -8.33
C GLY B 278 -9.84 -33.24 -9.75
N ALA B 279 -10.16 -34.48 -10.07
CA ALA B 279 -9.89 -35.05 -11.39
C ALA B 279 -10.69 -34.32 -12.46
N ILE B 280 -11.97 -34.10 -12.18
CA ILE B 280 -12.81 -33.38 -13.11
C ILE B 280 -12.28 -31.95 -13.31
N GLY B 281 -11.91 -31.29 -12.22
CA GLY B 281 -11.33 -29.96 -12.29
C GLY B 281 -10.05 -29.86 -13.11
N LEU B 282 -9.11 -30.77 -12.89
CA LEU B 282 -7.87 -30.70 -13.65
C LEU B 282 -8.12 -30.85 -15.13
N SER B 283 -9.00 -31.78 -15.51
CA SER B 283 -9.36 -31.96 -16.90
C SER B 283 -9.96 -30.69 -17.48
N ASN B 284 -10.87 -30.07 -16.74
CA ASN B 284 -11.60 -28.93 -17.25
C ASN B 284 -10.78 -27.64 -17.25
N LEU B 285 -9.74 -27.59 -16.43
CA LEU B 285 -8.84 -26.44 -16.43
C LEU B 285 -8.17 -26.30 -17.78
N GLU B 286 -7.95 -27.43 -18.44
CA GLU B 286 -7.28 -27.43 -19.73
C GLU B 286 -8.17 -26.83 -20.82
N ARG B 287 -9.46 -26.77 -20.58
CA ARG B 287 -10.35 -26.31 -21.63
C ARG B 287 -10.97 -24.96 -21.32
N VAL B 288 -10.84 -24.50 -20.09
CA VAL B 288 -11.67 -23.39 -19.61
C VAL B 288 -11.29 -22.02 -20.20
N ASP B 289 -10.01 -21.79 -20.47
CA ASP B 289 -9.56 -20.48 -20.98
C ASP B 289 -10.24 -20.17 -22.30
N GLU B 290 -10.35 -21.18 -23.16
CA GLU B 290 -11.04 -21.07 -24.45
C GLU B 290 -12.55 -20.84 -24.28
N LEU B 291 -13.18 -21.48 -23.29
CA LEU B 291 -14.61 -21.25 -23.08
C LEU B 291 -14.85 -19.80 -22.62
N LEU B 292 -13.98 -19.31 -21.77
CA LEU B 292 -14.10 -17.97 -21.25
C LEU B 292 -13.95 -16.95 -22.40
N ARG B 293 -13.00 -17.22 -23.29
CA ARG B 293 -12.75 -16.36 -24.42
C ARG B 293 -14.00 -16.19 -25.26
N ARG B 294 -14.75 -17.28 -25.38
CA ARG B 294 -15.98 -17.28 -26.15
C ARG B 294 -17.08 -16.52 -25.41
N HIS B 295 -17.14 -16.68 -24.09
CA HIS B 295 -18.07 -15.91 -23.29
C HIS B 295 -17.89 -14.42 -23.53
N ARG B 296 -16.65 -13.96 -23.40
CA ARG B 296 -16.30 -12.55 -23.55
C ARG B 296 -16.51 -12.01 -24.97
N GLU B 297 -16.21 -12.84 -25.95
CA GLU B 297 -16.42 -12.46 -27.33
C GLU B 297 -17.90 -12.31 -27.61
N ASN B 298 -18.70 -13.25 -27.08
CA ASN B 298 -20.14 -13.15 -27.27
C ASN B 298 -20.66 -11.93 -26.58
N ALA B 299 -20.16 -11.65 -25.39
CA ALA B 299 -20.61 -10.47 -24.64
C ALA B 299 -20.27 -9.17 -25.38
N ALA B 300 -19.07 -9.08 -25.93
CA ALA B 300 -18.66 -7.87 -26.66
C ALA B 300 -19.56 -7.64 -27.87
N PHE B 301 -19.96 -8.74 -28.50
CA PHE B 301 -20.92 -8.71 -29.60
C PHE B 301 -22.24 -8.10 -29.14
N TYR B 302 -22.77 -8.55 -28.00
CA TYR B 302 -24.02 -8.00 -27.46
C TYR B 302 -23.92 -6.51 -27.07
N ASP B 303 -22.87 -6.12 -26.35
CA ASP B 303 -22.67 -4.73 -25.93
C ASP B 303 -22.77 -3.77 -27.14
N LYS B 304 -22.21 -4.21 -28.26
CA LYS B 304 -22.19 -3.47 -29.51
C LYS B 304 -23.56 -3.47 -30.20
N GLU B 305 -24.13 -4.66 -30.35
CA GLU B 305 -25.36 -4.84 -31.14
C GLU B 305 -26.65 -4.51 -30.38
N LEU B 306 -26.62 -4.62 -29.05
CA LEU B 306 -27.82 -4.36 -28.28
C LEU B 306 -27.84 -2.91 -27.80
N ALA B 307 -26.85 -2.15 -28.25
CA ALA B 307 -26.75 -0.74 -27.86
C ALA B 307 -27.74 0.12 -28.64
N GLY B 308 -28.35 1.07 -27.94
CA GLY B 308 -29.28 1.98 -28.59
C GLY B 308 -30.65 1.37 -28.84
N ILE B 309 -30.94 0.23 -28.23
CA ILE B 309 -32.26 -0.34 -28.37
C ILE B 309 -33.17 0.21 -27.27
N ASP B 310 -34.28 0.81 -27.67
CA ASP B 310 -35.20 1.39 -26.70
C ASP B 310 -35.85 0.31 -25.82
N GLY B 311 -35.78 0.52 -24.51
CA GLY B 311 -36.37 -0.39 -23.56
C GLY B 311 -35.38 -1.42 -23.07
N VAL B 312 -34.15 -1.31 -23.55
CA VAL B 312 -33.10 -2.25 -23.22
C VAL B 312 -31.94 -1.48 -22.63
N GLU B 313 -31.75 -1.61 -21.32
CA GLU B 313 -30.63 -0.94 -20.65
C GLU B 313 -29.56 -1.94 -20.31
N GLN B 314 -28.33 -1.62 -20.67
CA GLN B 314 -27.27 -2.56 -20.39
C GLN B 314 -26.60 -2.23 -19.07
N THR B 315 -25.76 -3.15 -18.65
CA THR B 315 -25.04 -3.05 -17.42
C THR B 315 -23.77 -2.24 -17.63
N GLU B 316 -23.37 -1.49 -16.61
CA GLU B 316 -22.12 -0.74 -16.61
C GLU B 316 -20.90 -1.58 -17.07
N ARG B 317 -19.93 -0.92 -17.70
CA ARG B 317 -18.65 -1.49 -18.15
C ARG B 317 -17.47 -0.59 -17.79
N ALA B 318 -16.54 -1.06 -16.96
CA ALA B 318 -15.35 -0.28 -16.63
C ALA B 318 -14.12 -0.76 -17.37
N ASP B 319 -13.18 0.14 -17.65
CA ASP B 319 -11.97 -0.19 -18.40
C ASP B 319 -10.97 -0.99 -17.57
N ASP B 320 -11.10 -0.89 -16.26
CA ASP B 320 -10.09 -1.40 -15.36
C ASP B 320 -10.45 -2.79 -14.86
N ARG B 321 -11.34 -3.47 -15.59
CA ARG B 321 -11.73 -4.84 -15.23
C ARG B 321 -12.23 -5.60 -16.45
N GLU B 322 -12.12 -6.92 -16.42
CA GLU B 322 -12.52 -7.76 -17.53
C GLU B 322 -13.54 -8.78 -17.01
N PRO B 323 -14.83 -8.51 -17.22
CA PRO B 323 -15.89 -9.39 -16.70
C PRO B 323 -15.84 -10.81 -17.27
N ALA B 324 -16.44 -11.77 -16.57
CA ALA B 324 -16.43 -13.14 -17.02
C ALA B 324 -17.68 -13.45 -17.82
N PHE B 325 -18.72 -12.66 -17.58
CA PHE B 325 -19.98 -12.81 -18.29
C PHE B 325 -20.53 -14.22 -18.28
N TRP B 326 -20.78 -14.74 -17.09
CA TRP B 326 -21.35 -16.08 -16.96
C TRP B 326 -22.72 -16.12 -17.67
N MET B 327 -23.51 -15.08 -17.47
CA MET B 327 -24.73 -14.81 -18.26
C MET B 327 -24.66 -13.34 -18.67
N TYR B 328 -25.48 -12.94 -19.64
CA TYR B 328 -25.51 -11.55 -20.08
C TYR B 328 -26.76 -10.84 -19.52
N PRO B 329 -26.55 -9.79 -18.70
CA PRO B 329 -27.64 -9.06 -18.07
C PRO B 329 -28.19 -7.96 -18.96
N LEU B 330 -29.50 -7.77 -18.87
CA LEU B 330 -30.18 -6.62 -19.46
C LEU B 330 -31.18 -6.17 -18.43
N LYS B 331 -31.51 -4.89 -18.43
CA LYS B 331 -32.66 -4.35 -17.70
C LYS B 331 -33.67 -3.89 -18.72
N VAL B 332 -34.86 -4.49 -18.76
CA VAL B 332 -35.85 -4.25 -19.82
C VAL B 332 -37.23 -3.84 -19.29
N ARG B 333 -37.91 -2.94 -20.00
CA ARG B 333 -39.30 -2.62 -19.71
C ARG B 333 -40.13 -3.89 -20.01
N ASP B 334 -41.22 -4.08 -19.28
CA ASP B 334 -42.17 -5.17 -19.53
C ASP B 334 -41.49 -6.55 -19.64
N ARG B 335 -40.72 -6.91 -18.61
CA ARG B 335 -39.95 -8.14 -18.65
C ARG B 335 -40.75 -9.41 -18.99
N PRO B 336 -41.99 -9.57 -18.44
CA PRO B 336 -42.69 -10.81 -18.80
C PRO B 336 -42.90 -10.97 -20.30
N ALA B 337 -43.24 -9.87 -20.97
CA ALA B 337 -43.42 -9.87 -22.42
C ALA B 337 -42.10 -10.12 -23.13
N PHE B 338 -41.02 -9.61 -22.55
CA PHE B 338 -39.67 -9.80 -23.07
C PHE B 338 -39.25 -11.26 -23.09
N MET B 339 -39.37 -11.90 -21.94
CA MET B 339 -38.98 -13.29 -21.79
C MET B 339 -39.86 -14.18 -22.66
N ARG B 340 -41.15 -13.85 -22.69
CA ARG B 340 -42.12 -14.63 -23.44
C ARG B 340 -41.79 -14.58 -24.93
N ARG B 341 -41.46 -13.38 -25.42
CA ARG B 341 -41.08 -13.16 -26.82
C ARG B 341 -39.83 -13.99 -27.16
N LEU B 342 -38.82 -13.92 -26.30
CA LEU B 342 -37.58 -14.65 -26.53
C LEU B 342 -37.76 -16.16 -26.39
N LEU B 343 -38.69 -16.58 -25.53
CA LEU B 343 -38.94 -18.01 -25.31
C LEU B 343 -39.57 -18.67 -26.53
N ASP B 344 -40.44 -17.93 -27.21
CA ASP B 344 -41.07 -18.38 -28.46
C ASP B 344 -40.08 -18.50 -29.59
N ALA B 345 -39.00 -17.73 -29.48
CA ALA B 345 -37.94 -17.73 -30.49
C ALA B 345 -36.87 -18.78 -30.18
N GLY B 346 -37.10 -19.57 -29.13
CA GLY B 346 -36.21 -20.63 -28.72
C GLY B 346 -35.02 -20.16 -27.90
N ILE B 347 -35.19 -19.04 -27.22
CA ILE B 347 -34.13 -18.49 -26.41
C ILE B 347 -34.50 -18.55 -24.92
N ALA B 348 -33.76 -19.36 -24.17
CA ALA B 348 -33.99 -19.47 -22.74
C ALA B 348 -33.55 -18.18 -22.08
N THR B 349 -34.25 -17.80 -21.04
CA THR B 349 -34.12 -16.51 -20.42
C THR B 349 -34.50 -16.68 -18.96
N SER B 350 -33.86 -15.97 -18.06
CA SER B 350 -34.23 -16.11 -16.67
C SER B 350 -33.91 -14.92 -15.77
N VAL B 351 -34.74 -14.76 -14.75
CA VAL B 351 -34.46 -13.83 -13.67
C VAL B 351 -33.36 -14.41 -12.76
N VAL B 352 -33.18 -15.73 -12.85
CA VAL B 352 -32.13 -16.46 -12.12
C VAL B 352 -32.39 -16.57 -10.61
N SER B 353 -32.56 -15.45 -9.88
CA SER B 353 -32.90 -15.61 -8.47
C SER B 353 -33.82 -14.55 -7.90
N ARG B 354 -34.58 -14.95 -6.89
CA ARG B 354 -35.42 -14.03 -6.16
C ARG B 354 -34.58 -13.23 -5.18
N ARG B 355 -34.90 -11.96 -5.01
CA ARG B 355 -34.28 -11.16 -3.98
C ARG B 355 -34.47 -11.85 -2.63
N ASN B 356 -33.37 -12.18 -1.96
CA ASN B 356 -33.41 -12.98 -0.73
C ASN B 356 -34.12 -12.28 0.42
N ASP B 357 -34.18 -10.94 0.38
CA ASP B 357 -34.78 -10.17 1.46
C ASP B 357 -36.29 -10.38 1.50
N ALA B 358 -36.85 -11.02 0.47
CA ALA B 358 -38.30 -11.24 0.44
C ALA B 358 -38.71 -12.58 1.06
N HIS B 359 -37.75 -13.46 1.34
CA HIS B 359 -38.10 -14.75 1.94
C HIS B 359 -38.62 -14.59 3.37
N SER B 360 -39.65 -15.37 3.72
CA SER B 360 -40.24 -15.39 5.08
C SER B 360 -39.20 -15.58 6.17
N CYS B 361 -38.21 -16.43 5.91
CA CYS B 361 -37.23 -16.80 6.93
C CYS B 361 -36.37 -15.62 7.39
N VAL B 362 -36.38 -14.53 6.64
CA VAL B 362 -35.59 -13.36 7.00
C VAL B 362 -36.49 -12.15 7.06
N ALA B 363 -37.71 -12.38 7.50
CA ALA B 363 -38.71 -11.33 7.61
C ALA B 363 -38.26 -10.21 8.53
N SER B 364 -37.46 -10.54 9.54
CA SER B 364 -37.06 -9.56 10.55
C SER B 364 -36.05 -8.54 10.03
N ALA B 365 -35.26 -8.96 9.02
CA ALA B 365 -34.19 -8.12 8.48
C ALA B 365 -34.69 -7.27 7.32
N ARG B 366 -35.99 -7.36 7.07
CA ARG B 366 -36.60 -6.72 5.94
C ARG B 366 -36.59 -5.19 6.10
N THR B 367 -36.03 -4.53 5.09
CA THR B 367 -35.73 -3.11 5.12
C THR B 367 -35.88 -2.62 3.67
N THR B 368 -36.18 -1.34 3.48
CA THR B 368 -36.39 -0.83 2.12
C THR B 368 -35.06 -0.57 1.38
N LEU B 369 -34.95 -1.14 0.19
CA LEU B 369 -33.76 -1.04 -0.65
C LEU B 369 -34.20 -0.50 -2.03
N PRO B 370 -34.22 0.84 -2.18
CA PRO B 370 -34.83 1.45 -3.37
C PRO B 370 -34.13 1.10 -4.67
N GLY B 371 -32.81 0.96 -4.65
CA GLY B 371 -32.06 0.60 -5.83
C GLY B 371 -32.47 -0.76 -6.34
N LEU B 372 -32.60 -1.72 -5.41
CA LEU B 372 -33.02 -3.07 -5.77
C LEU B 372 -34.46 -3.04 -6.27
N ASP B 373 -35.30 -2.25 -5.61
CA ASP B 373 -36.70 -2.12 -6.03
C ASP B 373 -36.79 -1.71 -7.47
N ARG B 374 -35.89 -0.82 -7.88
CA ARG B 374 -35.84 -0.28 -9.23
C ARG B 374 -35.35 -1.30 -10.30
N VAL B 375 -34.68 -2.37 -9.90
CA VAL B 375 -34.23 -3.31 -10.91
C VAL B 375 -34.86 -4.70 -10.81
N ALA B 376 -35.47 -5.04 -9.67
CA ALA B 376 -35.90 -6.42 -9.43
C ALA B 376 -36.81 -6.96 -10.55
N ASP B 377 -37.70 -6.10 -11.01
CA ASP B 377 -38.71 -6.44 -12.00
C ASP B 377 -38.26 -6.17 -13.41
N ARG B 378 -37.03 -5.67 -13.56
CA ARG B 378 -36.50 -5.33 -14.88
C ARG B 378 -35.32 -6.25 -15.28
N VAL B 379 -34.60 -6.77 -14.29
CA VAL B 379 -33.37 -7.52 -14.57
C VAL B 379 -33.71 -8.85 -15.25
N VAL B 380 -32.90 -9.22 -16.23
CA VAL B 380 -33.12 -10.45 -16.95
C VAL B 380 -31.79 -10.95 -17.47
N HIS B 381 -31.68 -12.25 -17.67
CA HIS B 381 -30.41 -12.80 -18.11
C HIS B 381 -30.62 -13.57 -19.39
N ILE B 382 -29.67 -13.42 -20.32
CA ILE B 382 -29.79 -14.03 -21.63
C ILE B 382 -28.50 -14.85 -21.89
N PRO B 383 -28.58 -15.92 -22.69
CA PRO B 383 -27.45 -16.80 -23.00
C PRO B 383 -26.30 -16.06 -23.69
N VAL B 384 -25.08 -16.25 -23.22
CA VAL B 384 -23.92 -15.56 -23.76
C VAL B 384 -22.72 -16.52 -23.81
N GLY B 385 -22.93 -17.72 -23.26
CA GLY B 385 -21.89 -18.73 -23.09
C GLY B 385 -21.24 -19.37 -24.30
N TRP B 386 -20.31 -20.29 -24.03
CA TRP B 386 -19.44 -20.88 -25.05
C TRP B 386 -20.15 -21.77 -26.08
N TRP B 387 -21.39 -22.15 -25.79
CA TRP B 387 -22.15 -23.02 -26.68
C TRP B 387 -22.88 -22.28 -27.79
N LEU B 388 -22.86 -20.95 -27.75
CA LEU B 388 -23.47 -20.12 -28.78
C LEU B 388 -22.69 -20.15 -30.08
N THR B 389 -23.32 -20.53 -31.18
CA THR B 389 -22.73 -20.33 -32.49
C THR B 389 -23.01 -18.90 -32.98
N GLU B 390 -22.32 -18.52 -34.05
CA GLU B 390 -22.48 -17.19 -34.64
C GLU B 390 -23.94 -16.90 -34.98
N ASP B 391 -24.66 -17.90 -35.52
CA ASP B 391 -26.07 -17.74 -35.84
C ASP B 391 -26.96 -17.64 -34.59
N ASP B 392 -26.65 -18.41 -33.55
CA ASP B 392 -27.38 -18.36 -32.29
C ASP B 392 -27.37 -16.94 -31.70
N ARG B 393 -26.20 -16.34 -31.76
CA ARG B 393 -25.91 -15.02 -31.23
C ARG B 393 -26.70 -13.93 -32.00
N SER B 394 -26.71 -14.04 -33.33
CA SER B 394 -27.49 -13.15 -34.20
C SER B 394 -28.99 -13.31 -33.96
N HIS B 395 -29.43 -14.55 -33.76
CA HIS B 395 -30.84 -14.84 -33.54
C HIS B 395 -31.34 -14.13 -32.27
N VAL B 396 -30.51 -14.14 -31.23
CA VAL B 396 -30.84 -13.48 -29.99
C VAL B 396 -30.98 -11.98 -30.25
N VAL B 397 -29.97 -11.36 -30.84
CA VAL B 397 -30.01 -9.93 -31.16
C VAL B 397 -31.18 -9.58 -32.07
N GLU B 398 -31.42 -10.40 -33.09
CA GLU B 398 -32.50 -10.15 -34.03
C GLU B 398 -33.85 -10.23 -33.30
N THR B 399 -33.99 -11.23 -32.41
CA THR B 399 -35.22 -11.43 -31.66
C THR B 399 -35.53 -10.25 -30.73
N ILE B 400 -34.49 -9.78 -30.03
CA ILE B 400 -34.60 -8.61 -29.18
C ILE B 400 -35.01 -7.38 -30.00
N LYS B 401 -34.48 -7.27 -31.23
CA LYS B 401 -34.80 -6.15 -32.14
C LYS B 401 -36.22 -6.18 -32.70
N SER B 402 -36.85 -7.35 -32.67
CA SER B 402 -38.21 -7.51 -33.18
C SER B 402 -39.27 -6.97 -32.23
N GLY B 403 -38.83 -6.46 -31.07
CA GLY B 403 -39.73 -5.89 -30.09
C GLY B 403 -40.53 -6.88 -29.28
N TRP B 404 -41.28 -6.39 -28.30
CA TRP B 404 -42.14 -7.24 -27.47
C TRP B 404 -43.22 -6.43 -26.75
N MET C 29 13.42 58.10 -5.23
CA MET C 29 14.12 58.98 -4.28
C MET C 29 13.22 59.74 -3.29
N ILE C 30 12.01 60.10 -3.70
CA ILE C 30 10.98 60.53 -2.74
C ILE C 30 9.99 59.38 -2.56
N PRO C 31 10.11 58.66 -1.44
CA PRO C 31 9.37 57.41 -1.28
C PRO C 31 7.88 57.63 -0.98
N LEU C 32 7.05 56.63 -1.31
CA LEU C 32 5.61 56.67 -1.04
C LEU C 32 5.27 56.34 0.42
N SER C 33 6.12 55.51 1.04
CA SER C 33 5.92 55.11 2.42
C SER C 33 7.25 55.07 3.11
N LYS C 34 7.24 55.26 4.42
CA LYS C 34 8.46 55.29 5.19
C LYS C 34 8.21 54.90 6.63
N VAL C 35 9.16 54.19 7.24
CA VAL C 35 9.05 53.78 8.63
C VAL C 35 9.25 54.96 9.58
N ALA C 36 8.28 55.15 10.46
CA ALA C 36 8.34 56.23 11.42
C ALA C 36 8.73 55.66 12.78
N MET C 37 10.00 55.85 13.14
CA MET C 37 10.56 55.28 14.36
C MET C 37 11.19 56.36 15.24
N SER C 38 10.73 56.44 16.48
CA SER C 38 11.31 57.37 17.44
C SER C 38 12.80 57.14 17.66
N PRO C 39 13.56 58.22 17.84
CA PRO C 39 14.99 58.01 18.13
C PRO C 39 15.22 57.48 19.55
N ASP C 40 14.18 57.51 20.38
CA ASP C 40 14.26 57.05 21.76
C ASP C 40 13.89 55.59 21.95
N VAL C 41 13.43 54.93 20.90
CA VAL C 41 12.87 53.58 21.00
C VAL C 41 13.86 52.63 21.63
N SER C 42 15.13 52.81 21.30
CA SER C 42 16.16 51.88 21.73
C SER C 42 16.19 51.64 23.26
N THR C 43 16.02 52.70 24.04
CA THR C 43 16.03 52.58 25.50
C THR C 43 14.87 51.72 26.00
N ARG C 44 13.66 51.99 25.51
CA ARG C 44 12.48 51.24 25.94
C ARG C 44 12.58 49.75 25.59
N VAL C 45 13.03 49.46 24.37
CA VAL C 45 13.14 48.09 23.87
C VAL C 45 14.21 47.31 24.60
N SER C 46 15.34 47.96 24.84
CA SER C 46 16.44 47.33 25.55
C SER C 46 16.06 46.90 26.97
N ALA C 47 15.21 47.68 27.63
CA ALA C 47 14.75 47.35 28.96
C ALA C 47 13.89 46.09 28.92
N VAL C 48 13.04 46.00 27.90
CA VAL C 48 12.21 44.83 27.68
C VAL C 48 13.06 43.56 27.43
N LEU C 49 14.11 43.69 26.63
CA LEU C 49 14.95 42.55 26.29
C LEU C 49 15.69 41.99 27.48
N SER C 50 15.99 42.84 28.45
CA SER C 50 16.69 42.41 29.65
C SER C 50 15.73 42.08 30.80
N SER C 51 14.43 42.14 30.55
CA SER C 51 13.47 42.02 31.65
C SER C 51 13.14 40.59 32.01
N GLY C 52 13.31 39.66 31.09
CA GLY C 52 12.91 38.29 31.33
C GLY C 52 11.41 38.11 31.10
N ARG C 53 10.77 39.19 30.67
CA ARG C 53 9.35 39.19 30.32
C ARG C 53 9.15 39.66 28.89
N LEU C 54 8.88 38.73 27.97
CA LEU C 54 8.73 39.09 26.57
C LEU C 54 7.31 38.98 26.07
N GLU C 55 6.53 38.08 26.66
CA GLU C 55 5.13 37.91 26.24
C GLU C 55 4.25 37.98 27.51
N HIS C 56 2.98 38.36 27.34
CA HIS C 56 2.03 38.50 28.46
C HIS C 56 2.49 39.46 29.57
N GLY C 57 3.26 40.50 29.23
CA GLY C 57 3.84 41.39 30.22
C GLY C 57 3.12 42.70 30.39
N PRO C 58 3.59 43.55 31.32
CA PRO C 58 2.91 44.81 31.65
C PRO C 58 3.06 45.90 30.58
N THR C 59 4.11 45.79 29.78
CA THR C 59 4.36 46.80 28.75
C THR C 59 3.25 46.81 27.70
N VAL C 60 2.81 45.64 27.26
CA VAL C 60 1.73 45.57 26.30
C VAL C 60 0.46 46.19 26.86
N ALA C 61 0.18 45.87 28.11
CA ALA C 61 -0.99 46.40 28.80
C ALA C 61 -0.94 47.91 28.90
N GLU C 62 0.24 48.44 29.16
CA GLU C 62 0.43 49.87 29.29
C GLU C 62 0.16 50.53 27.93
N TYR C 63 0.61 49.87 26.88
CA TYR C 63 0.40 50.31 25.51
C TYR C 63 -1.08 50.36 25.16
N GLU C 64 -1.79 49.27 25.45
CA GLU C 64 -3.23 49.20 25.21
C GLU C 64 -4.00 50.33 25.93
N ALA C 65 -3.61 50.60 27.18
CA ALA C 65 -4.24 51.66 27.95
C ALA C 65 -3.98 53.01 27.28
N ALA C 66 -2.76 53.19 26.78
CA ALA C 66 -2.36 54.44 26.14
C ALA C 66 -3.16 54.68 24.86
N VAL C 67 -3.31 53.64 24.05
CA VAL C 67 -4.14 53.70 22.84
C VAL C 67 -5.58 54.03 23.20
N GLY C 68 -6.11 53.29 24.17
CA GLY C 68 -7.47 53.47 24.61
C GLY C 68 -7.75 54.89 25.10
N SER C 69 -6.76 55.48 25.77
CA SER C 69 -6.94 56.81 26.31
C SER C 69 -7.03 57.79 25.15
N ARG C 70 -6.33 57.48 24.06
CA ARG C 70 -6.36 58.31 22.86
C ARG C 70 -7.64 58.16 22.06
N ILE C 71 -8.05 56.93 21.83
CA ILE C 71 -9.26 56.63 21.09
C ILE C 71 -10.53 57.02 21.86
N GLY C 72 -10.49 56.97 23.19
CA GLY C 72 -11.65 57.31 23.99
C GLY C 72 -12.55 56.11 24.20
N ASN C 73 -11.98 54.93 23.97
CA ASN C 73 -12.62 53.63 24.15
C ASN C 73 -11.57 52.71 24.69
N PRO C 74 -11.69 52.31 25.97
CA PRO C 74 -10.68 51.50 26.67
C PRO C 74 -10.62 50.04 26.21
N ARG C 75 -11.63 49.57 25.47
CA ARG C 75 -11.67 48.17 25.02
C ARG C 75 -10.72 47.91 23.87
N VAL C 76 -9.42 47.97 24.17
CA VAL C 76 -8.41 47.79 23.15
C VAL C 76 -7.72 46.44 23.30
N VAL C 77 -7.77 45.62 22.27
CA VAL C 77 -7.09 44.32 22.28
C VAL C 77 -5.97 44.33 21.26
N SER C 78 -4.72 44.42 21.72
CA SER C 78 -3.57 44.39 20.81
C SER C 78 -3.42 42.98 20.24
N VAL C 79 -2.87 42.91 19.02
CA VAL C 79 -2.67 41.65 18.33
C VAL C 79 -1.34 41.74 17.55
N ASN C 80 -0.87 40.64 16.96
CA ASN C 80 0.49 40.66 16.39
C ASN C 80 0.54 41.21 14.95
N CYS C 81 -0.62 41.48 14.36
CA CYS C 81 -0.73 42.24 13.11
C CYS C 81 -2.21 42.55 12.81
N GLY C 82 -2.42 43.47 11.88
CA GLY C 82 -3.76 43.94 11.52
C GLY C 82 -4.63 42.86 10.91
N THR C 83 -4.00 42.04 10.06
CA THR C 83 -4.68 40.92 9.45
C THR C 83 -5.19 39.93 10.52
N ALA C 84 -4.38 39.70 11.54
CA ALA C 84 -4.78 38.82 12.63
C ALA C 84 -5.94 39.47 13.38
N GLY C 85 -5.87 40.80 13.51
CA GLY C 85 -6.95 41.56 14.12
C GLY C 85 -8.27 41.37 13.36
N LEU C 86 -8.20 41.37 12.04
CA LEU C 86 -9.38 41.15 11.21
C LEU C 86 -9.87 39.71 11.34
N HIS C 87 -8.92 38.77 11.28
CA HIS C 87 -9.21 37.35 11.44
C HIS C 87 -9.97 37.12 12.77
N LEU C 88 -9.44 37.70 13.83
CA LEU C 88 -9.98 37.58 15.17
C LEU C 88 -11.39 38.12 15.31
N ALA C 89 -11.61 39.33 14.79
CA ALA C 89 -12.92 39.96 14.84
C ALA C 89 -13.94 39.20 13.99
N LEU C 90 -13.54 38.77 12.81
CA LEU C 90 -14.44 38.04 11.91
C LEU C 90 -14.83 36.68 12.47
N SER C 91 -14.03 36.14 13.38
CA SER C 91 -14.38 34.87 14.02
C SER C 91 -15.63 35.09 14.86
N LEU C 92 -15.91 36.35 15.22
CA LEU C 92 -17.17 36.67 15.89
C LEU C 92 -18.36 36.37 14.97
N ALA C 93 -18.21 36.63 13.68
CA ALA C 93 -19.29 36.38 12.74
C ALA C 93 -19.42 34.87 12.49
N ALA C 94 -18.28 34.21 12.27
CA ALA C 94 -18.31 32.76 12.02
C ALA C 94 -18.77 31.98 13.25
N ARG C 95 -18.26 32.36 14.42
CA ARG C 95 -18.55 31.69 15.68
C ARG C 95 -18.97 32.70 16.74
N PRO C 96 -20.28 32.94 16.85
CA PRO C 96 -20.83 34.01 17.70
C PRO C 96 -20.48 34.02 19.21
N GLY C 97 -20.45 32.91 19.98
CA GLY C 97 -20.66 31.54 19.54
C GLY C 97 -19.87 30.53 20.37
N ALA C 98 -20.36 29.30 20.47
CA ALA C 98 -19.64 28.26 21.19
C ALA C 98 -19.96 26.87 20.64
N PRO C 106 -23.25 28.56 4.39
CA PRO C 106 -24.15 29.56 3.80
C PRO C 106 -23.71 30.99 4.12
N GLY C 107 -22.95 31.16 5.20
CA GLY C 107 -22.56 32.47 5.68
C GLY C 107 -21.66 33.26 4.76
N GLU C 108 -21.97 34.54 4.62
CA GLU C 108 -21.22 35.45 3.76
C GLU C 108 -20.69 36.66 4.52
N VAL C 109 -19.69 37.32 3.93
CA VAL C 109 -19.23 38.61 4.41
C VAL C 109 -19.24 39.57 3.23
N LEU C 110 -19.94 40.69 3.38
CA LEU C 110 -19.97 41.73 2.36
C LEU C 110 -18.79 42.65 2.62
N THR C 111 -17.97 42.84 1.59
CA THR C 111 -16.71 43.54 1.77
C THR C 111 -16.35 44.26 0.48
N THR C 112 -15.30 45.08 0.55
CA THR C 112 -14.82 45.85 -0.60
C THR C 112 -13.64 45.16 -1.24
N PRO C 113 -13.59 45.16 -2.58
CA PRO C 113 -12.46 44.56 -3.29
C PRO C 113 -11.31 45.55 -3.45
N LEU C 114 -11.58 46.83 -3.19
CA LEU C 114 -10.52 47.84 -3.24
C LEU C 114 -9.87 47.97 -1.86
N THR C 115 -8.79 47.21 -1.66
CA THR C 115 -8.11 47.14 -0.36
C THR C 115 -6.89 46.21 -0.40
N PHE C 116 -6.14 46.18 0.69
CA PHE C 116 -5.08 45.21 0.82
C PHE C 116 -5.72 43.83 0.95
N GLU C 117 -5.08 42.81 0.37
CA GLU C 117 -5.64 41.46 0.47
C GLU C 117 -5.83 41.00 1.92
N GLY C 118 -5.07 41.57 2.85
CA GLY C 118 -5.21 41.26 4.25
C GLY C 118 -6.59 41.59 4.82
N THR C 119 -7.31 42.48 4.14
CA THR C 119 -8.66 42.76 4.57
C THR C 119 -9.54 41.52 4.35
N ASN C 120 -9.35 40.82 3.24
CA ASN C 120 -10.38 39.86 2.83
C ASN C 120 -10.09 38.38 3.03
N TRP C 121 -8.82 37.99 2.97
CA TRP C 121 -8.48 36.58 3.18
C TRP C 121 -8.87 36.06 4.58
N PRO C 122 -8.88 36.92 5.62
CA PRO C 122 -9.46 36.47 6.88
C PRO C 122 -10.91 36.02 6.79
N ILE C 123 -11.65 36.51 5.80
CA ILE C 123 -13.00 36.04 5.56
C ILE C 123 -12.99 34.57 5.18
N LEU C 124 -12.11 34.24 4.25
CA LEU C 124 -12.00 32.88 3.77
C LEU C 124 -11.43 31.99 4.87
N ALA C 125 -10.51 32.55 5.66
CA ALA C 125 -9.91 31.81 6.77
C ALA C 125 -10.93 31.42 7.83
N ASN C 126 -11.96 32.24 8.02
CA ASN C 126 -13.01 31.95 9.00
C ASN C 126 -14.11 31.08 8.41
N GLY C 127 -13.87 30.56 7.21
CA GLY C 127 -14.83 29.68 6.58
C GLY C 127 -16.07 30.39 6.07
N LEU C 128 -15.99 31.71 5.83
CA LEU C 128 -17.15 32.44 5.30
C LEU C 128 -17.01 32.77 3.81
N ARG C 129 -18.12 32.98 3.12
CA ARG C 129 -18.07 33.42 1.71
C ARG C 129 -17.82 34.91 1.57
N ILE C 130 -17.02 35.26 0.57
CA ILE C 130 -16.86 36.66 0.22
C ILE C 130 -17.96 37.04 -0.76
N ARG C 131 -18.70 38.09 -0.46
CA ARG C 131 -19.55 38.71 -1.46
C ARG C 131 -19.11 40.15 -1.63
N TRP C 132 -18.81 40.52 -2.87
CA TRP C 132 -18.27 41.84 -3.14
C TRP C 132 -19.35 42.93 -3.19
N VAL C 133 -19.03 44.06 -2.58
CA VAL C 133 -19.81 45.28 -2.71
C VAL C 133 -19.01 46.25 -3.59
N ASP C 134 -19.70 47.00 -4.45
CA ASP C 134 -19.03 47.94 -5.35
C ASP C 134 -18.31 49.06 -4.61
N VAL C 135 -17.46 49.79 -5.32
CA VAL C 135 -16.72 50.89 -4.74
C VAL C 135 -17.34 52.20 -5.17
N ASP C 136 -17.41 53.17 -4.25
CA ASP C 136 -17.80 54.55 -4.59
C ASP C 136 -16.61 55.29 -5.21
N PRO C 137 -16.69 55.60 -6.52
CA PRO C 137 -15.52 56.18 -7.19
C PRO C 137 -15.08 57.55 -6.64
N ALA C 138 -15.89 58.21 -5.82
CA ALA C 138 -15.50 59.52 -5.27
C ALA C 138 -14.69 59.42 -3.99
N THR C 139 -14.90 58.36 -3.22
CA THR C 139 -14.21 58.18 -1.94
C THR C 139 -13.23 56.99 -1.96
N LEU C 140 -13.32 56.15 -3.00
CA LEU C 140 -12.55 54.90 -3.09
C LEU C 140 -12.93 53.88 -2.00
N ASN C 141 -13.99 54.19 -1.25
CA ASN C 141 -14.53 53.28 -0.25
C ASN C 141 -15.79 52.58 -0.77
N MET C 142 -16.38 51.73 0.06
CA MET C 142 -17.56 50.96 -0.30
C MET C 142 -18.80 51.82 -0.69
N ASP C 143 -19.47 51.39 -1.75
CA ASP C 143 -20.74 51.98 -2.16
C ASP C 143 -21.84 51.53 -1.20
N LEU C 144 -22.25 52.44 -0.34
CA LEU C 144 -23.21 52.12 0.70
C LEU C 144 -24.63 51.90 0.20
N ASP C 145 -24.94 52.36 -1.00
CA ASP C 145 -26.25 52.09 -1.56
C ASP C 145 -26.25 50.67 -2.15
N ASP C 146 -25.12 50.28 -2.74
CA ASP C 146 -24.91 48.92 -3.22
C ASP C 146 -24.85 47.96 -2.05
N LEU C 147 -24.25 48.39 -0.95
CA LEU C 147 -24.24 47.60 0.26
C LEU C 147 -25.66 47.31 0.71
N ALA C 148 -26.49 48.35 0.74
CA ALA C 148 -27.89 48.22 1.16
C ALA C 148 -28.62 47.18 0.31
N ALA C 149 -28.30 47.14 -0.97
CA ALA C 149 -28.98 46.24 -1.87
C ALA C 149 -28.61 44.79 -1.63
N LYS C 150 -27.36 44.53 -1.25
CA LYS C 150 -26.85 43.17 -1.20
C LYS C 150 -26.95 42.54 0.18
N ILE C 151 -27.40 43.31 1.18
CA ILE C 151 -27.53 42.77 2.52
C ILE C 151 -28.66 41.75 2.54
N SER C 152 -28.38 40.59 3.12
CA SER C 152 -29.27 39.44 3.04
C SER C 152 -29.21 38.70 4.39
N PRO C 153 -30.19 37.81 4.67
CA PRO C 153 -30.10 36.91 5.84
C PRO C 153 -28.84 36.02 5.86
N ALA C 154 -28.16 35.82 4.74
CA ALA C 154 -26.94 35.00 4.74
C ALA C 154 -25.75 35.85 5.16
N THR C 155 -25.95 37.16 5.22
CA THR C 155 -24.90 38.08 5.61
C THR C 155 -24.53 37.97 7.09
N ARG C 156 -23.35 37.44 7.38
CA ARG C 156 -22.86 37.29 8.75
C ARG C 156 -22.12 38.52 9.24
N ALA C 157 -21.47 39.24 8.33
CA ALA C 157 -20.70 40.42 8.69
C ALA C 157 -20.53 41.36 7.50
N ILE C 158 -20.24 42.62 7.80
CA ILE C 158 -19.89 43.63 6.80
C ILE C 158 -18.53 44.23 7.15
N VAL C 159 -17.61 44.22 6.18
CA VAL C 159 -16.31 44.83 6.37
C VAL C 159 -16.21 46.05 5.47
N VAL C 160 -16.03 47.21 6.08
CA VAL C 160 -15.74 48.46 5.36
C VAL C 160 -14.30 48.89 5.64
N VAL C 161 -13.64 49.40 4.60
CA VAL C 161 -12.28 49.89 4.73
C VAL C 161 -12.24 51.41 4.62
N HIS C 162 -11.59 52.05 5.59
CA HIS C 162 -11.33 53.48 5.48
C HIS C 162 -10.07 53.69 4.63
N TRP C 163 -10.20 53.58 3.32
CA TRP C 163 -9.04 53.68 2.43
C TRP C 163 -8.29 54.99 2.62
N LEU C 164 -6.98 54.86 2.85
CA LEU C 164 -6.06 55.97 3.11
C LEU C 164 -6.39 56.74 4.36
N GLY C 165 -7.28 56.21 5.19
CA GLY C 165 -7.67 56.93 6.38
C GLY C 165 -8.75 57.96 6.10
N TYR C 166 -9.41 57.83 4.95
CA TYR C 166 -10.57 58.67 4.69
C TYR C 166 -11.81 57.93 5.19
N PRO C 167 -12.41 58.45 6.27
CA PRO C 167 -13.50 57.76 6.94
C PRO C 167 -14.73 57.51 6.06
N VAL C 168 -15.19 56.28 6.12
CA VAL C 168 -16.49 55.84 5.62
C VAL C 168 -17.59 56.67 6.29
N ASP C 169 -18.67 56.97 5.57
CA ASP C 169 -19.77 57.66 6.23
C ASP C 169 -20.47 56.68 7.18
N LEU C 170 -20.04 56.66 8.44
CA LEU C 170 -20.49 55.64 9.37
C LEU C 170 -21.98 55.82 9.74
N ASN C 171 -22.48 57.06 9.82
CA ASN C 171 -23.92 57.28 10.07
C ASN C 171 -24.80 56.67 9.00
N ARG C 172 -24.42 56.87 7.74
CA ARG C 172 -25.15 56.31 6.62
C ARG C 172 -25.03 54.77 6.65
N LEU C 173 -23.81 54.27 6.89
CA LEU C 173 -23.58 52.81 7.01
C LEU C 173 -24.49 52.20 8.06
N ARG C 174 -24.63 52.90 9.17
CA ARG C 174 -25.42 52.44 10.30
C ARG C 174 -26.88 52.38 9.90
N ALA C 175 -27.36 53.41 9.20
CA ALA C 175 -28.76 53.48 8.77
C ALA C 175 -29.10 52.40 7.77
N VAL C 176 -28.15 52.09 6.89
CA VAL C 176 -28.37 51.07 5.87
C VAL C 176 -28.54 49.72 6.51
N VAL C 177 -27.64 49.37 7.44
CA VAL C 177 -27.66 48.09 8.13
C VAL C 177 -28.94 48.01 8.95
N ASP C 178 -29.31 49.11 9.57
CA ASP C 178 -30.51 49.15 10.41
C ASP C 178 -31.78 48.91 9.59
N ARG C 179 -31.87 49.57 8.44
CA ARG C 179 -33.03 49.40 7.57
C ARG C 179 -33.06 48.03 6.93
N ALA C 180 -31.92 47.58 6.41
CA ALA C 180 -31.81 46.30 5.71
C ALA C 180 -32.09 45.11 6.61
N THR C 181 -31.72 45.19 7.89
CA THR C 181 -31.81 44.04 8.79
C THR C 181 -32.91 44.22 9.82
N ALA C 182 -34.02 44.84 9.41
CA ALA C 182 -35.11 45.11 10.34
C ALA C 182 -35.67 43.84 11.00
N GLY C 183 -36.10 42.88 10.19
CA GLY C 183 -36.69 41.65 10.70
C GLY C 183 -35.75 40.49 11.03
N TYR C 184 -34.48 40.65 10.65
CA TYR C 184 -33.53 39.54 10.57
C TYR C 184 -33.25 38.74 11.86
N ASP C 185 -33.69 39.24 13.01
CA ASP C 185 -33.55 38.53 14.30
C ASP C 185 -32.09 38.39 14.82
N ARG C 186 -31.08 38.63 13.99
CA ARG C 186 -29.78 39.06 14.54
C ARG C 186 -29.02 39.96 13.55
N ARG C 187 -28.61 41.12 14.06
CA ARG C 187 -27.89 42.13 13.30
C ARG C 187 -26.47 41.65 12.96
N PRO C 188 -26.09 41.73 11.67
CA PRO C 188 -24.74 41.33 11.26
C PRO C 188 -23.67 42.20 11.89
N LEU C 189 -22.47 41.62 11.99
CA LEU C 189 -21.32 42.28 12.57
C LEU C 189 -20.74 43.30 11.62
N VAL C 190 -20.53 44.53 12.10
CA VAL C 190 -19.85 45.53 11.30
C VAL C 190 -18.42 45.69 11.78
N VAL C 191 -17.47 45.38 10.90
CA VAL C 191 -16.06 45.51 11.19
C VAL C 191 -15.53 46.63 10.32
N GLU C 192 -14.93 47.63 10.97
CA GLU C 192 -14.24 48.70 10.27
C GLU C 192 -12.76 48.39 10.18
N ASP C 193 -12.23 48.24 8.96
CA ASP C 193 -10.78 48.12 8.78
C ASP C 193 -10.14 49.52 8.83
N CYS C 194 -9.54 49.85 9.97
CA CYS C 194 -8.95 51.15 10.17
C CYS C 194 -7.44 51.06 10.00
N ALA C 195 -6.97 50.10 9.21
CA ALA C 195 -5.55 49.80 9.19
C ALA C 195 -4.66 51.01 8.92
N GLN C 196 -5.11 51.84 8.00
CA GLN C 196 -4.34 52.98 7.56
C GLN C 196 -4.86 54.24 8.21
N ALA C 197 -5.78 54.08 9.16
CA ALA C 197 -6.62 55.19 9.57
C ALA C 197 -6.33 55.75 10.97
N TRP C 198 -5.14 55.45 11.50
CA TRP C 198 -4.77 56.06 12.79
C TRP C 198 -4.87 57.59 12.72
N GLY C 199 -5.59 58.19 13.67
CA GLY C 199 -5.68 59.64 13.74
C GLY C 199 -6.95 60.19 13.10
N ALA C 200 -7.53 59.39 12.21
CA ALA C 200 -8.72 59.78 11.49
C ALA C 200 -9.86 60.02 12.48
N THR C 201 -10.67 61.01 12.12
CA THR C 201 -11.76 61.49 12.94
C THR C 201 -13.04 61.56 12.12
N TYR C 202 -14.17 61.21 12.73
CA TYR C 202 -15.45 61.31 12.05
C TYR C 202 -16.49 61.96 12.96
N ARG C 203 -17.05 63.08 12.50
CA ARG C 203 -18.07 63.83 13.26
C ARG C 203 -17.67 64.11 14.70
N GLY C 204 -16.42 64.51 14.88
CA GLY C 204 -15.91 64.94 16.16
C GLY C 204 -15.29 63.87 17.04
N ALA C 205 -15.39 62.61 16.64
CA ALA C 205 -14.85 61.49 17.43
C ALA C 205 -13.88 60.60 16.65
N PRO C 206 -12.86 60.06 17.32
CA PRO C 206 -11.96 59.08 16.70
C PRO C 206 -12.65 57.79 16.26
N LEU C 207 -12.13 57.14 15.23
CA LEU C 207 -12.71 55.89 14.77
C LEU C 207 -12.53 54.83 15.85
N GLY C 208 -13.58 54.05 16.07
CA GLY C 208 -13.58 53.11 17.18
C GLY C 208 -14.58 53.49 18.26
N THR C 209 -15.23 54.64 18.10
CA THR C 209 -16.18 55.11 19.10
C THR C 209 -17.56 55.21 18.52
N HIS C 210 -17.75 54.59 17.37
CA HIS C 210 -19.01 54.72 16.66
C HIS C 210 -19.85 53.44 16.69
N GLY C 211 -19.58 52.58 17.67
CA GLY C 211 -20.42 51.41 17.92
C GLY C 211 -20.09 50.18 17.11
N ASN C 212 -18.97 50.22 16.39
CA ASN C 212 -18.50 49.08 15.61
C ASN C 212 -17.21 48.50 16.15
N VAL C 213 -16.93 47.28 15.70
CA VAL C 213 -15.65 46.63 15.92
C VAL C 213 -14.65 47.19 14.92
N CYS C 214 -13.55 47.75 15.42
CA CYS C 214 -12.54 48.35 14.54
C CYS C 214 -11.15 47.71 14.64
N VAL C 215 -10.53 47.44 13.49
CA VAL C 215 -9.16 46.93 13.49
C VAL C 215 -8.17 47.93 12.90
N TYR C 216 -7.10 48.19 13.67
CA TYR C 216 -6.02 49.07 13.27
C TYR C 216 -4.79 48.23 13.00
N SER C 217 -3.89 48.70 12.15
CA SER C 217 -2.58 48.06 11.97
C SER C 217 -1.48 48.96 12.48
N THR C 218 -0.45 48.39 13.08
CA THR C 218 0.73 49.15 13.45
C THR C 218 1.96 48.51 12.81
N GLY C 219 1.78 48.01 11.59
CA GLY C 219 2.86 47.45 10.80
C GLY C 219 3.92 48.47 10.45
N ALA C 220 4.99 48.00 9.80
CA ALA C 220 6.21 48.76 9.57
C ALA C 220 5.99 50.19 9.03
N ILE C 221 5.15 50.36 8.01
CA ILE C 221 5.03 51.66 7.37
C ILE C 221 3.75 52.40 7.71
N1 LLP C 222 -5.80 46.17 5.99
C2 LLP C 222 -5.56 47.31 5.31
C2' LLP C 222 -6.73 48.12 4.68
C3 LLP C 222 -4.23 47.79 5.18
O3 LLP C 222 -3.96 48.95 4.48
C4 LLP C 222 -3.17 47.11 5.71
C4' LLP C 222 -1.67 47.72 5.51
C5 LLP C 222 -3.41 45.96 6.41
C6 LLP C 222 -4.73 45.47 6.56
C5' LLP C 222 -2.20 45.19 6.99
OP4 LLP C 222 -2.27 45.00 8.37
P LLP C 222 -1.03 44.22 8.81
OP1 LLP C 222 0.04 44.51 7.84
OP2 LLP C 222 -1.41 42.73 8.73
OP3 LLP C 222 -0.57 44.63 10.16
N LLP C 222 2.89 51.80 8.52
CA LLP C 222 1.71 52.50 9.01
CB LLP C 222 0.82 51.51 9.73
CG LLP C 222 -0.34 51.10 8.82
CD LLP C 222 0.10 50.12 7.71
CE LLP C 222 -1.12 49.67 6.86
NZ LLP C 222 -1.13 48.20 6.76
C LLP C 222 2.26 53.63 9.86
O LLP C 222 3.38 53.53 10.32
N ILE C 223 1.50 54.70 10.04
CA ILE C 223 2.08 55.92 10.60
C ILE C 223 2.47 55.72 12.07
N LEU C 224 1.66 54.96 12.78
CA LEU C 224 2.00 54.49 14.11
C LEU C 224 2.44 53.05 14.01
N THR C 225 3.70 52.76 14.31
CA THR C 225 4.20 51.40 14.16
C THR C 225 4.64 50.77 15.48
N THR C 226 4.45 49.46 15.59
CA THR C 226 4.99 48.68 16.69
C THR C 226 6.03 47.71 16.13
N GLY C 227 6.51 47.98 14.92
CA GLY C 227 7.33 47.04 14.17
C GLY C 227 6.39 46.16 13.36
N SER C 228 5.80 45.17 14.01
CA SER C 228 4.64 44.49 13.43
C SER C 228 3.57 44.55 14.49
N GLY C 229 2.31 44.49 14.07
CA GLY C 229 1.25 44.55 15.04
C GLY C 229 -0.03 45.19 14.57
N GLY C 230 -1.04 45.19 15.44
CA GLY C 230 -2.28 45.88 15.19
C GLY C 230 -3.06 45.88 16.49
N PHE C 231 -4.30 46.36 16.46
CA PHE C 231 -5.18 46.21 17.60
C PHE C 231 -6.65 46.30 17.18
N VAL C 232 -7.51 45.73 18.01
CA VAL C 232 -8.95 45.74 17.80
C VAL C 232 -9.59 46.56 18.88
N VAL C 233 -10.54 47.41 18.48
CA VAL C 233 -11.30 48.20 19.41
C VAL C 233 -12.71 47.62 19.40
N LEU C 234 -13.23 47.30 20.58
CA LEU C 234 -14.55 46.68 20.69
C LEU C 234 -15.54 47.67 21.27
N PRO C 235 -16.82 47.60 20.83
CA PRO C 235 -17.90 48.47 21.30
C PRO C 235 -18.52 48.07 22.65
N ASP C 236 -18.34 46.83 23.09
CA ASP C 236 -18.90 46.46 24.40
C ASP C 236 -18.03 45.42 25.12
N ASP C 237 -18.30 45.19 26.40
CA ASP C 237 -17.43 44.31 27.15
C ASP C 237 -17.57 42.87 26.74
N ASP C 238 -18.75 42.47 26.26
CA ASP C 238 -18.91 41.10 25.80
C ASP C 238 -17.94 40.83 24.65
N LEU C 239 -17.94 41.69 23.64
CA LEU C 239 -17.06 41.48 22.50
C LEU C 239 -15.62 41.63 22.92
N TYR C 240 -15.36 42.53 23.86
CA TYR C 240 -14.00 42.73 24.35
C TYR C 240 -13.46 41.48 25.06
N ASP C 241 -14.26 40.93 25.98
CA ASP C 241 -13.90 39.69 26.68
C ASP C 241 -13.70 38.52 25.72
N ARG C 242 -14.63 38.33 24.79
CA ARG C 242 -14.57 37.20 23.88
C ARG C 242 -13.31 37.28 23.03
N LEU C 243 -12.96 38.47 22.59
CA LEU C 243 -11.79 38.65 21.74
C LEU C 243 -10.48 38.54 22.51
N ARG C 244 -10.46 38.94 23.78
CA ARG C 244 -9.29 38.80 24.64
C ARG C 244 -9.03 37.30 24.87
N LEU C 245 -10.11 36.53 25.03
CA LEU C 245 -10.00 35.08 25.20
C LEU C 245 -9.40 34.41 23.98
N ARG C 246 -10.00 34.69 22.82
CA ARG C 246 -9.61 34.02 21.60
C ARG C 246 -8.24 34.46 21.11
N ARG C 247 -7.75 35.57 21.66
CA ARG C 247 -6.43 36.05 21.26
C ARG C 247 -5.35 35.10 21.70
N TRP C 248 -5.62 34.37 22.78
CA TRP C 248 -4.70 33.37 23.29
C TRP C 248 -5.43 32.03 23.48
N LEU C 249 -5.81 31.41 22.37
CA LEU C 249 -6.27 30.02 22.35
C LEU C 249 -7.49 29.68 23.22
N GLY C 250 -8.20 30.69 23.70
CA GLY C 250 -9.38 30.45 24.50
C GLY C 250 -9.01 30.02 25.90
N ILE C 251 -7.79 30.35 26.30
CA ILE C 251 -7.30 29.98 27.61
C ILE C 251 -7.38 31.17 28.57
N GLU C 252 -8.16 30.99 29.64
CA GLU C 252 -8.23 31.95 30.72
C GLU C 252 -6.90 32.05 31.46
N ARG C 253 -6.24 33.20 31.40
CA ARG C 253 -4.89 33.30 31.96
C ARG C 253 -4.86 33.45 33.48
N ALA C 254 -6.01 33.68 34.11
CA ALA C 254 -6.07 33.78 35.56
C ALA C 254 -6.26 32.39 36.15
N SER C 255 -6.34 31.38 35.29
CA SER C 255 -6.56 30.00 35.72
C SER C 255 -5.28 29.23 36.05
N ASP C 256 -5.45 28.19 36.85
CA ASP C 256 -4.39 27.31 37.34
C ASP C 256 -3.95 26.28 36.29
N ARG C 257 -2.98 26.63 35.45
CA ARG C 257 -2.51 25.69 34.43
C ARG C 257 -1.29 24.87 34.90
N ILE C 258 -0.86 25.13 36.14
CA ILE C 258 0.25 24.42 36.73
C ILE C 258 -0.22 23.04 37.19
N THR C 259 -1.51 22.96 37.57
CA THR C 259 -2.13 21.67 37.87
C THR C 259 -3.06 21.28 36.71
N GLY C 260 -3.16 22.14 35.71
CA GLY C 260 -4.00 21.87 34.55
C GLY C 260 -5.48 22.04 34.83
N ASP C 261 -5.81 22.78 35.89
CA ASP C 261 -7.21 22.99 36.26
C ASP C 261 -7.78 24.23 35.60
N TYR C 262 -8.04 24.12 34.29
CA TYR C 262 -8.62 25.22 33.52
C TYR C 262 -9.42 24.61 32.39
N ASP C 263 -10.30 25.39 31.80
CA ASP C 263 -11.10 24.87 30.70
C ASP C 263 -11.08 25.84 29.51
N VAL C 264 -11.16 25.28 28.31
CA VAL C 264 -11.30 26.09 27.11
C VAL C 264 -12.66 25.83 26.51
N ALA C 265 -13.51 26.84 26.60
CA ALA C 265 -14.87 26.70 26.09
C ALA C 265 -14.95 27.13 24.63
N GLU C 266 -14.12 28.10 24.28
CA GLU C 266 -14.09 28.60 22.91
C GLU C 266 -12.66 28.52 22.43
N TRP C 267 -12.37 27.65 21.47
CA TRP C 267 -11.00 27.52 20.99
C TRP C 267 -10.58 28.84 20.35
N GLY C 268 -9.28 29.15 20.40
CA GLY C 268 -8.79 30.43 19.93
C GLY C 268 -7.55 30.38 19.06
N TYR C 269 -6.86 31.52 18.98
CA TYR C 269 -5.70 31.67 18.12
C TYR C 269 -4.51 32.07 18.98
N ARG C 270 -3.40 32.39 18.33
CA ARG C 270 -2.18 32.78 19.01
C ARG C 270 -1.69 34.09 18.34
N PHE C 271 -2.32 35.17 18.80
CA PHE C 271 -2.26 36.47 18.13
C PHE C 271 -1.73 37.59 19.03
N ILE C 272 -1.17 37.26 20.19
CA ILE C 272 -0.71 38.29 21.11
C ILE C 272 0.44 39.12 20.55
N LEU C 273 0.50 40.37 20.98
CA LEU C 273 1.61 41.29 20.72
C LEU C 273 2.59 41.17 21.87
N ASN C 274 3.89 41.13 21.58
CA ASN C 274 4.83 40.91 22.68
C ASN C 274 5.42 42.21 23.22
N GLU C 275 6.21 42.09 24.29
CA GLU C 275 6.70 43.25 25.02
C GLU C 275 7.58 44.16 24.18
N ILE C 276 8.22 43.63 23.13
CA ILE C 276 9.02 44.47 22.26
C ILE C 276 8.09 45.35 21.45
N GLY C 277 7.01 44.75 20.93
CA GLY C 277 6.02 45.50 20.20
C GLY C 277 5.40 46.62 21.03
N GLY C 278 4.97 46.30 22.24
CA GLY C 278 4.39 47.30 23.12
C GLY C 278 5.34 48.45 23.39
N ALA C 279 6.62 48.10 23.58
CA ALA C 279 7.65 49.11 23.87
C ALA C 279 7.80 50.05 22.69
N ILE C 280 7.89 49.48 21.48
CA ILE C 280 8.02 50.28 20.28
C ILE C 280 6.80 51.20 20.14
N GLY C 281 5.62 50.62 20.32
CA GLY C 281 4.37 51.38 20.25
C GLY C 281 4.31 52.55 21.20
N LEU C 282 4.71 52.33 22.46
CA LEU C 282 4.65 53.39 23.44
C LEU C 282 5.57 54.53 23.02
N SER C 283 6.75 54.19 22.53
CA SER C 283 7.70 55.19 22.05
C SER C 283 7.14 56.03 20.91
N ASN C 284 6.52 55.37 19.93
CA ASN C 284 6.07 56.07 18.75
C ASN C 284 4.80 56.89 18.96
N LEU C 285 4.07 56.57 20.02
CA LEU C 285 2.92 57.35 20.40
C LEU C 285 3.33 58.78 20.73
N GLU C 286 4.56 58.98 21.20
CA GLU C 286 5.04 60.32 21.57
C GLU C 286 5.25 61.23 20.36
N ARG C 287 5.36 60.64 19.19
CA ARG C 287 5.66 61.40 17.99
C ARG C 287 4.58 61.43 16.92
N VAL C 288 3.55 60.61 17.06
CA VAL C 288 2.66 60.38 15.93
C VAL C 288 1.76 61.59 15.63
N ASP C 289 1.41 62.36 16.66
CA ASP C 289 0.50 63.48 16.46
C ASP C 289 1.10 64.52 15.50
N GLU C 290 2.37 64.84 15.71
CA GLU C 290 3.11 65.75 14.84
C GLU C 290 3.27 65.14 13.43
N LEU C 291 3.51 63.83 13.35
CA LEU C 291 3.64 63.22 12.02
C LEU C 291 2.31 63.26 11.26
N LEU C 292 1.21 63.01 11.94
CA LEU C 292 -0.10 63.05 11.32
C LEU C 292 -0.42 64.48 10.85
N ARG C 293 -0.04 65.46 11.66
CA ARG C 293 -0.28 66.84 11.31
C ARG C 293 0.41 67.19 10.00
N ARG C 294 1.60 66.64 9.79
CA ARG C 294 2.35 66.91 8.56
C ARG C 294 1.71 66.22 7.36
N HIS C 295 1.22 65.01 7.57
CA HIS C 295 0.46 64.28 6.56
C HIS C 295 -0.69 65.15 6.06
N ARG C 296 -1.48 65.70 7.00
CA ARG C 296 -2.65 66.50 6.64
C ARG C 296 -2.28 67.81 5.97
N GLU C 297 -1.21 68.44 6.46
CA GLU C 297 -0.74 69.69 5.89
C GLU C 297 -0.27 69.48 4.45
N ASN C 298 0.45 68.39 4.20
CA ASN C 298 0.89 68.06 2.84
C ASN C 298 -0.33 67.73 1.99
N ALA C 299 -1.32 67.05 2.56
CA ALA C 299 -2.55 66.75 1.82
C ALA C 299 -3.32 68.04 1.46
N ALA C 300 -3.39 68.99 2.39
CA ALA C 300 -4.06 70.28 2.13
C ALA C 300 -3.37 71.05 1.02
N PHE C 301 -2.04 70.97 0.99
CA PHE C 301 -1.26 71.63 -0.06
C PHE C 301 -1.63 71.09 -1.43
N TYR C 302 -1.67 69.76 -1.54
CA TYR C 302 -2.02 69.10 -2.79
C TYR C 302 -3.45 69.44 -3.24
N ASP C 303 -4.40 69.41 -2.32
CA ASP C 303 -5.81 69.71 -2.62
C ASP C 303 -5.98 71.06 -3.33
N LYS C 304 -5.27 72.09 -2.85
CA LYS C 304 -5.34 73.38 -3.49
C LYS C 304 -4.53 73.43 -4.78
N GLU C 305 -3.27 72.99 -4.73
CA GLU C 305 -2.38 73.18 -5.88
C GLU C 305 -2.63 72.21 -7.03
N LEU C 306 -3.20 71.05 -6.74
CA LEU C 306 -3.41 70.05 -7.79
C LEU C 306 -4.81 70.12 -8.38
N ALA C 307 -5.60 71.07 -7.91
CA ALA C 307 -6.96 71.21 -8.38
C ALA C 307 -7.03 71.87 -9.75
N GLY C 308 -7.91 71.34 -10.60
CA GLY C 308 -8.14 71.89 -11.93
C GLY C 308 -7.11 71.51 -12.97
N ILE C 309 -6.26 70.54 -12.65
CA ILE C 309 -5.29 70.03 -13.61
C ILE C 309 -5.90 68.94 -14.48
N ASP C 310 -5.74 69.08 -15.79
CA ASP C 310 -6.27 68.15 -16.77
C ASP C 310 -5.67 66.78 -16.59
N GLY C 311 -6.55 65.79 -16.46
CA GLY C 311 -6.12 64.43 -16.26
C GLY C 311 -5.98 64.05 -14.80
N VAL C 312 -6.34 64.97 -13.91
CA VAL C 312 -6.20 64.71 -12.47
C VAL C 312 -7.52 64.91 -11.71
N GLU C 313 -8.13 63.82 -11.23
CA GLU C 313 -9.35 63.89 -10.41
C GLU C 313 -9.07 63.56 -8.95
N GLN C 314 -9.52 64.42 -8.06
CA GLN C 314 -9.27 64.22 -6.65
C GLN C 314 -10.41 63.48 -5.94
N THR C 315 -10.15 63.11 -4.70
CA THR C 315 -11.10 62.39 -3.86
C THR C 315 -12.02 63.37 -3.12
N GLU C 316 -13.27 62.96 -2.87
CA GLU C 316 -14.24 63.72 -2.09
C GLU C 316 -13.68 64.21 -0.75
N ARG C 317 -14.12 65.38 -0.30
CA ARG C 317 -13.74 65.92 0.99
C ARG C 317 -14.96 66.42 1.71
N ALA C 318 -15.30 65.79 2.82
CA ALA C 318 -16.47 66.21 3.59
C ALA C 318 -16.04 67.07 4.78
N ASP C 319 -16.92 67.96 5.21
CA ASP C 319 -16.57 68.82 6.34
C ASP C 319 -16.64 68.09 7.68
N ASP C 320 -17.36 66.98 7.70
CA ASP C 320 -17.72 66.32 8.94
C ASP C 320 -16.77 65.18 9.34
N ARG C 321 -15.56 65.18 8.79
CA ARG C 321 -14.58 64.16 9.14
C ARG C 321 -13.17 64.65 8.92
N GLU C 322 -12.21 64.07 9.60
CA GLU C 322 -10.85 64.56 9.51
C GLU C 322 -9.95 63.43 9.01
N PRO C 323 -9.73 63.34 7.68
CA PRO C 323 -8.95 62.24 7.08
C PRO C 323 -7.49 62.19 7.53
N ALA C 324 -6.90 61.01 7.47
CA ALA C 324 -5.52 60.83 7.91
C ALA C 324 -4.51 60.93 6.77
N PHE C 325 -4.98 60.70 5.55
CA PHE C 325 -4.13 60.79 4.37
C PHE C 325 -2.83 60.04 4.56
N TRP C 326 -2.90 58.74 4.78
CA TRP C 326 -1.69 57.95 4.86
C TRP C 326 -0.90 58.03 3.55
N MET C 327 -1.62 57.98 2.44
CA MET C 327 -1.07 58.30 1.12
C MET C 327 -2.04 59.27 0.45
N TYR C 328 -1.63 59.92 -0.63
CA TYR C 328 -2.53 60.88 -1.31
C TYR C 328 -3.10 60.30 -2.60
N PRO C 329 -4.43 60.16 -2.69
CA PRO C 329 -5.08 59.54 -3.85
C PRO C 329 -5.34 60.46 -5.04
N LEU C 330 -5.13 59.94 -6.24
CA LEU C 330 -5.58 60.61 -7.45
C LEU C 330 -6.11 59.58 -8.43
N LYS C 331 -7.02 60.02 -9.30
CA LYS C 331 -7.45 59.25 -10.45
C LYS C 331 -6.99 59.94 -11.72
N VAL C 332 -6.11 59.28 -12.47
CA VAL C 332 -5.44 59.95 -13.57
C VAL C 332 -5.72 59.27 -14.90
N ARG C 333 -5.88 60.08 -15.94
CA ARG C 333 -5.94 59.55 -17.30
C ARG C 333 -4.56 59.00 -17.62
N ASP C 334 -4.53 57.93 -18.41
CA ASP C 334 -3.29 57.35 -18.89
C ASP C 334 -2.29 57.10 -17.74
N ARG C 335 -2.71 56.36 -16.71
CA ARG C 335 -1.88 56.10 -15.54
C ARG C 335 -0.45 55.54 -15.75
N PRO C 336 -0.26 54.58 -16.69
CA PRO C 336 1.10 54.06 -16.88
C PRO C 336 2.12 55.14 -17.23
N ALA C 337 1.72 56.09 -18.06
CA ALA C 337 2.61 57.20 -18.39
C ALA C 337 2.83 58.09 -17.18
N PHE C 338 1.79 58.26 -16.36
CA PHE C 338 1.86 59.10 -15.17
C PHE C 338 2.93 58.62 -14.21
N MET C 339 2.86 57.34 -13.85
CA MET C 339 3.79 56.79 -12.90
C MET C 339 5.22 56.83 -13.43
N ARG C 340 5.37 56.55 -14.71
CA ARG C 340 6.70 56.54 -15.30
C ARG C 340 7.31 57.94 -15.23
N ARG C 341 6.48 58.95 -15.54
CA ARG C 341 6.93 60.34 -15.51
C ARG C 341 7.38 60.69 -14.11
N LEU C 342 6.55 60.34 -13.12
CA LEU C 342 6.86 60.67 -11.74
C LEU C 342 8.07 59.89 -11.25
N LEU C 343 8.27 58.70 -11.82
CA LEU C 343 9.41 57.89 -11.44
C LEU C 343 10.73 58.49 -11.93
N ASP C 344 10.72 59.06 -13.14
CA ASP C 344 11.91 59.72 -13.69
C ASP C 344 12.28 60.94 -12.87
N ALA C 345 11.28 61.54 -12.22
CA ALA C 345 11.51 62.71 -11.39
C ALA C 345 11.83 62.31 -9.95
N GLY C 346 11.97 61.00 -9.72
CA GLY C 346 12.33 60.50 -8.41
C GLY C 346 11.16 60.45 -7.45
N ILE C 347 9.95 60.30 -7.99
CA ILE C 347 8.75 60.24 -7.18
C ILE C 347 8.14 58.85 -7.25
N ALA C 348 8.14 58.17 -6.10
CA ALA C 348 7.52 56.86 -5.99
C ALA C 348 5.99 56.96 -6.07
N THR C 349 5.38 55.94 -6.65
CA THR C 349 3.97 55.96 -6.98
C THR C 349 3.44 54.52 -7.03
N SER C 350 2.21 54.28 -6.61
CA SER C 350 1.73 52.89 -6.60
C SER C 350 0.21 52.71 -6.69
N VAL C 351 -0.20 51.60 -7.31
CA VAL C 351 -1.59 51.15 -7.33
C VAL C 351 -1.92 50.54 -5.96
N VAL C 352 -0.84 50.25 -5.22
CA VAL C 352 -0.86 49.73 -3.85
C VAL C 352 -1.23 48.24 -3.78
N SER C 353 -2.42 47.86 -4.25
CA SER C 353 -2.78 46.45 -4.37
C SER C 353 -3.75 46.26 -5.52
N ARG C 354 -3.82 45.06 -6.06
CA ARG C 354 -4.76 44.75 -7.14
C ARG C 354 -6.17 44.65 -6.58
N ARG C 355 -7.17 45.07 -7.36
CA ARG C 355 -8.56 44.86 -6.96
C ARG C 355 -8.72 43.37 -6.61
N ASN C 356 -9.07 43.07 -5.36
CA ASN C 356 -9.03 41.68 -4.89
C ASN C 356 -9.99 40.74 -5.65
N ASP C 357 -11.07 41.28 -6.20
CA ASP C 357 -12.08 40.47 -6.87
C ASP C 357 -11.53 39.81 -8.12
N ALA C 358 -10.37 40.25 -8.58
CA ALA C 358 -9.78 39.74 -9.81
C ALA C 358 -8.89 38.52 -9.57
N HIS C 359 -8.54 38.27 -8.30
CA HIS C 359 -7.67 37.14 -7.98
C HIS C 359 -8.37 35.82 -8.27
N SER C 360 -7.61 34.85 -8.79
CA SER C 360 -8.08 33.49 -9.12
C SER C 360 -8.76 32.80 -7.95
N CYS C 361 -8.14 32.94 -6.79
CA CYS C 361 -8.54 32.20 -5.59
C CYS C 361 -9.97 32.55 -5.16
N VAL C 362 -10.52 33.63 -5.70
CA VAL C 362 -11.87 34.08 -5.39
C VAL C 362 -12.66 34.20 -6.68
N ALA C 363 -12.36 33.34 -7.64
CA ALA C 363 -13.03 33.37 -8.92
C ALA C 363 -14.54 33.21 -8.78
N SER C 364 -14.94 32.49 -7.74
CA SER C 364 -16.35 32.12 -7.53
C SER C 364 -17.21 33.31 -7.12
N ALA C 365 -16.59 34.31 -6.52
CA ALA C 365 -17.31 35.47 -6.02
C ALA C 365 -17.34 36.63 -7.02
N ARG C 366 -16.72 36.46 -8.19
CA ARG C 366 -16.60 37.56 -9.12
C ARG C 366 -17.92 37.97 -9.73
N THR C 367 -18.19 39.26 -9.66
CA THR C 367 -19.45 39.84 -10.08
C THR C 367 -19.10 41.22 -10.59
N THR C 368 -19.93 41.77 -11.47
CA THR C 368 -19.58 43.02 -12.12
C THR C 368 -19.76 44.21 -11.17
N LEU C 369 -18.70 45.01 -11.06
CA LEU C 369 -18.68 46.17 -10.18
C LEU C 369 -18.37 47.45 -10.96
N PRO C 370 -19.42 48.12 -11.45
CA PRO C 370 -19.29 49.22 -12.40
C PRO C 370 -18.50 50.36 -11.80
N GLY C 371 -18.67 50.62 -10.51
CA GLY C 371 -17.92 51.66 -9.84
C GLY C 371 -16.42 51.39 -9.79
N LEU C 372 -16.09 50.16 -9.42
CA LEU C 372 -14.70 49.73 -9.31
C LEU C 372 -14.04 49.72 -10.68
N ASP C 373 -14.76 49.24 -11.68
CA ASP C 373 -14.27 49.22 -13.05
C ASP C 373 -13.84 50.62 -13.46
N ARG C 374 -14.58 51.60 -12.95
CA ARG C 374 -14.43 53.00 -13.30
C ARG C 374 -13.17 53.67 -12.75
N VAL C 375 -12.58 53.10 -11.69
CA VAL C 375 -11.37 53.68 -11.09
C VAL C 375 -10.16 52.75 -11.09
N ALA C 376 -10.36 51.46 -11.31
CA ALA C 376 -9.28 50.48 -11.17
C ALA C 376 -8.06 50.85 -12.03
N ASP C 377 -8.30 51.35 -13.24
CA ASP C 377 -7.19 51.68 -14.12
C ASP C 377 -6.73 53.13 -14.01
N ARG C 378 -7.39 53.89 -13.15
CA ARG C 378 -7.08 55.31 -12.98
C ARG C 378 -6.50 55.64 -11.61
N VAL C 379 -6.85 54.87 -10.59
CA VAL C 379 -6.44 55.19 -9.22
C VAL C 379 -4.92 55.05 -9.07
N VAL C 380 -4.32 56.00 -8.36
CA VAL C 380 -2.89 56.05 -8.15
C VAL C 380 -2.62 56.78 -6.82
N HIS C 381 -1.50 56.48 -6.18
CA HIS C 381 -1.16 57.03 -4.87
C HIS C 381 0.18 57.73 -4.90
N ILE C 382 0.29 58.81 -4.15
CA ILE C 382 1.42 59.71 -4.25
C ILE C 382 2.04 60.01 -2.87
N PRO C 383 3.37 60.28 -2.82
CA PRO C 383 3.96 60.61 -1.51
C PRO C 383 3.35 61.86 -0.89
N VAL C 384 2.94 61.76 0.38
CA VAL C 384 2.30 62.84 1.12
C VAL C 384 2.72 62.80 2.58
N GLY C 385 3.44 61.75 2.96
CA GLY C 385 3.79 61.53 4.36
C GLY C 385 4.70 62.56 5.03
N TRP C 386 4.97 62.31 6.31
CA TRP C 386 5.67 63.25 7.20
C TRP C 386 7.10 63.53 6.80
N TRP C 387 7.65 62.71 5.90
CA TRP C 387 9.06 62.83 5.53
C TRP C 387 9.32 63.82 4.37
N LEU C 388 8.26 64.33 3.76
CA LEU C 388 8.42 65.30 2.68
C LEU C 388 8.86 66.65 3.21
N THR C 389 9.96 67.20 2.68
CA THR C 389 10.28 68.61 2.95
C THR C 389 9.38 69.46 2.07
N GLU C 390 9.34 70.75 2.34
CA GLU C 390 8.55 71.69 1.54
C GLU C 390 8.96 71.64 0.06
N ASP C 391 10.25 71.51 -0.21
CA ASP C 391 10.71 71.38 -1.59
C ASP C 391 10.24 70.08 -2.25
N ASP C 392 10.27 68.97 -1.50
CA ASP C 392 9.78 67.68 -1.98
C ASP C 392 8.35 67.78 -2.48
N ARG C 393 7.55 68.51 -1.70
CA ARG C 393 6.14 68.71 -1.97
C ARG C 393 5.89 69.51 -3.24
N SER C 394 6.61 70.61 -3.40
CA SER C 394 6.52 71.40 -4.62
C SER C 394 6.95 70.63 -5.85
N HIS C 395 7.97 69.81 -5.69
CA HIS C 395 8.50 69.06 -6.83
C HIS C 395 7.47 68.09 -7.42
N VAL C 396 6.73 67.43 -6.52
CA VAL C 396 5.65 66.53 -6.92
C VAL C 396 4.59 67.33 -7.69
N VAL C 397 4.09 68.41 -7.10
CA VAL C 397 3.10 69.25 -7.75
C VAL C 397 3.65 69.75 -9.08
N GLU C 398 4.91 70.18 -9.09
CA GLU C 398 5.51 70.72 -10.31
C GLU C 398 5.59 69.66 -11.41
N THR C 399 5.92 68.44 -11.01
CA THR C 399 6.05 67.32 -11.94
C THR C 399 4.71 66.98 -12.58
N ILE C 400 3.64 66.92 -11.78
CA ILE C 400 2.31 66.67 -12.30
C ILE C 400 1.86 67.77 -13.24
N LYS C 401 2.17 69.01 -12.88
CA LYS C 401 1.81 70.15 -13.71
C LYS C 401 2.64 70.16 -14.99
N SER C 402 3.77 69.46 -14.98
CA SER C 402 4.61 69.38 -16.17
C SER C 402 4.00 68.43 -17.18
N GLY C 403 2.88 67.79 -16.80
CA GLY C 403 2.16 66.92 -17.71
C GLY C 403 2.83 65.59 -17.95
N TRP C 404 2.14 64.70 -18.67
CA TRP C 404 2.68 63.38 -19.00
C TRP C 404 1.96 62.75 -20.20
N MET D 29 11.25 29.50 43.12
CA MET D 29 12.56 30.14 43.25
C MET D 29 13.62 29.47 42.36
N ILE D 30 13.50 28.17 42.16
CA ILE D 30 14.20 27.50 41.06
C ILE D 30 13.16 27.31 39.98
N PRO D 31 13.19 28.17 38.96
CA PRO D 31 12.11 28.22 37.96
C PRO D 31 12.10 27.04 36.99
N LEU D 32 10.91 26.77 36.45
CA LEU D 32 10.70 25.68 35.51
C LEU D 32 11.16 26.10 34.12
N SER D 33 11.06 27.40 33.84
CA SER D 33 11.44 27.95 32.55
C SER D 33 12.11 29.31 32.69
N LYS D 34 12.92 29.67 31.71
CA LYS D 34 13.58 30.97 31.76
C LYS D 34 13.92 31.46 30.35
N VAL D 35 13.73 32.76 30.13
CA VAL D 35 14.07 33.38 28.86
C VAL D 35 15.58 33.49 28.72
N ALA D 36 16.08 33.01 27.59
CA ALA D 36 17.51 33.05 27.30
C ALA D 36 17.82 34.15 26.30
N MET D 37 18.35 35.26 26.79
CA MET D 37 18.59 36.39 25.90
C MET D 37 20.05 36.78 25.91
N SER D 38 20.68 36.73 24.74
CA SER D 38 22.08 37.08 24.61
C SER D 38 22.31 38.50 25.09
N PRO D 39 23.45 38.74 25.74
CA PRO D 39 23.71 40.12 26.14
C PRO D 39 24.00 41.01 24.94
N ASP D 40 24.22 40.43 23.75
CA ASP D 40 24.53 41.23 22.57
C ASP D 40 23.26 41.69 21.84
N VAL D 41 22.12 41.15 22.23
CA VAL D 41 20.87 41.35 21.49
C VAL D 41 20.48 42.81 21.44
N SER D 42 20.63 43.48 22.57
CA SER D 42 20.19 44.85 22.70
C SER D 42 20.89 45.78 21.68
N THR D 43 22.18 45.60 21.50
CA THR D 43 22.89 46.44 20.55
C THR D 43 22.38 46.17 19.13
N ARG D 44 22.26 44.90 18.80
CA ARG D 44 21.82 44.46 17.49
C ARG D 44 20.40 44.96 17.17
N VAL D 45 19.46 44.83 18.11
CA VAL D 45 18.09 45.22 17.85
C VAL D 45 17.99 46.73 17.58
N SER D 46 18.72 47.52 18.34
CA SER D 46 18.69 48.97 18.17
C SER D 46 19.09 49.39 16.75
N ALA D 47 20.05 48.68 16.17
CA ALA D 47 20.51 48.94 14.81
C ALA D 47 19.41 48.65 13.78
N VAL D 48 18.71 47.52 13.97
CA VAL D 48 17.57 47.16 13.14
C VAL D 48 16.44 48.20 13.21
N LEU D 49 16.15 48.68 14.42
CA LEU D 49 15.04 49.61 14.62
C LEU D 49 15.23 50.93 13.87
N SER D 50 16.48 51.35 13.70
CA SER D 50 16.79 52.60 13.02
C SER D 50 17.09 52.41 11.53
N SER D 51 16.91 51.21 11.02
CA SER D 51 17.35 50.88 9.65
C SER D 51 16.36 51.25 8.55
N GLY D 52 15.09 51.41 8.90
CA GLY D 52 14.06 51.65 7.90
C GLY D 52 13.54 50.36 7.27
N ARG D 53 14.04 49.22 7.72
CA ARG D 53 13.53 47.91 7.30
C ARG D 53 13.11 47.09 8.46
N LEU D 54 11.80 46.95 8.66
CA LEU D 54 11.30 46.15 9.78
C LEU D 54 10.59 44.87 9.36
N GLU D 55 9.99 44.83 8.16
CA GLU D 55 9.34 43.61 7.67
C GLU D 55 9.86 43.31 6.26
N HIS D 56 9.79 42.03 5.87
CA HIS D 56 10.29 41.56 4.57
C HIS D 56 11.77 41.93 4.35
N GLY D 57 12.56 41.97 5.42
CA GLY D 57 13.93 42.40 5.30
C GLY D 57 14.99 41.32 5.24
N PRO D 58 16.25 41.74 5.05
CA PRO D 58 17.32 40.76 4.87
C PRO D 58 17.76 40.04 6.15
N THR D 59 17.54 40.63 7.32
CA THR D 59 17.97 40.00 8.57
C THR D 59 17.24 38.67 8.80
N VAL D 60 15.94 38.65 8.54
CA VAL D 60 15.12 37.44 8.63
C VAL D 60 15.65 36.38 7.64
N ALA D 61 16.05 36.83 6.45
CA ALA D 61 16.66 35.95 5.45
C ALA D 61 17.98 35.33 5.92
N GLU D 62 18.82 36.14 6.57
CA GLU D 62 20.08 35.66 7.11
C GLU D 62 19.79 34.64 8.20
N TYR D 63 18.78 34.95 9.02
CA TYR D 63 18.38 34.07 10.09
C TYR D 63 17.91 32.71 9.54
N GLU D 64 17.00 32.73 8.56
CA GLU D 64 16.52 31.50 7.95
C GLU D 64 17.66 30.68 7.36
N ALA D 65 18.59 31.34 6.70
CA ALA D 65 19.73 30.66 6.10
C ALA D 65 20.59 30.01 7.18
N ALA D 66 20.79 30.71 8.29
CA ALA D 66 21.60 30.21 9.40
C ALA D 66 20.97 28.99 10.05
N VAL D 67 19.67 29.08 10.29
CA VAL D 67 18.90 27.98 10.84
C VAL D 67 19.00 26.80 9.88
N GLY D 68 18.80 27.07 8.60
CA GLY D 68 18.85 26.03 7.60
C GLY D 68 20.17 25.29 7.54
N SER D 69 21.26 26.02 7.74
CA SER D 69 22.60 25.46 7.64
C SER D 69 22.87 24.54 8.82
N ARG D 70 22.29 24.88 9.97
CA ARG D 70 22.44 24.09 11.19
C ARG D 70 21.61 22.79 11.13
N ILE D 71 20.37 22.91 10.70
CA ILE D 71 19.49 21.75 10.59
C ILE D 71 19.96 20.82 9.46
N GLY D 72 20.57 21.38 8.42
CA GLY D 72 21.02 20.61 7.27
C GLY D 72 19.92 20.46 6.23
N ASN D 73 18.90 21.31 6.34
CA ASN D 73 17.79 21.38 5.38
C ASN D 73 17.50 22.86 5.16
N PRO D 74 17.84 23.37 3.97
CA PRO D 74 17.77 24.81 3.66
C PRO D 74 16.35 25.36 3.50
N ARG D 75 15.36 24.48 3.37
CA ARG D 75 13.99 24.92 3.16
C ARG D 75 13.36 25.40 4.45
N VAL D 76 13.86 26.53 4.97
CA VAL D 76 13.37 27.06 6.24
C VAL D 76 12.50 28.29 5.96
N VAL D 77 11.24 28.23 6.41
CA VAL D 77 10.30 29.33 6.26
C VAL D 77 9.95 29.84 7.65
N SER D 78 10.51 31.00 8.02
CA SER D 78 10.24 31.60 9.34
C SER D 78 8.80 32.12 9.42
N VAL D 79 8.24 32.17 10.63
CA VAL D 79 6.87 32.64 10.87
C VAL D 79 6.82 33.41 12.18
N ASN D 80 5.72 34.10 12.47
CA ASN D 80 5.72 35.01 13.62
C ASN D 80 5.44 34.31 14.97
N CYS D 81 5.10 33.03 14.93
CA CYS D 81 5.02 32.18 16.13
C CYS D 81 4.88 30.74 15.66
N GLY D 82 5.07 29.80 16.56
CA GLY D 82 4.98 28.39 16.25
C GLY D 82 3.57 27.94 15.89
N THR D 83 2.58 28.47 16.62
CA THR D 83 1.20 28.12 16.34
C THR D 83 0.86 28.46 14.90
N ALA D 84 1.37 29.60 14.45
CA ALA D 84 1.16 30.05 13.08
C ALA D 84 1.81 29.07 12.13
N GLY D 85 2.95 28.53 12.55
CA GLY D 85 3.65 27.53 11.77
C GLY D 85 2.81 26.31 11.52
N LEU D 86 2.13 25.83 12.55
CA LEU D 86 1.25 24.67 12.47
C LEU D 86 0.04 25.00 11.60
N HIS D 87 -0.51 26.19 11.83
CA HIS D 87 -1.63 26.69 11.07
C HIS D 87 -1.27 26.69 9.58
N LEU D 88 -0.12 27.27 9.28
CA LEU D 88 0.36 27.36 7.92
C LEU D 88 0.58 25.97 7.31
N ALA D 89 1.23 25.08 8.05
CA ALA D 89 1.45 23.72 7.56
C ALA D 89 0.13 22.94 7.42
N LEU D 90 -0.76 23.03 8.40
CA LEU D 90 -2.02 22.28 8.27
C LEU D 90 -2.88 22.77 7.12
N SER D 91 -2.68 24.01 6.70
CA SER D 91 -3.41 24.54 5.57
C SER D 91 -3.04 23.77 4.30
N LEU D 92 -1.87 23.13 4.29
CA LEU D 92 -1.54 22.26 3.18
C LEU D 92 -2.51 21.07 3.13
N ALA D 93 -2.90 20.60 4.31
CA ALA D 93 -3.78 19.44 4.41
C ALA D 93 -5.19 19.84 4.00
N ALA D 94 -5.65 20.96 4.52
CA ALA D 94 -6.97 21.48 4.20
C ALA D 94 -7.06 21.92 2.72
N ARG D 95 -6.04 22.61 2.20
CA ARG D 95 -6.04 23.10 0.81
C ARG D 95 -4.77 22.69 0.07
N PRO D 96 -4.77 21.51 -0.56
CA PRO D 96 -3.54 20.88 -1.09
C PRO D 96 -2.66 21.67 -2.10
N GLY D 97 -3.17 22.35 -3.12
CA GLY D 97 -4.59 22.52 -3.42
C GLY D 97 -4.82 23.83 -4.15
N ALA D 98 -5.89 23.87 -4.96
CA ALA D 98 -6.25 25.09 -5.67
C ALA D 98 -7.75 25.15 -5.94
N PRO D 106 -15.48 17.07 5.86
CA PRO D 106 -15.12 15.65 5.97
C PRO D 106 -13.66 15.43 6.40
N GLY D 107 -12.79 16.41 6.21
CA GLY D 107 -11.37 16.26 6.52
C GLY D 107 -10.98 16.14 8.00
N GLU D 108 -10.09 15.20 8.32
CA GLU D 108 -9.65 14.95 9.69
C GLU D 108 -8.15 15.05 9.89
N VAL D 109 -7.75 15.31 11.13
CA VAL D 109 -6.35 15.29 11.52
C VAL D 109 -6.22 14.37 12.74
N LEU D 110 -5.34 13.38 12.66
CA LEU D 110 -5.02 12.54 13.81
C LEU D 110 -3.92 13.18 14.63
N THR D 111 -4.14 13.36 15.91
CA THR D 111 -3.19 14.12 16.73
C THR D 111 -3.15 13.65 18.20
N THR D 112 -2.22 14.20 18.97
CA THR D 112 -2.13 13.83 20.37
C THR D 112 -2.77 14.91 21.24
N PRO D 113 -3.49 14.49 22.29
CA PRO D 113 -4.11 15.47 23.19
C PRO D 113 -3.14 15.93 24.27
N LEU D 114 -2.03 15.22 24.45
CA LEU D 114 -1.03 15.60 25.42
C LEU D 114 0.01 16.53 24.80
N THR D 115 -0.26 17.83 24.89
CA THR D 115 0.55 18.89 24.28
C THR D 115 -0.05 20.26 24.59
N PHE D 116 0.65 21.31 24.17
CA PHE D 116 0.10 22.67 24.27
C PHE D 116 -1.09 22.81 23.31
N GLU D 117 -2.11 23.57 23.69
CA GLU D 117 -3.29 23.76 22.85
C GLU D 117 -2.98 24.34 21.47
N GLY D 118 -1.87 25.06 21.39
CA GLY D 118 -1.39 25.59 20.13
C GLY D 118 -1.10 24.51 19.09
N THR D 119 -0.89 23.29 19.56
CA THR D 119 -0.69 22.20 18.63
C THR D 119 -1.96 21.91 17.85
N ASN D 120 -3.09 21.98 18.55
CA ASN D 120 -4.33 21.41 18.04
C ASN D 120 -5.40 22.39 17.53
N TRP D 121 -5.47 23.60 18.08
CA TRP D 121 -6.44 24.57 17.57
C TRP D 121 -6.21 24.96 16.10
N PRO D 122 -4.95 24.95 15.62
CA PRO D 122 -4.83 25.14 14.16
C PRO D 122 -5.55 24.08 13.33
N ILE D 123 -5.80 22.91 13.89
CA ILE D 123 -6.59 21.92 13.17
C ILE D 123 -8.01 22.46 12.96
N LEU D 124 -8.58 23.06 14.01
CA LEU D 124 -9.93 23.61 13.95
C LEU D 124 -9.97 24.91 13.12
N ALA D 125 -8.92 25.72 13.23
CA ALA D 125 -8.82 26.96 12.49
C ALA D 125 -8.81 26.72 10.97
N ASN D 126 -8.29 25.57 10.57
CA ASN D 126 -8.24 25.12 9.19
C ASN D 126 -9.48 24.33 8.76
N GLY D 127 -10.49 24.28 9.62
CA GLY D 127 -11.76 23.60 9.29
C GLY D 127 -11.71 22.09 9.24
N LEU D 128 -10.73 21.48 9.91
CA LEU D 128 -10.58 20.02 9.92
C LEU D 128 -11.12 19.46 11.22
N ARG D 129 -11.56 18.21 11.20
CA ARG D 129 -12.03 17.54 12.42
C ARG D 129 -10.84 17.00 13.21
N ILE D 130 -10.89 17.13 14.54
CA ILE D 130 -9.87 16.54 15.38
C ILE D 130 -10.23 15.08 15.68
N ARG D 131 -9.27 14.20 15.48
CA ARG D 131 -9.40 12.83 15.94
C ARG D 131 -8.26 12.52 16.91
N TRP D 132 -8.59 12.12 18.14
CA TRP D 132 -7.56 11.91 19.15
C TRP D 132 -6.90 10.54 18.99
N VAL D 133 -5.57 10.54 19.12
CA VAL D 133 -4.79 9.31 19.20
C VAL D 133 -4.30 9.17 20.65
N ASP D 134 -4.26 7.94 21.15
CA ASP D 134 -3.81 7.67 22.50
C ASP D 134 -2.32 8.05 22.71
N VAL D 135 -1.92 8.16 23.97
CA VAL D 135 -0.55 8.50 24.32
C VAL D 135 0.18 7.25 24.84
N ASP D 136 1.43 7.11 24.43
CA ASP D 136 2.32 6.08 24.96
C ASP D 136 2.84 6.51 26.32
N PRO D 137 2.46 5.78 27.38
CA PRO D 137 2.81 6.13 28.76
C PRO D 137 4.31 6.12 29.04
N ALA D 138 5.10 5.52 28.16
CA ALA D 138 6.55 5.45 28.33
C ALA D 138 7.28 6.68 27.78
N THR D 139 6.74 7.31 26.73
CA THR D 139 7.42 8.46 26.13
C THR D 139 6.68 9.78 26.30
N LEU D 140 5.40 9.70 26.67
CA LEU D 140 4.47 10.84 26.67
C LEU D 140 4.14 11.34 25.26
N ASN D 141 4.60 10.62 24.24
CA ASN D 141 4.28 10.97 22.85
C ASN D 141 3.18 10.06 22.31
N MET D 142 2.80 10.25 21.06
CA MET D 142 1.71 9.49 20.45
C MET D 142 1.96 7.97 20.43
N ASP D 143 0.92 7.21 20.74
CA ASP D 143 0.90 5.76 20.60
C ASP D 143 0.81 5.40 19.12
N LEU D 144 1.92 4.95 18.54
CA LEU D 144 1.95 4.72 17.10
C LEU D 144 1.10 3.52 16.67
N ASP D 145 0.78 2.64 17.61
CA ASP D 145 -0.08 1.50 17.29
C ASP D 145 -1.53 1.93 17.30
N ASP D 146 -1.88 2.82 18.23
CA ASP D 146 -3.22 3.36 18.25
C ASP D 146 -3.41 4.18 16.98
N LEU D 147 -2.35 4.88 16.56
CA LEU D 147 -2.39 5.64 15.31
C LEU D 147 -2.70 4.77 14.11
N ALA D 148 -1.97 3.66 14.04
CA ALA D 148 -2.09 2.67 12.98
C ALA D 148 -3.52 2.22 12.86
N ALA D 149 -4.17 2.10 14.01
CA ALA D 149 -5.53 1.64 14.06
C ALA D 149 -6.50 2.72 13.56
N LYS D 150 -6.20 3.99 13.80
CA LYS D 150 -7.17 5.06 13.52
C LYS D 150 -6.97 5.76 12.18
N ILE D 151 -5.90 5.43 11.47
CA ILE D 151 -5.64 6.11 10.20
C ILE D 151 -6.66 5.70 9.17
N SER D 152 -7.18 6.70 8.46
CA SER D 152 -8.33 6.54 7.58
C SER D 152 -8.17 7.34 6.28
N PRO D 153 -8.92 6.99 5.22
CA PRO D 153 -8.99 7.84 4.03
C PRO D 153 -9.47 9.27 4.32
N ALA D 154 -10.11 9.46 5.47
CA ALA D 154 -10.59 10.79 5.87
C ALA D 154 -9.49 11.60 6.55
N THR D 155 -8.39 10.93 6.87
CA THR D 155 -7.24 11.55 7.52
C THR D 155 -6.48 12.45 6.54
N ARG D 156 -6.51 13.77 6.73
CA ARG D 156 -5.79 14.67 5.83
C ARG D 156 -4.36 14.87 6.32
N ALA D 157 -4.17 14.77 7.64
CA ALA D 157 -2.86 15.01 8.22
C ALA D 157 -2.71 14.27 9.54
N ILE D 158 -1.46 14.03 9.93
CA ILE D 158 -1.15 13.45 11.24
C ILE D 158 -0.19 14.41 11.92
N VAL D 159 -0.52 14.84 13.14
CA VAL D 159 0.36 15.74 13.89
C VAL D 159 0.95 14.98 15.10
N VAL D 160 2.27 14.83 15.10
CA VAL D 160 2.94 14.20 16.22
C VAL D 160 3.73 15.28 16.93
N VAL D 161 3.77 15.18 18.25
CA VAL D 161 4.51 16.12 19.06
C VAL D 161 5.72 15.48 19.71
N HIS D 162 6.88 16.08 19.53
CA HIS D 162 8.07 15.70 20.25
C HIS D 162 8.05 16.31 21.64
N TRP D 163 7.29 15.71 22.55
CA TRP D 163 7.12 16.29 23.88
C TRP D 163 8.44 16.43 24.63
N LEU D 164 8.67 17.63 25.15
CA LEU D 164 9.88 18.00 25.90
C LEU D 164 11.15 17.87 25.07
N GLY D 165 11.03 17.66 23.77
CA GLY D 165 12.19 17.47 22.93
C GLY D 165 12.67 16.02 22.92
N TYR D 166 11.79 15.13 23.38
CA TYR D 166 12.08 13.71 23.24
C TYR D 166 11.55 13.27 21.89
N PRO D 167 12.44 12.86 21.00
CA PRO D 167 12.01 12.52 19.64
C PRO D 167 11.05 11.33 19.55
N VAL D 168 9.94 11.54 18.85
CA VAL D 168 9.07 10.48 18.38
C VAL D 168 9.88 9.48 17.57
N ASP D 169 9.56 8.20 17.66
CA ASP D 169 10.24 7.22 16.81
C ASP D 169 9.76 7.41 15.36
N LEU D 170 10.47 8.25 14.61
CA LEU D 170 10.00 8.63 13.28
C LEU D 170 10.05 7.49 12.27
N ASN D 171 11.03 6.59 12.41
CA ASN D 171 11.16 5.42 11.52
C ASN D 171 9.89 4.58 11.54
N ARG D 172 9.37 4.37 12.75
CA ARG D 172 8.14 3.61 12.98
C ARG D 172 6.91 4.39 12.49
N LEU D 173 6.89 5.69 12.77
CA LEU D 173 5.83 6.57 12.30
C LEU D 173 5.68 6.43 10.79
N ARG D 174 6.80 6.35 10.08
CA ARG D 174 6.77 6.26 8.63
C ARG D 174 6.17 4.94 8.19
N ALA D 175 6.60 3.85 8.84
CA ALA D 175 6.09 2.52 8.52
C ALA D 175 4.61 2.39 8.83
N VAL D 176 4.19 2.98 9.94
CA VAL D 176 2.80 2.86 10.37
C VAL D 176 1.89 3.56 9.37
N VAL D 177 2.28 4.77 9.00
CA VAL D 177 1.54 5.59 8.06
C VAL D 177 1.51 4.95 6.67
N ASP D 178 2.66 4.41 6.27
CA ASP D 178 2.79 3.79 4.96
C ASP D 178 1.97 2.52 4.85
N ARG D 179 1.94 1.73 5.91
CA ARG D 179 1.16 0.51 5.90
C ARG D 179 -0.33 0.85 5.85
N ALA D 180 -0.73 1.81 6.68
CA ALA D 180 -2.12 2.17 6.82
C ALA D 180 -2.73 2.73 5.54
N THR D 181 -1.95 3.45 4.74
CA THR D 181 -2.50 4.18 3.60
C THR D 181 -2.16 3.58 2.22
N ALA D 182 -2.08 2.25 2.18
CA ALA D 182 -1.65 1.52 0.98
C ALA D 182 -2.47 1.86 -0.26
N GLY D 183 -3.79 1.70 -0.15
CA GLY D 183 -4.68 1.98 -1.26
C GLY D 183 -5.15 3.42 -1.38
N TYR D 184 -4.86 4.21 -0.35
CA TYR D 184 -5.55 5.49 -0.10
C TYR D 184 -5.49 6.54 -1.21
N ASP D 185 -4.66 6.32 -2.22
CA ASP D 185 -4.59 7.20 -3.39
C ASP D 185 -4.05 8.62 -3.07
N ARG D 186 -4.03 9.01 -1.79
CA ARG D 186 -3.12 10.09 -1.39
C ARG D 186 -2.70 9.96 0.08
N ARG D 187 -1.38 9.95 0.30
CA ARG D 187 -0.77 9.85 1.63
C ARG D 187 -1.00 11.13 2.43
N PRO D 188 -1.49 10.99 3.68
CA PRO D 188 -1.75 12.16 4.54
C PRO D 188 -0.48 12.92 4.88
N LEU D 189 -0.65 14.19 5.20
CA LEU D 189 0.48 15.05 5.55
C LEU D 189 1.01 14.67 6.92
N VAL D 190 2.31 14.45 7.00
CA VAL D 190 2.92 14.16 8.30
C VAL D 190 3.57 15.42 8.83
N VAL D 191 3.05 15.92 9.95
CA VAL D 191 3.54 17.14 10.57
C VAL D 191 4.14 16.83 11.94
N GLU D 192 5.40 17.21 12.12
CA GLU D 192 6.07 17.08 13.42
C GLU D 192 6.05 18.41 14.18
N ASP D 193 5.40 18.46 15.34
CA ASP D 193 5.49 19.65 16.17
C ASP D 193 6.82 19.65 16.94
N CYS D 194 7.79 20.43 16.46
CA CYS D 194 9.11 20.43 17.08
C CYS D 194 9.32 21.64 17.98
N ALA D 195 8.22 22.22 18.46
CA ALA D 195 8.29 23.49 19.18
C ALA D 195 9.26 23.49 20.35
N GLN D 196 9.33 22.36 21.07
CA GLN D 196 10.21 22.24 22.24
C GLN D 196 11.50 21.46 21.92
N ALA D 197 11.69 21.16 20.64
CA ALA D 197 12.67 20.16 20.25
C ALA D 197 13.91 20.74 19.58
N TRP D 198 14.14 22.05 19.71
CA TRP D 198 15.35 22.63 19.12
C TRP D 198 16.57 21.87 19.64
N GLY D 199 17.39 21.41 18.73
CA GLY D 199 18.60 20.70 19.12
C GLY D 199 18.47 19.20 19.11
N ALA D 200 17.24 18.70 19.15
CA ALA D 200 17.02 17.25 19.24
C ALA D 200 17.54 16.49 18.03
N THR D 201 17.99 15.25 18.27
CA THR D 201 18.50 14.40 17.22
C THR D 201 17.79 13.07 17.21
N TYR D 202 17.57 12.56 16.02
CA TYR D 202 17.04 11.22 15.86
C TYR D 202 17.84 10.48 14.81
N ARG D 203 18.41 9.36 15.22
CA ARG D 203 19.23 8.53 14.36
C ARG D 203 20.35 9.31 13.68
N GLY D 204 20.97 10.21 14.44
CA GLY D 204 22.13 10.93 13.94
C GLY D 204 21.89 12.25 13.24
N ALA D 205 20.63 12.59 12.97
CA ALA D 205 20.28 13.84 12.25
C ALA D 205 19.35 14.73 13.07
N PRO D 206 19.50 16.05 12.93
CA PRO D 206 18.55 16.94 13.60
C PRO D 206 17.15 16.76 13.03
N LEU D 207 16.15 17.02 13.86
CA LEU D 207 14.77 16.96 13.42
C LEU D 207 14.63 18.01 12.35
N GLY D 208 13.81 17.71 11.33
CA GLY D 208 13.65 18.56 10.16
C GLY D 208 14.24 17.92 8.91
N THR D 209 14.92 16.80 9.09
CA THR D 209 15.63 16.10 8.01
C THR D 209 15.11 14.70 7.70
N HIS D 210 13.94 14.37 8.23
CA HIS D 210 13.40 13.02 8.10
C HIS D 210 12.17 12.93 7.16
N GLY D 211 12.01 13.90 6.27
CA GLY D 211 11.02 13.81 5.22
C GLY D 211 9.60 14.26 5.57
N ASN D 212 9.46 14.86 6.75
CA ASN D 212 8.17 15.36 7.18
C ASN D 212 8.18 16.89 7.27
N VAL D 213 7.01 17.51 7.31
CA VAL D 213 6.90 18.93 7.60
C VAL D 213 7.11 19.14 9.10
N CYS D 214 8.07 19.98 9.44
CA CYS D 214 8.40 20.21 10.85
C CYS D 214 8.22 21.65 11.26
N VAL D 215 7.52 21.86 12.36
CA VAL D 215 7.29 23.19 12.86
C VAL D 215 8.01 23.45 14.17
N TYR D 216 8.74 24.55 14.19
CA TYR D 216 9.48 24.93 15.38
C TYR D 216 8.92 26.19 15.99
N SER D 217 9.08 26.35 17.29
CA SER D 217 8.78 27.62 17.95
C SER D 217 10.05 28.25 18.48
N THR D 218 10.10 29.57 18.44
CA THR D 218 11.18 30.30 19.06
C THR D 218 10.59 31.32 20.01
N GLY D 219 9.48 30.93 20.66
CA GLY D 219 8.83 31.78 21.65
C GLY D 219 9.68 32.10 22.88
N ALA D 220 9.17 32.96 23.75
CA ALA D 220 9.95 33.53 24.86
C ALA D 220 10.77 32.53 25.69
N ILE D 221 10.20 31.38 26.05
CA ILE D 221 10.88 30.47 26.97
C ILE D 221 11.43 29.21 26.27
N1 LLP D 222 3.44 23.44 20.26
C2 LLP D 222 4.19 23.08 21.32
C2' LLP D 222 4.53 21.58 21.59
C3 LLP D 222 4.72 24.08 22.18
O3 LLP D 222 5.51 23.72 23.27
C4 LLP D 222 4.46 25.41 21.98
C4' LLP D 222 5.12 26.45 23.05
C5 LLP D 222 3.69 25.77 20.91
C6 LLP D 222 3.18 24.80 20.04
C5' LLP D 222 3.32 27.27 20.60
OP4 LLP D 222 4.38 27.94 19.97
P LLP D 222 4.18 29.45 19.85
OP1 LLP D 222 5.42 30.04 19.30
OP2 LLP D 222 3.92 30.05 21.17
OP3 LLP D 222 2.94 29.68 18.95
N LLP D 222 11.27 29.14 24.96
CA LLP D 222 11.87 28.06 24.20
CB LLP D 222 11.22 28.01 22.84
CG LLP D 222 10.12 26.92 22.89
CD LLP D 222 8.72 27.48 23.22
CE LLP D 222 7.61 26.39 23.21
NZ LLP D 222 6.40 26.93 22.55
C LLP D 222 13.33 28.35 24.25
O LLP D 222 13.73 29.45 24.52
N ILE D 223 14.16 27.34 24.02
CA ILE D 223 15.57 27.53 24.33
C ILE D 223 16.22 28.46 23.32
N LEU D 224 15.79 28.41 22.07
CA LEU D 224 16.18 29.43 21.11
C LEU D 224 15.01 30.38 20.93
N THR D 225 15.17 31.64 21.33
CA THR D 225 14.05 32.57 21.21
C THR D 225 14.32 33.75 20.28
N THR D 226 13.26 34.20 19.62
CA THR D 226 13.27 35.39 18.78
C THR D 226 12.35 36.47 19.37
N GLY D 227 12.00 36.32 20.64
CA GLY D 227 10.96 37.12 21.26
C GLY D 227 9.64 36.39 21.07
N SER D 228 9.10 36.49 19.86
CA SER D 228 8.01 35.63 19.43
C SER D 228 8.51 35.08 18.11
N GLY D 229 8.02 33.94 17.67
CA GLY D 229 8.46 33.40 16.40
C GLY D 229 8.44 31.91 16.26
N GLY D 230 8.75 31.47 15.04
CA GLY D 230 8.89 30.07 14.72
C GLY D 230 9.47 29.90 13.32
N PHE D 231 9.52 28.66 12.86
CA PHE D 231 9.80 28.41 11.45
C PHE D 231 9.31 27.02 11.07
N VAL D 232 9.09 26.83 9.78
CA VAL D 232 8.66 25.54 9.27
C VAL D 232 9.79 25.01 8.41
N VAL D 233 10.09 23.72 8.55
CA VAL D 233 11.11 23.10 7.73
C VAL D 233 10.42 22.09 6.80
N LEU D 234 10.67 22.20 5.50
CA LEU D 234 9.97 21.37 4.52
C LEU D 234 10.88 20.31 3.88
N PRO D 235 10.30 19.15 3.54
CA PRO D 235 11.08 18.06 2.94
C PRO D 235 11.32 18.21 1.44
N ASP D 236 10.58 19.08 0.75
CA ASP D 236 10.84 19.31 -0.69
C ASP D 236 10.51 20.74 -1.13
N ASP D 237 10.89 21.09 -2.35
CA ASP D 237 10.81 22.46 -2.86
C ASP D 237 9.39 22.97 -3.12
N ASP D 238 8.50 22.07 -3.51
CA ASP D 238 7.12 22.45 -3.77
C ASP D 238 6.41 22.89 -2.48
N LEU D 239 6.58 22.12 -1.40
CA LEU D 239 5.98 22.49 -0.11
C LEU D 239 6.65 23.75 0.41
N TYR D 240 7.95 23.89 0.16
CA TYR D 240 8.65 25.11 0.56
C TYR D 240 8.06 26.35 -0.16
N ASP D 241 7.91 26.24 -1.47
CA ASP D 241 7.34 27.32 -2.28
C ASP D 241 5.91 27.64 -1.83
N ARG D 242 5.09 26.60 -1.66
CA ARG D 242 3.69 26.78 -1.32
C ARG D 242 3.55 27.47 0.04
N LEU D 243 4.41 27.11 0.99
CA LEU D 243 4.31 27.74 2.30
C LEU D 243 4.86 29.16 2.27
N ARG D 244 5.88 29.40 1.45
CA ARG D 244 6.46 30.74 1.40
C ARG D 244 5.44 31.73 0.84
N LEU D 245 4.65 31.25 -0.11
CA LEU D 245 3.57 32.03 -0.70
C LEU D 245 2.48 32.30 0.34
N ARG D 246 2.00 31.26 1.01
CA ARG D 246 0.89 31.43 1.94
C ARG D 246 1.28 32.21 3.19
N ARG D 247 2.58 32.34 3.42
CA ARG D 247 3.07 33.07 4.57
C ARG D 247 2.70 34.54 4.48
N TRP D 248 2.63 35.04 3.25
CA TRP D 248 2.26 36.44 2.97
C TRP D 248 1.13 36.46 1.96
N LEU D 249 -0.06 36.02 2.39
CA LEU D 249 -1.33 36.22 1.67
C LEU D 249 -1.44 35.61 0.27
N GLY D 250 -0.54 34.71 -0.07
CA GLY D 250 -0.54 34.09 -1.38
C GLY D 250 0.00 35.03 -2.45
N ILE D 251 0.70 36.06 -1.99
CA ILE D 251 1.27 37.07 -2.88
C ILE D 251 2.75 36.83 -3.11
N GLU D 252 3.12 36.57 -4.36
CA GLU D 252 4.52 36.51 -4.76
C GLU D 252 5.22 37.85 -4.57
N ARG D 253 6.20 37.93 -3.68
CA ARG D 253 6.78 39.25 -3.36
C ARG D 253 7.73 39.73 -4.46
N ALA D 254 8.03 38.85 -5.41
CA ALA D 254 8.90 39.21 -6.53
C ALA D 254 8.08 39.87 -7.64
N SER D 255 6.78 40.00 -7.44
CA SER D 255 5.90 40.60 -8.44
C SER D 255 5.81 42.13 -8.34
N ASP D 256 5.46 42.74 -9.45
CA ASP D 256 5.27 44.18 -9.51
C ASP D 256 3.89 44.52 -8.96
N ARG D 257 3.77 44.76 -7.66
CA ARG D 257 2.46 45.09 -7.09
C ARG D 257 2.25 46.59 -7.10
N ILE D 258 3.24 47.31 -7.63
CA ILE D 258 3.23 48.76 -7.73
C ILE D 258 2.32 49.17 -8.88
N THR D 259 2.23 48.30 -9.89
CA THR D 259 1.31 48.49 -10.99
C THR D 259 0.13 47.57 -10.82
N GLY D 260 0.15 46.79 -9.73
CA GLY D 260 -0.92 45.87 -9.40
C GLY D 260 -0.94 44.62 -10.26
N ASP D 261 0.19 44.30 -10.89
CA ASP D 261 0.26 43.17 -11.83
C ASP D 261 0.68 41.86 -11.16
N TYR D 262 -0.23 41.27 -10.39
CA TYR D 262 0.06 40.00 -9.74
C TYR D 262 -1.23 39.23 -9.53
N ASP D 263 -1.11 37.93 -9.32
CA ASP D 263 -2.29 37.12 -9.07
C ASP D 263 -2.10 36.24 -7.84
N VAL D 264 -3.19 36.02 -7.13
CA VAL D 264 -3.20 35.12 -5.99
C VAL D 264 -4.05 33.91 -6.32
N ALA D 265 -3.39 32.76 -6.47
CA ALA D 265 -4.08 31.53 -6.86
C ALA D 265 -4.50 30.76 -5.62
N GLU D 266 -3.70 30.84 -4.56
CA GLU D 266 -4.00 30.21 -3.29
C GLU D 266 -3.92 31.27 -2.20
N TRP D 267 -5.06 31.62 -1.65
CA TRP D 267 -5.11 32.70 -0.68
C TRP D 267 -4.30 32.35 0.54
N GLY D 268 -3.78 33.35 1.23
CA GLY D 268 -2.89 33.07 2.33
C GLY D 268 -3.13 33.86 3.61
N TYR D 269 -2.10 33.88 4.44
CA TYR D 269 -2.19 34.43 5.78
C TYR D 269 -1.16 35.55 5.93
N ARG D 270 -1.00 36.06 7.14
CA ARG D 270 -0.05 37.13 7.40
C ARG D 270 0.79 36.70 8.60
N PHE D 271 1.82 35.89 8.29
CA PHE D 271 2.58 35.15 9.30
C PHE D 271 4.06 35.48 9.31
N ILE D 272 4.50 36.51 8.61
CA ILE D 272 5.92 36.78 8.56
C ILE D 272 6.52 37.14 9.93
N LEU D 273 7.79 36.79 10.09
CA LEU D 273 8.61 37.20 11.22
C LEU D 273 9.27 38.51 10.80
N ASN D 274 9.40 39.47 11.70
CA ASN D 274 9.96 40.76 11.30
C ASN D 274 11.44 40.88 11.66
N GLU D 275 12.07 41.99 11.26
CA GLU D 275 13.52 42.15 11.39
C GLU D 275 14.03 42.11 12.83
N ILE D 276 13.19 42.44 13.78
CA ILE D 276 13.59 42.36 15.18
C ILE D 276 13.64 40.90 15.58
N GLY D 277 12.66 40.13 15.10
CA GLY D 277 12.66 38.71 15.36
C GLY D 277 13.91 38.04 14.82
N GLY D 278 14.24 38.34 13.58
CA GLY D 278 15.44 37.77 13.00
C GLY D 278 16.70 38.14 13.75
N ALA D 279 16.80 39.41 14.16
CA ALA D 279 18.03 39.86 14.83
C ALA D 279 18.26 39.15 16.15
N ILE D 280 17.21 39.07 16.97
CA ILE D 280 17.25 38.40 18.26
C ILE D 280 17.63 36.94 18.07
N GLY D 281 16.99 36.31 17.09
CA GLY D 281 17.29 34.94 16.76
C GLY D 281 18.75 34.74 16.38
N LEU D 282 19.28 35.63 15.55
CA LEU D 282 20.68 35.52 15.11
C LEU D 282 21.67 35.65 16.27
N SER D 283 21.36 36.56 17.21
CA SER D 283 22.17 36.74 18.41
C SER D 283 22.19 35.49 19.28
N ASN D 284 21.01 34.93 19.53
CA ASN D 284 20.82 33.82 20.45
C ASN D 284 21.32 32.51 19.86
N LEU D 285 21.46 32.45 18.53
CA LEU D 285 22.04 31.28 17.89
C LEU D 285 23.46 31.02 18.33
N GLU D 286 24.20 32.09 18.62
CA GLU D 286 25.57 31.93 19.08
C GLU D 286 25.64 31.43 20.53
N ARG D 287 24.55 31.49 21.26
CA ARG D 287 24.60 31.04 22.64
C ARG D 287 23.85 29.74 22.85
N VAL D 288 23.10 29.29 21.86
CA VAL D 288 22.16 28.18 22.07
C VAL D 288 22.80 26.79 22.25
N ASP D 289 23.93 26.53 21.60
CA ASP D 289 24.59 25.23 21.70
C ASP D 289 25.04 24.95 23.14
N GLU D 290 25.61 25.97 23.77
CA GLU D 290 26.02 25.86 25.15
C GLU D 290 24.82 25.63 26.09
N LEU D 291 23.73 26.33 25.84
CA LEU D 291 22.53 26.19 26.67
C LEU D 291 21.94 24.78 26.56
N LEU D 292 21.95 24.22 25.36
CA LEU D 292 21.43 22.89 25.12
C LEU D 292 22.27 21.85 25.85
N ARG D 293 23.58 22.07 25.82
CA ARG D 293 24.54 21.21 26.48
C ARG D 293 24.26 21.20 27.98
N ARG D 294 23.87 22.35 28.50
CA ARG D 294 23.60 22.44 29.93
C ARG D 294 22.30 21.71 30.27
N HIS D 295 21.29 21.81 29.40
CA HIS D 295 20.05 21.05 29.56
C HIS D 295 20.32 19.54 29.64
N ARG D 296 21.08 19.04 28.68
CA ARG D 296 21.37 17.61 28.58
C ARG D 296 22.23 17.08 29.72
N GLU D 297 23.18 17.91 30.15
CA GLU D 297 24.02 17.56 31.27
C GLU D 297 23.19 17.41 32.54
N ASN D 298 22.27 18.33 32.77
CA ASN D 298 21.42 18.26 33.95
C ASN D 298 20.48 17.05 33.89
N ALA D 299 19.95 16.77 32.70
CA ALA D 299 19.07 15.61 32.50
C ALA D 299 19.82 14.28 32.70
N ALA D 300 21.06 14.19 32.22
CA ALA D 300 21.84 12.98 32.39
C ALA D 300 22.06 12.74 33.86
N PHE D 301 22.26 13.83 34.60
CA PHE D 301 22.41 13.79 36.06
C PHE D 301 21.15 13.26 36.75
N TYR D 302 19.98 13.75 36.36
CA TYR D 302 18.72 13.27 36.93
C TYR D 302 18.45 11.79 36.62
N ASP D 303 18.66 11.38 35.36
CA ASP D 303 18.44 9.99 34.96
C ASP D 303 19.22 9.06 35.89
N LYS D 304 20.42 9.50 36.25
CA LYS D 304 21.33 8.75 37.12
C LYS D 304 20.88 8.72 38.57
N GLU D 305 20.61 9.89 39.15
CA GLU D 305 20.35 10.05 40.57
C GLU D 305 18.94 9.70 41.04
N LEU D 306 17.98 9.82 40.13
CA LEU D 306 16.58 9.58 40.46
C LEU D 306 16.19 8.17 40.09
N ALA D 307 17.17 7.39 39.60
CA ALA D 307 16.90 6.02 39.17
C ALA D 307 16.72 5.10 40.36
N GLY D 308 15.73 4.22 40.25
CA GLY D 308 15.51 3.24 41.29
C GLY D 308 14.85 3.81 42.52
N ILE D 309 14.29 5.02 42.43
CA ILE D 309 13.54 5.57 43.55
C ILE D 309 12.09 5.16 43.46
N ASP D 310 11.61 4.49 44.50
CA ASP D 310 10.24 4.01 44.53
C ASP D 310 9.21 5.14 44.48
N GLY D 311 8.25 5.00 43.58
CA GLY D 311 7.20 5.99 43.36
C GLY D 311 7.52 6.98 42.25
N VAL D 312 8.71 6.84 41.67
CA VAL D 312 9.16 7.75 40.63
C VAL D 312 9.49 6.94 39.39
N GLU D 313 8.65 7.05 38.38
CA GLU D 313 8.89 6.33 37.15
C GLU D 313 9.37 7.31 36.10
N GLN D 314 10.47 6.97 35.45
CA GLN D 314 11.04 7.85 34.45
C GLN D 314 10.55 7.51 33.05
N THR D 315 10.90 8.37 32.11
CA THR D 315 10.56 8.20 30.70
C THR D 315 11.61 7.37 29.97
N GLU D 316 11.18 6.65 28.94
CA GLU D 316 12.06 5.89 28.05
C GLU D 316 13.28 6.66 27.57
N ARG D 317 14.39 5.95 27.37
CA ARG D 317 15.60 6.53 26.79
C ARG D 317 16.08 5.54 25.74
N ALA D 318 16.00 5.92 24.48
CA ALA D 318 16.44 5.03 23.42
C ALA D 318 17.85 5.43 23.04
N ASP D 319 18.63 4.46 22.58
CA ASP D 319 20.03 4.72 22.26
C ASP D 319 20.19 5.54 21.01
N ASP D 320 19.16 5.52 20.16
CA ASP D 320 19.27 6.03 18.81
C ASP D 320 18.74 7.47 18.65
N ARG D 321 18.68 8.25 19.74
CA ARG D 321 18.23 9.64 19.63
C ARG D 321 18.81 10.51 20.74
N GLU D 322 18.88 11.81 20.50
CA GLU D 322 19.49 12.68 21.49
C GLU D 322 18.51 13.76 21.93
N PRO D 323 17.75 13.51 23.01
CA PRO D 323 16.69 14.42 23.46
C PRO D 323 17.19 15.79 23.86
N ALA D 324 16.30 16.79 23.79
CA ALA D 324 16.66 18.17 24.12
C ALA D 324 16.28 18.53 25.55
N PHE D 325 15.35 17.75 26.13
CA PHE D 325 14.96 17.93 27.54
C PHE D 325 14.62 19.38 27.91
N TRP D 326 13.64 19.95 27.25
CA TRP D 326 13.24 21.32 27.55
C TRP D 326 12.81 21.46 29.00
N MET D 327 12.08 20.45 29.48
CA MET D 327 11.79 20.23 30.89
C MET D 327 12.10 18.76 31.16
N TYR D 328 12.17 18.35 32.42
CA TYR D 328 12.44 16.95 32.75
C TYR D 328 11.18 16.22 33.27
N PRO D 329 10.74 15.15 32.57
CA PRO D 329 9.51 14.44 32.93
C PRO D 329 9.66 13.35 33.98
N LEU D 330 8.66 13.27 34.88
CA LEU D 330 8.52 12.19 35.84
C LEU D 330 7.04 11.81 35.93
N LYS D 331 6.76 10.54 36.19
CA LYS D 331 5.40 10.12 36.52
C LYS D 331 5.44 9.65 37.98
N VAL D 332 4.68 10.34 38.83
CA VAL D 332 4.81 10.12 40.26
C VAL D 332 3.49 9.72 40.92
N ARG D 333 3.56 8.83 41.90
CA ARG D 333 2.42 8.55 42.77
C ARG D 333 2.13 9.82 43.55
N ASP D 334 0.84 10.07 43.83
CA ASP D 334 0.43 11.20 44.65
C ASP D 334 1.03 12.54 44.20
N ARG D 335 0.86 12.85 42.92
CA ARG D 335 1.46 14.07 42.36
C ARG D 335 1.13 15.38 43.12
N PRO D 336 -0.11 15.55 43.61
CA PRO D 336 -0.30 16.83 44.31
C PRO D 336 0.61 16.97 45.51
N ALA D 337 0.78 15.88 46.25
CA ALA D 337 1.67 15.90 47.40
C ALA D 337 3.09 16.10 46.92
N PHE D 338 3.38 15.52 45.75
CA PHE D 338 4.70 15.64 45.14
C PHE D 338 5.05 17.09 44.82
N MET D 339 4.15 17.74 44.09
CA MET D 339 4.37 19.11 43.67
C MET D 339 4.43 20.02 44.89
N ARG D 340 3.58 19.74 45.86
CA ARG D 340 3.49 20.54 47.07
C ARG D 340 4.81 20.51 47.81
N ARG D 341 5.39 19.31 47.93
CA ARG D 341 6.66 19.14 48.60
C ARG D 341 7.80 19.90 47.92
N LEU D 342 7.90 19.77 46.61
CA LEU D 342 8.99 20.42 45.89
C LEU D 342 8.85 21.95 45.94
N LEU D 343 7.62 22.44 46.03
CA LEU D 343 7.37 23.88 46.10
C LEU D 343 7.86 24.47 47.42
N ASP D 344 7.68 23.71 48.50
CA ASP D 344 8.16 24.16 49.81
C ASP D 344 9.68 24.23 49.85
N ALA D 345 10.32 23.46 48.98
CA ALA D 345 11.77 23.44 48.87
C ALA D 345 12.29 24.45 47.83
N GLY D 346 11.39 25.26 47.28
CA GLY D 346 11.76 26.30 46.32
C GLY D 346 11.96 25.84 44.88
N ILE D 347 11.29 24.74 44.53
CA ILE D 347 11.40 24.16 43.19
C ILE D 347 10.08 24.24 42.43
N ALA D 348 10.10 24.95 41.31
CA ALA D 348 8.92 25.06 40.45
C ALA D 348 8.66 23.72 39.75
N THR D 349 7.38 23.43 39.57
CA THR D 349 6.94 22.14 39.09
C THR D 349 5.60 22.32 38.40
N SER D 350 5.35 21.60 37.31
CA SER D 350 4.09 21.82 36.62
C SER D 350 3.60 20.64 35.78
N VAL D 351 2.28 20.56 35.63
CA VAL D 351 1.62 19.64 34.69
C VAL D 351 1.74 20.18 33.25
N VAL D 352 2.09 21.46 33.14
CA VAL D 352 2.36 22.19 31.90
C VAL D 352 1.10 22.47 31.08
N SER D 353 0.38 21.43 30.68
CA SER D 353 -0.90 21.68 30.05
C SER D 353 -1.89 20.56 30.38
N ARG D 354 -3.17 20.90 30.31
CA ARG D 354 -4.22 19.93 30.48
C ARG D 354 -4.36 19.10 29.20
N ARG D 355 -4.69 17.82 29.35
CA ARG D 355 -5.03 17.00 28.19
C ARG D 355 -6.12 17.71 27.37
N ASN D 356 -5.79 18.01 26.11
CA ASN D 356 -6.64 18.85 25.29
C ASN D 356 -8.02 18.26 25.01
N ASP D 357 -8.15 16.93 25.05
CA ASP D 357 -9.44 16.27 24.73
C ASP D 357 -10.51 16.57 25.78
N ALA D 358 -10.08 17.08 26.94
CA ALA D 358 -10.95 17.30 28.07
C ALA D 358 -11.63 18.67 27.99
N HIS D 359 -11.18 19.49 27.07
CA HIS D 359 -11.76 20.81 26.87
C HIS D 359 -13.18 20.76 26.33
N SER D 360 -14.03 21.66 26.82
CA SER D 360 -15.42 21.81 26.36
C SER D 360 -15.53 21.98 24.86
N CYS D 361 -14.66 22.83 24.31
CA CYS D 361 -14.74 23.24 22.92
C CYS D 361 -14.58 22.08 21.95
N VAL D 362 -14.09 20.94 22.45
CA VAL D 362 -13.92 19.75 21.60
C VAL D 362 -14.63 18.52 22.19
N ALA D 363 -15.75 18.73 22.86
CA ALA D 363 -16.48 17.61 23.46
C ALA D 363 -16.84 16.57 22.42
N SER D 364 -17.01 17.02 21.17
CA SER D 364 -17.48 16.18 20.08
C SER D 364 -16.44 15.14 19.67
N ALA D 365 -15.18 15.43 19.97
CA ALA D 365 -14.06 14.54 19.61
C ALA D 365 -13.72 13.55 20.74
N ARG D 366 -14.53 13.56 21.79
CA ARG D 366 -14.19 12.82 22.99
C ARG D 366 -14.17 11.30 22.71
N THR D 367 -13.08 10.65 23.11
CA THR D 367 -12.89 9.23 22.83
C THR D 367 -12.03 8.64 23.97
N THR D 368 -12.14 7.33 24.24
CA THR D 368 -11.39 6.74 25.35
C THR D 368 -9.93 6.51 25.02
N LEU D 369 -9.05 7.05 25.85
CA LEU D 369 -7.62 6.94 25.65
C LEU D 369 -6.97 6.33 26.89
N PRO D 370 -6.92 5.00 26.97
CA PRO D 370 -6.52 4.38 28.25
C PRO D 370 -5.09 4.70 28.66
N GLY D 371 -4.21 4.81 27.68
CA GLY D 371 -2.82 5.14 27.95
C GLY D 371 -2.66 6.49 28.59
N LEU D 372 -3.36 7.48 28.04
CA LEU D 372 -3.32 8.83 28.55
C LEU D 372 -3.94 8.88 29.94
N ASP D 373 -5.04 8.15 30.14
CA ASP D 373 -5.70 8.09 31.45
C ASP D 373 -4.71 7.67 32.51
N ARG D 374 -3.85 6.71 32.14
CA ARG D 374 -2.87 6.10 33.07
C ARG D 374 -1.70 7.02 33.47
N VAL D 375 -1.46 8.10 32.71
CA VAL D 375 -0.37 9.01 33.05
C VAL D 375 -0.86 10.41 33.36
N ALA D 376 -2.06 10.75 32.93
CA ALA D 376 -2.54 12.15 32.98
C ALA D 376 -2.44 12.75 34.38
N ASP D 377 -2.74 11.94 35.39
CA ASP D 377 -2.73 12.39 36.78
C ASP D 377 -1.39 12.16 37.47
N ARG D 378 -0.43 11.60 36.74
CA ARG D 378 0.86 11.22 37.32
C ARG D 378 2.03 12.03 36.77
N VAL D 379 1.89 12.51 35.54
CA VAL D 379 2.98 13.20 34.86
C VAL D 379 3.28 14.56 35.52
N VAL D 380 4.55 14.89 35.64
CA VAL D 380 4.95 16.14 36.25
C VAL D 380 6.28 16.57 35.63
N HIS D 381 6.54 17.87 35.65
CA HIS D 381 7.74 18.40 35.01
C HIS D 381 8.60 19.16 35.99
N ILE D 382 9.90 18.98 35.87
CA ILE D 382 10.85 19.47 36.84
C ILE D 382 11.91 20.33 36.12
N PRO D 383 12.45 21.34 36.82
CA PRO D 383 13.49 22.18 36.22
C PRO D 383 14.73 21.38 35.83
N VAL D 384 15.23 21.57 34.61
CA VAL D 384 16.39 20.87 34.12
C VAL D 384 17.26 21.79 33.27
N GLY D 385 16.73 22.98 32.99
CA GLY D 385 17.36 23.94 32.07
C GLY D 385 18.71 24.59 32.37
N TRP D 386 19.15 25.45 31.45
CA TRP D 386 20.51 25.99 31.46
C TRP D 386 20.80 26.90 32.66
N TRP D 387 19.76 27.30 33.38
CA TRP D 387 19.93 28.26 34.47
C TRP D 387 20.24 27.60 35.82
N LEU D 388 20.17 26.27 35.88
CA LEU D 388 20.46 25.54 37.12
C LEU D 388 21.93 25.56 37.46
N THR D 389 22.25 26.02 38.66
CA THR D 389 23.60 25.85 39.20
C THR D 389 23.69 24.44 39.72
N GLU D 390 24.90 23.95 39.91
CA GLU D 390 25.16 22.60 40.40
C GLU D 390 24.47 22.34 41.73
N ASP D 391 24.45 23.35 42.60
CA ASP D 391 23.78 23.24 43.88
C ASP D 391 22.27 23.11 43.72
N ASP D 392 21.69 23.90 42.81
CA ASP D 392 20.27 23.83 42.49
C ASP D 392 19.85 22.43 42.04
N ARG D 393 20.70 21.83 41.22
CA ARG D 393 20.45 20.49 40.67
C ARG D 393 20.39 19.45 41.77
N SER D 394 21.36 19.48 42.67
CA SER D 394 21.39 18.56 43.80
C SER D 394 20.15 18.76 44.67
N HIS D 395 19.76 20.01 44.82
CA HIS D 395 18.64 20.34 45.68
C HIS D 395 17.36 19.66 45.19
N VAL D 396 17.21 19.60 43.87
CA VAL D 396 16.07 18.91 43.27
C VAL D 396 16.12 17.42 43.63
N VAL D 397 17.25 16.77 43.38
CA VAL D 397 17.44 15.35 43.74
C VAL D 397 17.22 15.16 45.22
N GLU D 398 17.77 16.08 46.01
CA GLU D 398 17.69 15.99 47.46
C GLU D 398 16.25 16.09 47.96
N THR D 399 15.47 16.98 47.36
CA THR D 399 14.09 17.18 47.77
C THR D 399 13.25 15.94 47.48
N ILE D 400 13.42 15.40 46.29
CA ILE D 400 12.71 14.20 45.86
C ILE D 400 13.07 12.98 46.69
N LYS D 401 14.36 12.83 47.00
CA LYS D 401 14.81 11.69 47.79
C LYS D 401 14.29 11.81 49.21
N SER D 402 13.87 13.00 49.60
CA SER D 402 13.31 13.19 50.94
C SER D 402 11.88 12.66 50.96
N GLY D 403 11.36 12.27 49.80
CA GLY D 403 10.02 11.71 49.74
C GLY D 403 8.93 12.75 49.91
N TRP D 404 7.68 12.30 49.81
CA TRP D 404 6.52 13.18 49.92
C TRP D 404 5.28 12.40 50.32
N MET E 29 10.26 -22.91 8.78
CA MET E 29 10.21 -22.10 10.00
C MET E 29 11.56 -21.47 10.39
N ILE E 30 12.65 -22.20 10.16
CA ILE E 30 13.99 -21.58 10.18
C ILE E 30 14.49 -21.42 8.75
N PRO E 31 14.48 -20.19 8.22
CA PRO E 31 14.78 -20.03 6.79
C PRO E 31 16.26 -20.19 6.51
N LEU E 32 16.59 -20.60 5.30
CA LEU E 32 17.99 -20.73 4.89
C LEU E 32 18.60 -19.38 4.58
N SER E 33 17.76 -18.45 4.12
CA SER E 33 18.22 -17.13 3.76
C SER E 33 17.23 -16.11 4.23
N LYS E 34 17.70 -14.88 4.41
CA LYS E 34 16.80 -13.83 4.83
C LYS E 34 17.33 -12.46 4.42
N VAL E 35 16.39 -11.60 4.02
CA VAL E 35 16.69 -10.23 3.63
C VAL E 35 17.09 -9.36 4.82
N ALA E 36 18.21 -8.66 4.69
CA ALA E 36 18.70 -7.73 5.72
C ALA E 36 18.46 -6.26 5.33
N MET E 37 17.45 -5.62 5.94
CA MET E 37 17.12 -4.25 5.57
C MET E 37 17.13 -3.35 6.81
N SER E 38 17.99 -2.33 6.82
CA SER E 38 18.04 -1.35 7.92
C SER E 38 16.69 -0.63 8.11
N PRO E 39 16.33 -0.32 9.37
CA PRO E 39 15.05 0.37 9.56
C PRO E 39 15.10 1.81 9.01
N ASP E 40 16.30 2.26 8.64
CA ASP E 40 16.51 3.60 8.13
C ASP E 40 16.28 3.70 6.64
N VAL E 41 16.16 2.56 5.97
CA VAL E 41 16.10 2.53 4.52
C VAL E 41 14.92 3.30 3.94
N SER E 42 13.74 3.08 4.49
CA SER E 42 12.54 3.69 3.95
C SER E 42 12.57 5.24 3.97
N THR E 43 13.12 5.81 5.04
CA THR E 43 13.30 7.26 5.12
C THR E 43 14.29 7.70 4.06
N ARG E 44 15.43 7.03 4.01
CA ARG E 44 16.45 7.41 3.04
C ARG E 44 15.93 7.32 1.60
N VAL E 45 15.22 6.25 1.30
CA VAL E 45 14.75 6.01 -0.06
C VAL E 45 13.73 7.07 -0.45
N SER E 46 12.82 7.40 0.46
CA SER E 46 11.81 8.42 0.16
C SER E 46 12.47 9.75 -0.18
N ALA E 47 13.59 10.04 0.46
CA ALA E 47 14.33 11.26 0.17
C ALA E 47 14.88 11.24 -1.27
N VAL E 48 15.42 10.10 -1.68
CA VAL E 48 15.93 9.91 -3.04
C VAL E 48 14.83 10.11 -4.10
N LEU E 49 13.66 9.53 -3.83
CA LEU E 49 12.55 9.54 -4.75
C LEU E 49 12.00 10.92 -5.01
N SER E 50 12.09 11.81 -4.02
CA SER E 50 11.55 13.16 -4.18
C SER E 50 12.65 14.14 -4.64
N SER E 51 13.83 13.62 -4.91
CA SER E 51 14.99 14.43 -5.23
C SER E 51 15.12 14.84 -6.72
N GLY E 52 14.47 14.11 -7.61
CA GLY E 52 14.56 14.40 -9.04
C GLY E 52 15.76 13.85 -9.79
N ARG E 53 16.63 13.14 -9.08
CA ARG E 53 17.78 12.43 -9.64
C ARG E 53 17.72 10.96 -9.28
N LEU E 54 17.40 10.09 -10.24
CA LEU E 54 17.34 8.68 -9.92
C LEU E 54 18.48 7.83 -10.52
N GLU E 55 19.04 8.25 -11.65
CA GLU E 55 20.17 7.52 -12.25
C GLU E 55 21.31 8.50 -12.49
N HIS E 56 22.53 7.99 -12.52
CA HIS E 56 23.73 8.81 -12.69
C HIS E 56 23.80 9.91 -11.64
N GLY E 57 23.35 9.62 -10.44
CA GLY E 57 23.33 10.58 -9.36
C GLY E 57 24.44 10.39 -8.33
N PRO E 58 24.51 11.31 -7.35
CA PRO E 58 25.56 11.34 -6.31
C PRO E 58 25.42 10.29 -5.22
N THR E 59 24.23 9.77 -4.98
CA THR E 59 24.07 8.77 -3.93
C THR E 59 24.87 7.49 -4.28
N VAL E 60 24.75 7.04 -5.53
CA VAL E 60 25.50 5.87 -6.01
C VAL E 60 27.00 6.09 -5.92
N ALA E 61 27.47 7.26 -6.29
CA ALA E 61 28.91 7.55 -6.15
C ALA E 61 29.30 7.48 -4.69
N GLU E 62 28.43 7.99 -3.84
CA GLU E 62 28.72 7.99 -2.42
C GLU E 62 28.83 6.55 -1.90
N TYR E 63 27.92 5.68 -2.35
CA TYR E 63 27.94 4.26 -2.00
C TYR E 63 29.22 3.59 -2.49
N GLU E 64 29.57 3.80 -3.76
CA GLU E 64 30.81 3.27 -4.31
C GLU E 64 32.05 3.69 -3.51
N ALA E 65 32.12 4.95 -3.09
CA ALA E 65 33.25 5.39 -2.28
C ALA E 65 33.27 4.70 -0.91
N ALA E 66 32.09 4.53 -0.32
CA ALA E 66 31.95 3.88 0.98
C ALA E 66 32.36 2.41 0.90
N VAL E 67 31.89 1.73 -0.14
CA VAL E 67 32.30 0.36 -0.40
C VAL E 67 33.81 0.30 -0.58
N GLY E 68 34.33 1.22 -1.39
CA GLY E 68 35.75 1.26 -1.68
C GLY E 68 36.57 1.44 -0.44
N SER E 69 36.05 2.23 0.49
CA SER E 69 36.78 2.54 1.70
C SER E 69 36.90 1.30 2.58
N ARG E 70 35.87 0.47 2.55
CA ARG E 70 35.87 -0.77 3.30
C ARG E 70 36.77 -1.80 2.65
N ILE E 71 36.66 -1.93 1.33
CA ILE E 71 37.48 -2.89 0.60
C ILE E 71 38.94 -2.50 0.65
N GLY E 72 39.23 -1.20 0.64
CA GLY E 72 40.62 -0.77 0.64
C GLY E 72 41.12 -0.70 -0.78
N ASN E 73 40.18 -0.62 -1.71
CA ASN E 73 40.46 -0.47 -3.12
C ASN E 73 39.45 0.54 -3.63
N PRO E 74 39.92 1.73 -4.02
CA PRO E 74 38.99 2.79 -4.43
C PRO E 74 38.33 2.54 -5.78
N ARG E 75 38.86 1.61 -6.55
CA ARG E 75 38.36 1.35 -7.91
C ARG E 75 37.09 0.51 -7.93
N VAL E 76 36.00 1.10 -7.45
CA VAL E 76 34.72 0.40 -7.35
C VAL E 76 33.70 0.91 -8.36
N VAL E 77 33.19 -0.03 -9.19
CA VAL E 77 32.16 0.24 -10.18
C VAL E 77 30.85 -0.48 -9.90
N SER E 78 29.83 0.23 -9.45
CA SER E 78 28.53 -0.41 -9.18
C SER E 78 27.79 -0.84 -10.46
N VAL E 79 26.97 -1.88 -10.34
CA VAL E 79 26.16 -2.36 -11.46
C VAL E 79 24.79 -2.82 -10.91
N ASN E 80 23.86 -3.14 -11.80
CA ASN E 80 22.49 -3.39 -11.41
C ASN E 80 22.21 -4.80 -10.89
N CYS E 81 23.20 -5.70 -10.99
CA CYS E 81 23.17 -7.02 -10.33
C CYS E 81 24.53 -7.70 -10.48
N GLY E 82 24.74 -8.77 -9.70
CA GLY E 82 26.02 -9.46 -9.73
C GLY E 82 26.31 -10.11 -11.07
N THR E 83 25.29 -10.72 -11.67
CA THR E 83 25.45 -11.36 -12.98
C THR E 83 25.91 -10.38 -14.06
N ALA E 84 25.36 -9.17 -14.03
CA ALA E 84 25.77 -8.14 -14.99
C ALA E 84 27.22 -7.72 -14.76
N GLY E 85 27.61 -7.68 -13.49
CA GLY E 85 28.98 -7.41 -13.12
C GLY E 85 29.94 -8.40 -13.73
N LEU E 86 29.57 -9.68 -13.72
CA LEU E 86 30.41 -10.73 -14.32
C LEU E 86 30.41 -10.58 -15.85
N HIS E 87 29.22 -10.32 -16.39
CA HIS E 87 29.01 -10.09 -17.80
C HIS E 87 29.93 -8.97 -18.27
N LEU E 88 29.91 -7.86 -17.53
CA LEU E 88 30.72 -6.68 -17.81
C LEU E 88 32.22 -6.98 -17.73
N ALA E 89 32.62 -7.69 -16.68
CA ALA E 89 34.02 -8.07 -16.49
C ALA E 89 34.50 -8.99 -17.60
N LEU E 90 33.68 -9.99 -17.94
CA LEU E 90 34.05 -10.94 -18.99
C LEU E 90 34.12 -10.34 -20.42
N SER E 91 33.46 -9.21 -20.66
CA SER E 91 33.57 -8.57 -21.98
C SER E 91 34.99 -8.07 -22.19
N LEU E 92 35.73 -7.86 -21.10
CA LEU E 92 37.15 -7.52 -21.17
C LEU E 92 37.95 -8.66 -21.79
N ALA E 93 37.56 -9.88 -21.47
CA ALA E 93 38.25 -11.05 -21.97
C ALA E 93 37.94 -11.21 -23.46
N ALA E 94 36.65 -11.09 -23.80
CA ALA E 94 36.18 -11.22 -25.18
C ALA E 94 36.60 -10.04 -26.08
N ARG E 95 36.46 -8.83 -25.56
CA ARG E 95 36.76 -7.59 -26.29
C ARG E 95 37.68 -6.68 -25.50
N PRO E 96 39.00 -6.86 -25.63
CA PRO E 96 40.03 -6.18 -24.84
C PRO E 96 40.04 -4.63 -24.85
N GLY E 97 39.84 -3.89 -25.94
CA GLY E 97 39.49 -4.34 -27.28
C GLY E 97 38.64 -3.26 -27.96
N ALA E 98 38.67 -3.19 -29.29
CA ALA E 98 37.85 -2.21 -30.01
C ALA E 98 37.47 -2.69 -31.41
N PRO E 106 36.98 -18.91 -31.05
CA PRO E 106 37.95 -19.88 -30.54
C PRO E 106 38.23 -19.71 -29.03
N GLY E 107 37.94 -18.53 -28.47
CA GLY E 107 38.23 -18.20 -27.08
C GLY E 107 37.47 -18.97 -26.01
N GLU E 108 38.17 -19.37 -24.95
CA GLU E 108 37.57 -20.16 -23.87
C GLU E 108 37.73 -19.53 -22.50
N VAL E 109 36.84 -19.90 -21.57
CA VAL E 109 36.92 -19.50 -20.16
C VAL E 109 36.87 -20.73 -19.26
N LEU E 110 37.89 -20.86 -18.41
CA LEU E 110 37.94 -21.94 -17.44
C LEU E 110 37.18 -21.51 -16.20
N THR E 111 36.21 -22.31 -15.81
CA THR E 111 35.31 -21.93 -14.73
C THR E 111 34.81 -23.17 -13.99
N THR E 112 34.16 -22.97 -12.85
CA THR E 112 33.63 -24.08 -12.05
C THR E 112 32.14 -24.26 -12.23
N PRO E 113 31.68 -25.53 -12.29
CA PRO E 113 30.26 -25.83 -12.45
C PRO E 113 29.49 -25.86 -11.13
N LEU E 114 30.18 -25.88 -10.01
CA LEU E 114 29.48 -25.85 -8.73
C LEU E 114 29.33 -24.40 -8.31
N THR E 115 28.22 -23.79 -8.73
CA THR E 115 27.94 -22.38 -8.47
C THR E 115 26.59 -22.01 -9.07
N PHE E 116 26.12 -20.79 -8.79
CA PHE E 116 24.90 -20.29 -9.39
C PHE E 116 25.11 -20.06 -10.90
N GLU E 117 24.09 -20.32 -11.70
CA GLU E 117 24.18 -20.19 -13.15
C GLU E 117 24.60 -18.78 -13.61
N GLY E 118 24.30 -17.78 -12.79
CA GLY E 118 24.69 -16.40 -13.08
C GLY E 118 26.18 -16.23 -13.24
N THR E 119 26.94 -17.15 -12.66
CA THR E 119 28.39 -17.17 -12.78
C THR E 119 28.81 -17.50 -14.21
N ASN E 120 28.09 -18.41 -14.85
CA ASN E 120 28.57 -19.03 -16.09
C ASN E 120 27.87 -18.64 -17.38
N TRP E 121 26.58 -18.33 -17.29
CA TRP E 121 25.87 -17.91 -18.48
C TRP E 121 26.44 -16.63 -19.11
N PRO E 122 26.99 -15.69 -18.30
CA PRO E 122 27.72 -14.58 -18.92
C PRO E 122 28.90 -14.96 -19.84
N ILE E 123 29.50 -16.11 -19.61
CA ILE E 123 30.58 -16.58 -20.47
C ILE E 123 30.03 -16.80 -21.88
N LEU E 124 28.84 -17.40 -21.96
CA LEU E 124 28.16 -17.69 -23.23
C LEU E 124 27.59 -16.41 -23.85
N ALA E 125 27.08 -15.52 -23.00
CA ALA E 125 26.53 -14.26 -23.47
C ALA E 125 27.63 -13.42 -24.10
N ASN E 126 28.87 -13.59 -23.63
CA ASN E 126 30.02 -12.90 -24.20
C ASN E 126 30.63 -13.65 -25.37
N GLY E 127 29.97 -14.70 -25.82
CA GLY E 127 30.44 -15.43 -26.99
C GLY E 127 31.69 -16.26 -26.78
N LEU E 128 31.96 -16.62 -25.54
CA LEU E 128 33.11 -17.45 -25.21
C LEU E 128 32.66 -18.87 -24.90
N ARG E 129 33.56 -19.84 -25.08
CA ARG E 129 33.30 -21.25 -24.75
C ARG E 129 33.48 -21.52 -23.26
N ILE E 130 32.63 -22.36 -22.69
CA ILE E 130 32.84 -22.81 -21.31
C ILE E 130 33.73 -24.05 -21.31
N ARG E 131 34.79 -24.03 -20.51
CA ARG E 131 35.54 -25.26 -20.23
C ARG E 131 35.53 -25.50 -18.72
N TRP E 132 35.05 -26.67 -18.33
CA TRP E 132 34.87 -26.94 -16.91
C TRP E 132 36.15 -27.35 -16.18
N VAL E 133 36.36 -26.79 -14.98
CA VAL E 133 37.41 -27.24 -14.09
C VAL E 133 36.74 -28.05 -12.95
N ASP E 134 37.37 -29.16 -12.55
CA ASP E 134 36.82 -30.02 -11.50
C ASP E 134 36.75 -29.26 -10.18
N VAL E 135 36.02 -29.80 -9.22
CA VAL E 135 35.86 -29.13 -7.93
C VAL E 135 36.72 -29.83 -6.88
N ASP E 136 37.34 -29.04 -6.00
CA ASP E 136 38.02 -29.62 -4.84
C ASP E 136 36.97 -30.01 -3.81
N PRO E 137 36.80 -31.31 -3.59
CA PRO E 137 35.73 -31.80 -2.72
C PRO E 137 35.82 -31.33 -1.26
N ALA E 138 36.97 -30.79 -0.87
CA ALA E 138 37.16 -30.30 0.48
C ALA E 138 36.73 -28.86 0.64
N THR E 139 36.80 -28.06 -0.43
CA THR E 139 36.49 -26.65 -0.30
C THR E 139 35.21 -26.30 -1.03
N LEU E 140 34.78 -27.19 -1.91
CA LEU E 140 33.69 -26.94 -2.86
C LEU E 140 34.09 -25.85 -3.86
N ASN E 141 35.35 -25.42 -3.83
CA ASN E 141 35.82 -24.45 -4.81
C ASN E 141 36.63 -25.12 -5.90
N MET E 142 37.09 -24.33 -6.86
CA MET E 142 37.78 -24.87 -8.02
C MET E 142 39.02 -25.62 -7.57
N ASP E 143 39.24 -26.77 -8.19
CA ASP E 143 40.48 -27.52 -8.05
C ASP E 143 41.58 -26.80 -8.82
N LEU E 144 42.46 -26.11 -8.10
CA LEU E 144 43.49 -25.27 -8.71
C LEU E 144 44.57 -26.06 -9.42
N ASP E 145 44.66 -27.34 -9.11
CA ASP E 145 45.61 -28.21 -9.79
C ASP E 145 45.04 -28.65 -11.13
N ASP E 146 43.74 -28.88 -11.17
CA ASP E 146 43.07 -29.22 -12.41
C ASP E 146 43.16 -28.05 -13.37
N LEU E 147 43.06 -26.83 -12.82
CA LEU E 147 43.17 -25.61 -13.60
C LEU E 147 44.54 -25.52 -14.31
N ALA E 148 45.63 -25.74 -13.57
CA ALA E 148 46.97 -25.70 -14.13
C ALA E 148 47.09 -26.63 -15.32
N ALA E 149 46.42 -27.78 -15.22
CA ALA E 149 46.47 -28.80 -16.28
C ALA E 149 45.72 -28.36 -17.52
N LYS E 150 44.66 -27.58 -17.32
CA LYS E 150 43.75 -27.20 -18.40
C LYS E 150 44.00 -25.82 -19.01
N ILE E 151 44.89 -25.03 -18.40
CA ILE E 151 45.17 -23.69 -18.93
C ILE E 151 45.83 -23.83 -20.27
N SER E 152 45.32 -23.08 -21.24
CA SER E 152 45.66 -23.25 -22.65
C SER E 152 45.83 -21.89 -23.32
N PRO E 153 46.52 -21.86 -24.47
CA PRO E 153 46.53 -20.60 -25.22
C PRO E 153 45.11 -20.13 -25.60
N ALA E 154 44.15 -21.03 -25.59
CA ALA E 154 42.78 -20.64 -25.94
C ALA E 154 42.08 -20.02 -24.73
N THR E 155 42.66 -20.20 -23.55
CA THR E 155 42.05 -19.70 -22.32
C THR E 155 42.08 -18.16 -22.29
N ARG E 156 40.89 -17.56 -22.45
CA ARG E 156 40.74 -16.09 -22.40
C ARG E 156 40.53 -15.61 -20.98
N ALA E 157 39.90 -16.45 -20.16
CA ALA E 157 39.60 -16.05 -18.80
C ALA E 157 39.47 -17.22 -17.85
N ILE E 158 39.71 -16.94 -16.56
CA ILE E 158 39.50 -17.90 -15.51
C ILE E 158 38.55 -17.27 -14.47
N VAL E 159 37.47 -17.96 -14.17
CA VAL E 159 36.51 -17.51 -13.16
C VAL E 159 36.56 -18.47 -11.98
N VAL E 160 36.92 -17.96 -10.80
CA VAL E 160 36.88 -18.74 -9.57
C VAL E 160 35.73 -18.24 -8.71
N VAL E 161 35.02 -19.14 -8.05
CA VAL E 161 33.94 -18.74 -7.16
C VAL E 161 34.37 -19.01 -5.72
N HIS E 162 34.24 -17.99 -4.86
CA HIS E 162 34.43 -18.18 -3.43
C HIS E 162 33.14 -18.75 -2.84
N TRP E 163 32.90 -20.05 -3.01
CA TRP E 163 31.61 -20.61 -2.60
C TRP E 163 31.30 -20.34 -1.12
N LEU E 164 30.10 -19.82 -0.87
CA LEU E 164 29.60 -19.48 0.48
C LEU E 164 30.45 -18.43 1.15
N GLY E 165 31.38 -17.82 0.41
CA GLY E 165 32.26 -16.84 1.00
C GLY E 165 33.49 -17.45 1.64
N TYR E 166 33.79 -18.69 1.30
CA TYR E 166 35.03 -19.30 1.71
C TYR E 166 36.07 -19.02 0.62
N PRO E 167 37.07 -18.19 0.92
CA PRO E 167 38.06 -17.75 -0.08
C PRO E 167 38.89 -18.84 -0.71
N VAL E 168 38.93 -18.82 -2.05
CA VAL E 168 39.89 -19.57 -2.83
C VAL E 168 41.31 -19.21 -2.38
N ASP E 169 42.22 -20.18 -2.35
CA ASP E 169 43.61 -19.88 -2.05
C ASP E 169 44.17 -19.06 -3.19
N LEU E 170 44.09 -17.74 -3.06
CA LEU E 170 44.42 -16.89 -4.20
C LEU E 170 45.91 -16.90 -4.53
N ASN E 171 46.76 -17.01 -3.52
CA ASN E 171 48.21 -17.04 -3.77
C ASN E 171 48.59 -18.25 -4.66
N ARG E 172 47.97 -19.41 -4.42
CA ARG E 172 48.19 -20.59 -5.25
C ARG E 172 47.64 -20.36 -6.67
N LEU E 173 46.44 -19.79 -6.74
CA LEU E 173 45.83 -19.45 -8.02
C LEU E 173 46.77 -18.57 -8.83
N ARG E 174 47.40 -17.60 -8.18
CA ARG E 174 48.28 -16.67 -8.88
C ARG E 174 49.52 -17.37 -9.40
N ALA E 175 50.15 -18.17 -8.55
CA ALA E 175 51.37 -18.88 -8.93
C ALA E 175 51.09 -19.89 -10.04
N VAL E 176 49.93 -20.53 -9.98
CA VAL E 176 49.54 -21.53 -10.97
C VAL E 176 49.34 -20.91 -12.34
N VAL E 177 48.57 -19.82 -12.37
CA VAL E 177 48.26 -19.13 -13.62
C VAL E 177 49.55 -18.59 -14.23
N ASP E 178 50.45 -18.11 -13.40
CA ASP E 178 51.72 -17.57 -13.88
C ASP E 178 52.57 -18.67 -14.50
N ARG E 179 52.54 -19.85 -13.87
CA ARG E 179 53.35 -20.96 -14.36
C ARG E 179 52.80 -21.44 -15.68
N ALA E 180 51.49 -21.65 -15.72
CA ALA E 180 50.86 -22.20 -16.91
C ALA E 180 50.98 -21.27 -18.12
N THR E 181 50.99 -19.96 -17.85
CA THR E 181 50.99 -18.95 -18.90
C THR E 181 52.30 -18.17 -19.01
N ALA E 182 53.41 -18.82 -18.72
CA ALA E 182 54.72 -18.16 -18.71
C ALA E 182 55.05 -17.47 -20.02
N GLY E 183 55.01 -18.23 -21.10
CA GLY E 183 55.33 -17.74 -22.43
C GLY E 183 54.19 -17.13 -23.22
N TYR E 184 52.96 -17.29 -22.73
CA TYR E 184 51.75 -17.04 -23.52
C TYR E 184 51.60 -15.65 -24.16
N ASP E 185 52.45 -14.71 -23.76
CA ASP E 185 52.47 -13.35 -24.31
C ASP E 185 51.23 -12.51 -23.93
N ARG E 186 50.16 -13.16 -23.46
CA ARG E 186 49.16 -12.45 -22.66
C ARG E 186 48.51 -13.37 -21.63
N ARG E 187 48.55 -12.91 -20.38
CA ARG E 187 47.96 -13.59 -19.24
C ARG E 187 46.44 -13.52 -19.33
N PRO E 188 45.76 -14.66 -19.18
CA PRO E 188 44.29 -14.64 -19.21
C PRO E 188 43.75 -13.81 -18.07
N LEU E 189 42.53 -13.29 -18.24
CA LEU E 189 41.92 -12.45 -17.23
C LEU E 189 41.47 -13.33 -16.06
N VAL E 190 41.82 -12.92 -14.84
CA VAL E 190 41.39 -13.63 -13.65
C VAL E 190 40.24 -12.91 -12.98
N VAL E 191 39.08 -13.55 -12.93
CA VAL E 191 37.88 -12.97 -12.31
C VAL E 191 37.49 -13.74 -11.05
N GLU E 192 37.38 -13.03 -9.92
CA GLU E 192 36.89 -13.63 -8.69
C GLU E 192 35.41 -13.37 -8.56
N ASP E 193 34.60 -14.42 -8.54
CA ASP E 193 33.18 -14.28 -8.22
C ASP E 193 32.99 -14.18 -6.72
N CYS E 194 32.80 -12.96 -6.22
CA CYS E 194 32.65 -12.73 -4.77
C CYS E 194 31.20 -12.55 -4.35
N ALA E 195 30.26 -13.07 -5.13
CA ALA E 195 28.85 -12.77 -4.90
C ALA E 195 28.38 -13.04 -3.47
N GLN E 196 28.90 -14.12 -2.88
CA GLN E 196 28.51 -14.51 -1.52
C GLN E 196 29.58 -14.16 -0.49
N ALA E 197 30.60 -13.44 -0.91
CA ALA E 197 31.79 -13.35 -0.09
C ALA E 197 31.98 -11.98 0.55
N TRP E 198 30.92 -11.15 0.59
CA TRP E 198 31.04 -9.88 1.29
C TRP E 198 31.47 -10.17 2.72
N GLY E 199 32.51 -9.50 3.15
CA GLY E 199 33.02 -9.64 4.50
C GLY E 199 34.20 -10.59 4.57
N ALA E 200 34.30 -11.47 3.59
CA ALA E 200 35.37 -12.47 3.59
C ALA E 200 36.74 -11.81 3.53
N THR E 201 37.70 -12.44 4.19
CA THR E 201 39.04 -11.94 4.30
C THR E 201 40.01 -13.02 3.87
N TYR E 202 41.08 -12.63 3.16
CA TYR E 202 42.14 -13.57 2.79
C TYR E 202 43.50 -12.97 3.12
N ARG E 203 44.26 -13.69 3.93
CA ARG E 203 45.56 -13.22 4.41
C ARG E 203 45.42 -11.82 5.00
N GLY E 204 44.33 -11.59 5.71
CA GLY E 204 44.19 -10.35 6.44
C GLY E 204 43.51 -9.24 5.68
N ALA E 205 43.25 -9.45 4.40
CA ALA E 205 42.65 -8.40 3.57
C ALA E 205 41.33 -8.81 2.99
N PRO E 206 40.43 -7.83 2.81
CA PRO E 206 39.18 -8.05 2.08
C PRO E 206 39.42 -8.44 0.63
N LEU E 207 38.50 -9.21 0.06
CA LEU E 207 38.57 -9.62 -1.33
C LEU E 207 38.43 -8.41 -2.25
N GLY E 208 39.22 -8.38 -3.31
CA GLY E 208 39.28 -7.22 -4.20
C GLY E 208 40.59 -6.49 -4.13
N THR E 209 41.45 -6.90 -3.18
CA THR E 209 42.72 -6.25 -2.94
C THR E 209 43.87 -7.19 -3.26
N HIS E 210 43.55 -8.27 -3.99
CA HIS E 210 44.57 -9.29 -4.30
C HIS E 210 44.93 -9.28 -5.79
N GLY E 211 44.65 -8.15 -6.45
CA GLY E 211 45.14 -7.95 -7.79
C GLY E 211 44.30 -8.54 -8.89
N ASN E 212 43.13 -9.05 -8.55
CA ASN E 212 42.24 -9.59 -9.56
C ASN E 212 40.95 -8.79 -9.70
N VAL E 213 40.25 -9.05 -10.80
CA VAL E 213 38.94 -8.48 -11.01
C VAL E 213 37.95 -9.21 -10.12
N CYS E 214 37.28 -8.49 -9.23
CA CYS E 214 36.35 -9.12 -8.30
C CYS E 214 34.93 -8.59 -8.53
N VAL E 215 33.97 -9.50 -8.60
CA VAL E 215 32.59 -9.15 -8.79
C VAL E 215 31.80 -9.50 -7.54
N TYR E 216 31.05 -8.54 -6.99
CA TYR E 216 30.20 -8.79 -5.81
C TYR E 216 28.72 -8.71 -6.18
N SER E 217 27.86 -9.42 -5.46
CA SER E 217 26.43 -9.20 -5.64
C SER E 217 25.86 -8.54 -4.39
N THR E 218 24.90 -7.64 -4.57
CA THR E 218 24.19 -7.09 -3.41
C THR E 218 22.69 -7.36 -3.59
N GLY E 219 22.40 -8.50 -4.20
CA GLY E 219 21.03 -8.94 -4.38
C GLY E 219 20.32 -9.16 -3.07
N ALA E 220 19.02 -9.45 -3.16
CA ALA E 220 18.10 -9.45 -2.02
C ALA E 220 18.61 -10.19 -0.79
N ILE E 221 19.15 -11.39 -0.96
CA ILE E 221 19.48 -12.16 0.23
C ILE E 221 20.98 -12.27 0.48
N1 LLP E 222 27.26 -15.85 -8.26
C2 LLP E 222 26.95 -16.38 -7.09
C2' LLP E 222 27.92 -17.40 -6.41
C3 LLP E 222 25.73 -16.04 -6.44
O3 LLP E 222 25.42 -16.63 -5.21
C4 LLP E 222 24.85 -15.16 -6.99
C4' LLP E 222 23.50 -14.85 -6.15
C5 LLP E 222 25.18 -14.60 -8.21
C6 LLP E 222 26.38 -14.94 -8.85
C5' LLP E 222 24.28 -13.59 -8.97
OP4 LLP E 222 24.17 -12.37 -8.30
P LLP E 222 22.99 -11.47 -8.71
OP1 LLP E 222 23.22 -10.15 -8.07
OP2 LLP E 222 21.73 -12.07 -8.23
OP3 LLP E 222 22.97 -11.44 -10.24
N LLP E 222 21.78 -11.61 -0.35
CA LLP E 222 23.21 -11.45 -0.04
CB LLP E 222 23.92 -10.86 -1.25
CG LLP E 222 24.42 -12.01 -2.16
CD LLP E 222 23.37 -12.53 -3.16
CE LLP E 222 23.82 -13.81 -3.90
NZ LLP E 222 23.63 -13.63 -5.36
C LLP E 222 23.28 -10.68 1.24
O LLP E 222 22.39 -9.91 1.54
N ILE E 223 24.30 -10.91 2.06
CA ILE E 223 24.32 -10.32 3.40
C ILE E 223 24.32 -8.79 3.32
N LEU E 224 24.93 -8.20 2.29
CA LEU E 224 24.74 -6.77 2.00
C LEU E 224 23.85 -6.60 0.80
N THR E 225 22.65 -6.03 0.98
CA THR E 225 21.76 -5.93 -0.17
C THR E 225 21.50 -4.50 -0.58
N THR E 226 21.30 -4.28 -1.87
CA THR E 226 20.83 -2.99 -2.38
C THR E 226 19.44 -3.16 -3.00
N GLY E 227 18.78 -4.27 -2.66
CA GLY E 227 17.59 -4.69 -3.34
C GLY E 227 17.98 -5.58 -4.51
N SER E 228 18.42 -4.94 -5.58
CA SER E 228 19.13 -5.62 -6.65
C SER E 228 20.41 -4.84 -6.81
N GLY E 229 21.46 -5.49 -7.29
CA GLY E 229 22.71 -4.80 -7.52
C GLY E 229 23.96 -5.62 -7.31
N GLY E 230 25.09 -5.01 -7.65
CA GLY E 230 26.38 -5.59 -7.40
C GLY E 230 27.43 -4.54 -7.70
N PHE E 231 28.70 -4.91 -7.63
CA PHE E 231 29.74 -4.00 -8.07
C PHE E 231 30.99 -4.74 -8.45
N VAL E 232 31.80 -4.09 -9.29
CA VAL E 232 33.06 -4.66 -9.72
C VAL E 232 34.20 -3.83 -9.12
N VAL E 233 35.22 -4.52 -8.63
CA VAL E 233 36.43 -3.90 -8.10
C VAL E 233 37.61 -4.20 -8.99
N LEU E 234 38.37 -3.19 -9.38
CA LEU E 234 39.49 -3.38 -10.30
C LEU E 234 40.84 -3.22 -9.60
N PRO E 235 41.87 -3.96 -10.07
CA PRO E 235 43.24 -3.90 -9.55
C PRO E 235 44.07 -2.71 -10.07
N ASP E 236 43.63 -2.05 -11.14
CA ASP E 236 44.30 -0.84 -11.63
C ASP E 236 43.32 0.13 -12.29
N ASP E 237 43.79 1.34 -12.60
CA ASP E 237 42.93 2.40 -13.11
C ASP E 237 42.43 2.14 -14.53
N ASP E 238 43.21 1.40 -15.31
CA ASP E 238 42.86 1.09 -16.69
C ASP E 238 41.61 0.22 -16.83
N LEU E 239 41.55 -0.87 -16.06
CA LEU E 239 40.38 -1.74 -16.07
C LEU E 239 39.18 -1.01 -15.51
N TYR E 240 39.47 -0.17 -14.52
CA TYR E 240 38.47 0.67 -13.91
C TYR E 240 37.86 1.64 -14.93
N ASP E 241 38.71 2.33 -15.70
CA ASP E 241 38.21 3.25 -16.72
C ASP E 241 37.34 2.51 -17.74
N ARG E 242 37.87 1.41 -18.27
CA ARG E 242 37.18 0.67 -19.33
C ARG E 242 35.83 0.13 -18.90
N LEU E 243 35.76 -0.40 -17.69
CA LEU E 243 34.51 -0.98 -17.21
C LEU E 243 33.54 0.13 -16.89
N ARG E 244 34.06 1.26 -16.44
CA ARG E 244 33.24 2.41 -16.14
C ARG E 244 32.62 2.90 -17.46
N LEU E 245 33.37 2.78 -18.56
CA LEU E 245 32.84 3.11 -19.88
C LEU E 245 31.72 2.18 -20.35
N ARG E 246 32.00 0.88 -20.35
CA ARG E 246 31.10 -0.11 -20.92
C ARG E 246 29.81 -0.34 -20.12
N ARG E 247 29.78 0.18 -18.89
CA ARG E 247 28.61 0.11 -18.03
C ARG E 247 27.46 0.93 -18.59
N TRP E 248 27.80 2.01 -19.30
CA TRP E 248 26.81 2.89 -19.90
C TRP E 248 27.12 3.05 -21.41
N LEU E 249 26.93 1.95 -22.12
CA LEU E 249 26.92 1.91 -23.58
C LEU E 249 28.20 2.42 -24.22
N GLY E 250 29.26 2.55 -23.43
CA GLY E 250 30.54 3.02 -23.95
C GLY E 250 30.60 4.51 -24.17
N ILE E 251 29.71 5.24 -23.48
CA ILE E 251 29.63 6.69 -23.59
C ILE E 251 30.34 7.38 -22.45
N GLU E 252 31.35 8.17 -22.79
CA GLU E 252 32.04 9.01 -21.83
C GLU E 252 31.03 10.04 -21.32
N ARG E 253 30.66 9.98 -20.05
CA ARG E 253 29.54 10.79 -19.55
C ARG E 253 29.90 12.25 -19.32
N ALA E 254 31.19 12.55 -19.31
CA ALA E 254 31.64 13.92 -19.12
C ALA E 254 31.63 14.61 -20.47
N SER E 255 31.24 13.87 -21.49
CA SER E 255 31.22 14.40 -22.84
C SER E 255 29.93 15.14 -23.14
N ASP E 256 30.02 16.00 -24.15
CA ASP E 256 28.93 16.83 -24.61
C ASP E 256 27.97 16.02 -25.45
N ARG E 257 26.96 15.42 -24.82
CA ARG E 257 25.98 14.63 -25.56
C ARG E 257 24.79 15.50 -25.97
N ILE E 258 24.82 16.78 -25.59
CA ILE E 258 23.74 17.67 -25.93
C ILE E 258 23.82 18.14 -27.38
N THR E 259 25.05 18.26 -27.91
CA THR E 259 25.26 18.60 -29.32
C THR E 259 25.67 17.37 -30.15
N GLY E 260 25.71 16.21 -29.50
CA GLY E 260 26.07 14.97 -30.16
C GLY E 260 27.58 14.81 -30.36
N ASP E 261 28.35 15.55 -29.58
CA ASP E 261 29.81 15.55 -29.69
C ASP E 261 30.47 14.49 -28.81
N TYR E 262 30.33 13.22 -29.19
CA TYR E 262 30.97 12.11 -28.49
C TYR E 262 31.17 10.93 -29.43
N ASP E 263 32.04 10.00 -29.05
CA ASP E 263 32.28 8.82 -29.86
C ASP E 263 32.18 7.56 -29.03
N VAL E 264 31.76 6.47 -29.65
CA VAL E 264 31.78 5.20 -28.98
C VAL E 264 32.82 4.35 -29.69
N ALA E 265 33.93 4.10 -29.00
CA ALA E 265 35.03 3.32 -29.55
C ALA E 265 34.84 1.87 -29.15
N GLU E 266 34.24 1.68 -27.98
CA GLU E 266 33.94 0.35 -27.47
C GLU E 266 32.47 0.26 -27.07
N TRP E 267 31.66 -0.48 -27.83
CA TRP E 267 30.24 -0.56 -27.51
C TRP E 267 30.08 -1.22 -26.14
N GLY E 268 29.02 -0.86 -25.44
CA GLY E 268 28.85 -1.30 -24.06
C GLY E 268 27.46 -1.78 -23.71
N TYR E 269 27.17 -1.73 -22.41
CA TYR E 269 25.93 -2.28 -21.90
C TYR E 269 25.15 -1.20 -21.13
N ARG E 270 24.07 -1.61 -20.47
CA ARG E 270 23.25 -0.66 -19.71
C ARG E 270 23.06 -1.29 -18.31
N PHE E 271 24.07 -1.08 -17.48
CA PHE E 271 24.23 -1.86 -16.25
C PHE E 271 24.30 -1.04 -14.97
N ILE E 272 24.02 0.26 -15.02
CA ILE E 272 24.15 1.11 -13.83
C ILE E 272 23.21 0.76 -12.70
N LEU E 273 23.65 1.06 -11.49
CA LEU E 273 22.82 0.99 -10.29
C LEU E 273 22.18 2.38 -10.13
N ASN E 274 20.92 2.43 -9.70
CA ASN E 274 20.28 3.73 -9.56
C ASN E 274 20.27 4.22 -8.09
N GLU E 275 19.79 5.43 -7.87
CA GLU E 275 19.90 6.10 -6.57
C GLU E 275 19.16 5.34 -5.46
N ILE E 276 18.16 4.56 -5.85
CA ILE E 276 17.41 3.80 -4.88
C ILE E 276 18.31 2.67 -4.38
N GLY E 277 19.04 2.06 -5.31
CA GLY E 277 20.03 1.06 -4.99
C GLY E 277 21.14 1.61 -4.11
N GLY E 278 21.69 2.76 -4.51
CA GLY E 278 22.73 3.38 -3.71
C GLY E 278 22.29 3.74 -2.29
N ALA E 279 21.07 4.28 -2.15
CA ALA E 279 20.56 4.68 -0.84
C ALA E 279 20.43 3.47 0.07
N ILE E 280 19.83 2.40 -0.47
CA ILE E 280 19.65 1.17 0.27
C ILE E 280 20.99 0.58 0.71
N GLY E 281 21.96 0.54 -0.20
CA GLY E 281 23.28 0.06 0.16
C GLY E 281 23.91 0.86 1.30
N LEU E 282 23.82 2.18 1.23
CA LEU E 282 24.43 3.07 2.22
C LEU E 282 23.85 2.84 3.60
N SER E 283 22.54 2.67 3.65
CA SER E 283 21.87 2.34 4.90
C SER E 283 22.34 1.01 5.45
N ASN E 284 22.39 0.00 4.60
CA ASN E 284 22.66 -1.35 5.06
C ASN E 284 24.15 -1.53 5.41
N LEU E 285 24.99 -0.63 4.91
CA LEU E 285 26.39 -0.67 5.28
C LEU E 285 26.59 -0.47 6.78
N GLU E 286 25.69 0.28 7.40
CA GLU E 286 25.76 0.59 8.82
C GLU E 286 25.46 -0.61 9.72
N ARG E 287 24.80 -1.63 9.18
CA ARG E 287 24.41 -2.79 9.98
C ARG E 287 25.16 -4.06 9.60
N VAL E 288 25.92 -4.03 8.52
CA VAL E 288 26.40 -5.29 7.94
C VAL E 288 27.45 -5.99 8.79
N ASP E 289 28.26 -5.22 9.50
CA ASP E 289 29.31 -5.80 10.34
C ASP E 289 28.76 -6.68 11.47
N GLU E 290 27.70 -6.24 12.13
CA GLU E 290 27.07 -7.04 13.17
C GLU E 290 26.43 -8.32 12.60
N LEU E 291 25.83 -8.22 11.43
CA LEU E 291 25.23 -9.39 10.81
C LEU E 291 26.33 -10.40 10.46
N LEU E 292 27.45 -9.90 9.95
CA LEU E 292 28.57 -10.75 9.57
C LEU E 292 29.18 -11.44 10.80
N ARG E 293 29.27 -10.73 11.91
CA ARG E 293 29.77 -11.32 13.14
C ARG E 293 28.89 -12.49 13.63
N ARG E 294 27.58 -12.37 13.43
CA ARG E 294 26.64 -13.39 13.85
C ARG E 294 26.75 -14.63 12.98
N HIS E 295 26.91 -14.42 11.67
CA HIS E 295 27.16 -15.52 10.73
C HIS E 295 28.34 -16.32 11.20
N ARG E 296 29.43 -15.60 11.47
CA ARG E 296 30.66 -16.26 11.83
C ARG E 296 30.54 -16.99 13.16
N GLU E 297 29.84 -16.38 14.10
CA GLU E 297 29.62 -17.00 15.40
C GLU E 297 28.78 -18.27 15.30
N ASN E 298 27.72 -18.22 14.49
CA ASN E 298 26.90 -19.41 14.30
C ASN E 298 27.73 -20.47 13.60
N ALA E 299 28.57 -20.07 12.65
CA ALA E 299 29.43 -21.03 11.96
C ALA E 299 30.46 -21.71 12.90
N ALA E 300 31.06 -20.96 13.82
CA ALA E 300 32.02 -21.51 14.76
C ALA E 300 31.38 -22.54 15.66
N PHE E 301 30.13 -22.22 16.00
CA PHE E 301 29.30 -23.09 16.80
C PHE E 301 29.12 -24.41 16.09
N TYR E 302 28.79 -24.34 14.80
CA TYR E 302 28.63 -25.55 14.00
C TYR E 302 29.92 -26.35 13.86
N ASP E 303 31.02 -25.66 13.58
CA ASP E 303 32.31 -26.31 13.40
C ASP E 303 32.64 -27.20 14.60
N LYS E 304 32.34 -26.70 15.80
CA LYS E 304 32.57 -27.47 17.03
C LYS E 304 31.52 -28.56 17.25
N GLU E 305 30.25 -28.18 17.21
CA GLU E 305 29.15 -29.08 17.59
C GLU E 305 28.82 -30.14 16.53
N LEU E 306 29.11 -29.86 15.26
CA LEU E 306 28.77 -30.80 14.19
C LEU E 306 29.94 -31.74 13.86
N ALA E 307 31.06 -31.57 14.56
CA ALA E 307 32.24 -32.39 14.33
C ALA E 307 32.07 -33.76 14.94
N GLY E 308 32.54 -34.80 14.24
CA GLY E 308 32.49 -36.14 14.78
C GLY E 308 31.14 -36.81 14.69
N ILE E 309 30.23 -36.24 13.91
CA ILE E 309 28.95 -36.87 13.64
C ILE E 309 29.07 -37.77 12.41
N ASP E 310 28.76 -39.06 12.57
CA ASP E 310 28.86 -40.00 11.45
C ASP E 310 27.90 -39.67 10.31
N GLY E 311 28.45 -39.60 9.11
CA GLY E 311 27.64 -39.27 7.96
C GLY E 311 27.64 -37.79 7.65
N VAL E 312 28.39 -37.02 8.44
CA VAL E 312 28.48 -35.57 8.28
C VAL E 312 29.93 -35.12 8.12
N GLU E 313 30.29 -34.71 6.89
CA GLU E 313 31.63 -34.20 6.62
C GLU E 313 31.59 -32.70 6.44
N GLN E 314 32.50 -32.00 7.11
CA GLN E 314 32.54 -30.55 7.06
C GLN E 314 33.54 -30.14 5.98
N THR E 315 33.55 -28.85 5.69
CA THR E 315 34.46 -28.26 4.71
C THR E 315 35.80 -27.90 5.36
N GLU E 316 36.87 -27.93 4.56
CA GLU E 316 38.19 -27.49 4.98
C GLU E 316 38.17 -26.10 5.63
N ARG E 317 39.08 -25.88 6.58
CA ARG E 317 39.26 -24.58 7.24
C ARG E 317 40.73 -24.21 7.32
N ALA E 318 41.12 -23.13 6.64
CA ALA E 318 42.50 -22.69 6.66
C ALA E 318 42.71 -21.58 7.67
N ASP E 319 43.90 -21.51 8.25
CA ASP E 319 44.12 -20.47 9.24
C ASP E 319 44.30 -19.10 8.60
N ASP E 320 44.63 -19.05 7.31
CA ASP E 320 45.06 -17.79 6.71
C ASP E 320 43.93 -17.05 6.00
N ARG E 321 42.69 -17.40 6.32
CA ARG E 321 41.57 -16.73 5.71
C ARG E 321 40.40 -16.78 6.67
N GLU E 322 39.50 -15.81 6.49
CA GLU E 322 38.35 -15.59 7.36
C GLU E 322 37.05 -15.69 6.57
N PRO E 323 36.45 -16.89 6.55
CA PRO E 323 35.25 -17.10 5.72
C PRO E 323 34.06 -16.26 6.17
N ALA E 324 33.12 -16.03 5.24
CA ALA E 324 31.94 -15.22 5.54
C ALA E 324 30.75 -16.11 5.94
N PHE E 325 30.82 -17.38 5.54
CA PHE E 325 29.79 -18.36 5.86
C PHE E 325 28.41 -17.84 5.51
N TRP E 326 28.20 -17.52 4.25
CA TRP E 326 26.89 -17.03 3.83
C TRP E 326 25.82 -18.08 4.14
N MET E 327 26.13 -19.33 3.88
CA MET E 327 25.37 -20.47 4.34
C MET E 327 26.40 -21.42 4.90
N TYR E 328 25.96 -22.43 5.64
CA TYR E 328 26.89 -23.40 6.19
C TYR E 328 26.85 -24.70 5.41
N PRO E 329 28.00 -25.10 4.85
CA PRO E 329 28.11 -26.32 4.02
C PRO E 329 28.30 -27.63 4.78
N LEU E 330 27.64 -28.68 4.32
CA LEU E 330 27.87 -30.03 4.79
C LEU E 330 27.82 -31.01 3.63
N LYS E 331 28.52 -32.14 3.76
CA LYS E 331 28.36 -33.26 2.85
C LYS E 331 27.79 -34.48 3.59
N VAL E 332 26.61 -34.97 3.22
CA VAL E 332 25.95 -36.00 4.02
C VAL E 332 25.56 -37.26 3.24
N ARG E 333 25.63 -38.42 3.90
CA ARG E 333 25.07 -39.66 3.33
C ARG E 333 23.53 -39.52 3.26
N ASP E 334 22.93 -40.15 2.25
CA ASP E 334 21.47 -40.17 2.10
C ASP E 334 20.87 -38.77 2.24
N ARG E 335 21.40 -37.83 1.45
CA ARG E 335 20.98 -36.44 1.53
C ARG E 335 19.47 -36.23 1.45
N PRO E 336 18.78 -36.97 0.57
CA PRO E 336 17.33 -36.76 0.53
C PRO E 336 16.64 -37.05 1.87
N ALA E 337 17.06 -38.11 2.54
CA ALA E 337 16.52 -38.44 3.85
C ALA E 337 16.96 -37.38 4.83
N PHE E 338 18.18 -36.88 4.63
CA PHE E 338 18.72 -35.82 5.48
C PHE E 338 17.85 -34.57 5.40
N MET E 339 17.62 -34.09 4.19
CA MET E 339 16.86 -32.87 4.00
C MET E 339 15.44 -33.07 4.52
N ARG E 340 14.88 -34.23 4.25
CA ARG E 340 13.53 -34.55 4.68
C ARG E 340 13.43 -34.48 6.20
N ARG E 341 14.43 -35.01 6.89
CA ARG E 341 14.46 -35.00 8.35
C ARG E 341 14.46 -33.57 8.89
N LEU E 342 15.35 -32.75 8.34
CA LEU E 342 15.50 -31.40 8.81
C LEU E 342 14.28 -30.55 8.48
N LEU E 343 13.61 -30.91 7.40
CA LEU E 343 12.43 -30.18 6.98
C LEU E 343 11.28 -30.40 7.95
N ASP E 344 11.13 -31.63 8.45
CA ASP E 344 10.12 -31.94 9.46
C ASP E 344 10.36 -31.22 10.79
N ALA E 345 11.60 -30.86 11.07
CA ALA E 345 11.92 -30.13 12.29
C ALA E 345 11.87 -28.61 12.05
N GLY E 346 11.44 -28.20 10.85
CA GLY E 346 11.29 -26.79 10.57
C GLY E 346 12.58 -26.09 10.24
N ILE E 347 13.55 -26.84 9.72
CA ILE E 347 14.85 -26.28 9.36
C ILE E 347 14.95 -26.35 7.85
N ALA E 348 15.03 -25.18 7.22
CA ALA E 348 15.18 -25.13 5.77
C ALA E 348 16.57 -25.58 5.36
N THR E 349 16.64 -26.25 4.23
CA THR E 349 17.84 -26.94 3.76
C THR E 349 17.84 -26.94 2.25
N SER E 350 19.00 -26.80 1.62
CA SER E 350 19.04 -26.77 0.16
C SER E 350 20.38 -27.17 -0.47
N VAL E 351 20.30 -27.75 -1.67
CA VAL E 351 21.48 -27.98 -2.48
C VAL E 351 21.91 -26.65 -3.12
N VAL E 352 20.99 -25.68 -3.12
CA VAL E 352 21.17 -24.31 -3.65
C VAL E 352 21.17 -24.23 -5.17
N SER E 353 22.10 -24.90 -5.84
CA SER E 353 21.99 -24.95 -7.30
C SER E 353 22.52 -26.25 -7.88
N ARG E 354 21.97 -26.60 -9.04
CA ARG E 354 22.40 -27.78 -9.75
C ARG E 354 23.72 -27.48 -10.39
N ARG E 355 24.60 -28.49 -10.39
CA ARG E 355 25.87 -28.41 -11.07
C ARG E 355 25.65 -28.01 -12.52
N ASN E 356 26.26 -26.89 -12.92
CA ASN E 356 25.96 -26.30 -14.22
C ASN E 356 26.29 -27.23 -15.40
N ASP E 357 27.22 -28.16 -15.19
CA ASP E 357 27.65 -29.05 -16.28
C ASP E 357 26.58 -30.03 -16.71
N ALA E 358 25.53 -30.17 -15.92
CA ALA E 358 24.49 -31.15 -16.22
C ALA E 358 23.35 -30.59 -17.07
N HIS E 359 23.26 -29.27 -17.19
CA HIS E 359 22.20 -28.61 -17.97
C HIS E 359 22.27 -28.91 -19.48
N SER E 360 21.10 -29.07 -20.12
CA SER E 360 21.03 -29.34 -21.56
C SER E 360 21.81 -28.33 -22.38
N CYS E 361 21.65 -27.06 -22.04
CA CYS E 361 22.17 -25.96 -22.83
C CYS E 361 23.69 -25.93 -22.95
N VAL E 362 24.39 -26.68 -22.11
CA VAL E 362 25.84 -26.70 -22.19
C VAL E 362 26.34 -28.12 -22.33
N ALA E 363 25.57 -28.93 -23.06
CA ALA E 363 25.92 -30.33 -23.29
C ALA E 363 27.29 -30.49 -23.99
N SER E 364 27.67 -29.50 -24.80
CA SER E 364 28.90 -29.60 -25.61
C SER E 364 30.14 -29.51 -24.72
N ALA E 365 29.98 -28.92 -23.55
CA ALA E 365 31.12 -28.72 -22.64
C ALA E 365 31.30 -29.86 -21.64
N ARG E 366 30.46 -30.89 -21.74
CA ARG E 366 30.43 -31.98 -20.76
C ARG E 366 31.69 -32.87 -20.78
N THR E 367 32.29 -33.00 -19.60
CA THR E 367 33.56 -33.70 -19.40
C THR E 367 33.54 -34.32 -18.01
N THR E 368 34.32 -35.36 -17.81
CA THR E 368 34.29 -36.06 -16.53
C THR E 368 35.02 -35.23 -15.48
N LEU E 369 34.33 -34.95 -14.38
CA LEU E 369 34.88 -34.16 -13.30
C LEU E 369 34.72 -34.94 -12.01
N PRO E 370 35.69 -35.83 -11.72
CA PRO E 370 35.51 -36.81 -10.63
C PRO E 370 35.32 -36.18 -9.25
N GLY E 371 36.03 -35.09 -8.98
CA GLY E 371 35.93 -34.43 -7.69
C GLY E 371 34.52 -33.95 -7.45
N LEU E 372 33.93 -33.32 -8.48
CA LEU E 372 32.57 -32.84 -8.37
C LEU E 372 31.59 -34.01 -8.24
N ASP E 373 31.82 -35.07 -9.02
CA ASP E 373 30.95 -36.25 -8.97
C ASP E 373 30.83 -36.77 -7.55
N ARG E 374 31.95 -36.75 -6.84
CA ARG E 374 32.01 -37.31 -5.50
C ARG E 374 31.29 -36.45 -4.46
N VAL E 375 30.98 -35.18 -4.76
CA VAL E 375 30.30 -34.35 -3.76
C VAL E 375 28.92 -33.87 -4.18
N ALA E 376 28.62 -33.91 -5.48
CA ALA E 376 27.41 -33.28 -6.03
C ALA E 376 26.13 -33.75 -5.35
N ASP E 377 26.08 -35.04 -5.01
CA ASP E 377 24.90 -35.65 -4.39
C ASP E 377 24.96 -35.65 -2.87
N ARG E 378 26.03 -35.09 -2.31
CA ARG E 378 26.24 -35.08 -0.87
C ARG E 378 26.17 -33.69 -0.30
N VAL E 379 26.50 -32.70 -1.13
CA VAL E 379 26.56 -31.33 -0.65
C VAL E 379 25.16 -30.86 -0.27
N VAL E 380 25.08 -30.16 0.85
CA VAL E 380 23.82 -29.64 1.35
C VAL E 380 24.11 -28.40 2.17
N HIS E 381 23.16 -27.49 2.27
CA HIS E 381 23.39 -26.23 2.93
C HIS E 381 22.43 -26.00 4.04
N ILE E 382 22.95 -25.39 5.11
CA ILE E 382 22.24 -25.24 6.36
C ILE E 382 22.18 -23.78 6.81
N PRO E 383 21.11 -23.41 7.53
CA PRO E 383 20.98 -22.04 8.07
C PRO E 383 22.08 -21.74 9.07
N VAL E 384 22.70 -20.57 8.91
CA VAL E 384 23.80 -20.12 9.75
C VAL E 384 23.73 -18.59 9.97
N GLY E 385 22.80 -17.94 9.25
CA GLY E 385 22.70 -16.50 9.23
C GLY E 385 22.38 -15.78 10.53
N TRP E 386 22.33 -14.45 10.44
CA TRP E 386 22.20 -13.57 11.59
C TRP E 386 20.87 -13.66 12.33
N TRP E 387 19.87 -14.27 11.70
CA TRP E 387 18.53 -14.36 12.25
C TRP E 387 18.39 -15.56 13.18
N LEU E 388 19.42 -16.41 13.26
CA LEU E 388 19.35 -17.56 14.14
C LEU E 388 19.44 -17.11 15.58
N THR E 389 18.45 -17.48 16.37
CA THR E 389 18.59 -17.32 17.81
C THR E 389 19.42 -18.48 18.33
N GLU E 390 19.81 -18.38 19.59
CA GLU E 390 20.58 -19.41 20.27
C GLU E 390 19.89 -20.76 20.13
N ASP E 391 18.56 -20.73 20.27
CA ASP E 391 17.70 -21.90 20.16
C ASP E 391 17.55 -22.44 18.76
N ASP E 392 17.41 -21.55 17.78
CA ASP E 392 17.33 -21.95 16.38
C ASP E 392 18.56 -22.80 16.04
N ARG E 393 19.69 -22.31 16.54
CA ARG E 393 20.99 -22.89 16.33
C ARG E 393 21.12 -24.29 16.99
N SER E 394 20.65 -24.35 18.24
CA SER E 394 20.64 -25.60 19.01
C SER E 394 19.73 -26.64 18.38
N HIS E 395 18.58 -26.19 17.91
CA HIS E 395 17.60 -27.06 17.27
C HIS E 395 18.19 -27.68 15.99
N VAL E 396 18.97 -26.91 15.24
CA VAL E 396 19.64 -27.42 14.06
C VAL E 396 20.57 -28.56 14.43
N VAL E 397 21.47 -28.28 15.38
CA VAL E 397 22.46 -29.25 15.81
C VAL E 397 21.81 -30.52 16.33
N GLU E 398 20.81 -30.34 17.18
CA GLU E 398 20.15 -31.46 17.84
C GLU E 398 19.45 -32.35 16.81
N THR E 399 18.83 -31.71 15.82
CA THR E 399 18.10 -32.42 14.78
C THR E 399 19.03 -33.29 13.94
N ILE E 400 20.19 -32.75 13.59
CA ILE E 400 21.17 -33.54 12.87
C ILE E 400 21.60 -34.76 13.70
N LYS E 401 21.78 -34.55 15.00
CA LYS E 401 22.18 -35.61 15.90
C LYS E 401 21.06 -36.64 16.13
N SER E 402 19.83 -36.29 15.80
CA SER E 402 18.73 -37.23 15.97
C SER E 402 18.70 -38.29 14.87
N GLY E 403 19.60 -38.15 13.90
CA GLY E 403 19.75 -39.09 12.79
C GLY E 403 18.73 -39.03 11.66
N TRP E 404 18.96 -39.79 10.60
CA TRP E 404 18.07 -39.79 9.45
C TRP E 404 18.16 -41.03 8.58
N MET F 29 16.70 26.67 -16.67
CA MET F 29 15.45 26.98 -15.98
C MET F 29 14.24 26.28 -16.59
N ILE F 30 14.22 26.12 -17.91
CA ILE F 30 13.24 25.23 -18.53
C ILE F 30 13.89 23.94 -18.98
N PRO F 31 13.70 22.86 -18.21
CA PRO F 31 14.41 21.60 -18.52
C PRO F 31 13.77 20.85 -19.68
N LEU F 32 14.56 20.06 -20.41
CA LEU F 32 14.05 19.27 -21.53
C LEU F 32 13.38 17.97 -21.05
N SER F 33 13.83 17.46 -19.90
CA SER F 33 13.29 16.24 -19.27
C SER F 33 13.24 16.36 -17.76
N LYS F 34 12.35 15.59 -17.13
CA LYS F 34 12.16 15.67 -15.69
C LYS F 34 11.58 14.39 -15.15
N VAL F 35 12.05 13.99 -13.98
CA VAL F 35 11.57 12.78 -13.32
C VAL F 35 10.15 12.96 -12.82
N ALA F 36 9.27 12.05 -13.23
CA ALA F 36 7.89 12.08 -12.80
C ALA F 36 7.65 11.05 -11.67
N MET F 37 7.61 11.56 -10.43
CA MET F 37 7.45 10.72 -9.24
C MET F 37 6.26 11.13 -8.39
N SER F 38 5.32 10.21 -8.18
CA SER F 38 4.18 10.45 -7.30
C SER F 38 4.68 10.82 -5.90
N PRO F 39 4.03 11.78 -5.24
CA PRO F 39 4.45 12.13 -3.88
C PRO F 39 4.06 11.06 -2.88
N ASP F 40 3.21 10.16 -3.33
CA ASP F 40 2.67 9.09 -2.49
C ASP F 40 3.52 7.81 -2.54
N VAL F 41 4.59 7.82 -3.35
CA VAL F 41 5.36 6.61 -3.65
C VAL F 41 5.86 5.96 -2.37
N SER F 42 6.20 6.78 -1.38
CA SER F 42 6.72 6.29 -0.11
C SER F 42 5.79 5.20 0.46
N THR F 43 4.50 5.32 0.19
CA THR F 43 3.54 4.35 0.70
C THR F 43 3.76 2.92 0.22
N ARG F 44 3.77 2.73 -1.08
CA ARG F 44 3.93 1.40 -1.68
C ARG F 44 5.30 0.80 -1.43
N VAL F 45 6.33 1.62 -1.61
CA VAL F 45 7.71 1.19 -1.46
C VAL F 45 8.07 0.75 -0.05
N SER F 46 7.64 1.51 0.95
CA SER F 46 7.96 1.18 2.34
C SER F 46 7.46 -0.22 2.72
N ALA F 47 6.31 -0.63 2.18
CA ALA F 47 5.80 -1.97 2.42
C ALA F 47 6.70 -3.06 1.80
N VAL F 48 7.16 -2.83 0.56
CA VAL F 48 8.06 -3.76 -0.11
C VAL F 48 9.35 -3.94 0.71
N LEU F 49 9.94 -2.84 1.16
CA LEU F 49 11.21 -2.90 1.87
C LEU F 49 11.11 -3.67 3.16
N SER F 50 9.92 -3.64 3.76
CA SER F 50 9.66 -4.33 5.02
C SER F 50 9.06 -5.74 4.85
N SER F 51 8.92 -6.19 3.61
CA SER F 51 8.21 -7.43 3.32
C SER F 51 9.09 -8.68 3.40
N GLY F 52 10.39 -8.53 3.18
CA GLY F 52 11.28 -9.68 3.11
C GLY F 52 11.27 -10.36 1.75
N ARG F 53 10.53 -9.79 0.81
CA ARG F 53 10.49 -10.20 -0.60
C ARG F 53 10.86 -9.04 -1.50
N LEU F 54 12.06 -9.05 -2.05
CA LEU F 54 12.50 -7.94 -2.91
C LEU F 54 12.56 -8.35 -4.36
N GLU F 55 12.75 -9.63 -4.64
CA GLU F 55 12.76 -10.08 -6.03
C GLU F 55 11.78 -11.24 -6.18
N HIS F 56 11.25 -11.42 -7.39
CA HIS F 56 10.27 -12.48 -7.70
C HIS F 56 9.01 -12.41 -6.82
N GLY F 57 8.61 -11.21 -6.45
CA GLY F 57 7.50 -11.05 -5.52
C GLY F 57 6.17 -10.73 -6.15
N PRO F 58 5.11 -10.58 -5.32
CA PRO F 58 3.74 -10.32 -5.78
C PRO F 58 3.53 -8.89 -6.28
N THR F 59 4.38 -7.95 -5.83
CA THR F 59 4.24 -6.55 -6.25
C THR F 59 4.56 -6.40 -7.75
N VAL F 60 5.63 -7.05 -8.25
CA VAL F 60 5.93 -7.01 -9.69
C VAL F 60 4.77 -7.64 -10.48
N ALA F 61 4.21 -8.74 -9.99
CA ALA F 61 3.08 -9.34 -10.67
C ALA F 61 1.89 -8.38 -10.78
N GLU F 62 1.61 -7.64 -9.71
CA GLU F 62 0.49 -6.69 -9.70
C GLU F 62 0.74 -5.56 -10.69
N TYR F 63 1.98 -5.08 -10.73
CA TYR F 63 2.40 -4.06 -11.69
C TYR F 63 2.28 -4.57 -13.13
N GLU F 64 2.81 -5.76 -13.41
CA GLU F 64 2.69 -6.34 -14.75
C GLU F 64 1.22 -6.46 -15.16
N ALA F 65 0.37 -6.86 -14.20
CA ALA F 65 -1.07 -6.98 -14.46
C ALA F 65 -1.74 -5.63 -14.82
N ALA F 66 -1.36 -4.56 -14.13
CA ALA F 66 -1.92 -3.23 -14.39
C ALA F 66 -1.53 -2.69 -15.77
N VAL F 67 -0.25 -2.82 -16.11
CA VAL F 67 0.29 -2.44 -17.42
C VAL F 67 -0.45 -3.21 -18.51
N GLY F 68 -0.59 -4.51 -18.32
CA GLY F 68 -1.28 -5.32 -19.28
C GLY F 68 -2.70 -4.85 -19.52
N SER F 69 -3.37 -4.41 -18.45
CA SER F 69 -4.79 -4.01 -18.57
C SER F 69 -4.91 -2.70 -19.33
N ARG F 70 -3.93 -1.81 -19.18
CA ARG F 70 -3.92 -0.52 -19.90
C ARG F 70 -3.59 -0.68 -21.36
N ILE F 71 -2.53 -1.46 -21.62
CA ILE F 71 -2.07 -1.68 -22.98
C ILE F 71 -3.09 -2.48 -23.77
N GLY F 72 -3.82 -3.34 -23.07
CA GLY F 72 -4.81 -4.19 -23.73
C GLY F 72 -4.16 -5.46 -24.20
N ASN F 73 -2.99 -5.75 -23.65
CA ASN F 73 -2.31 -6.99 -23.94
C ASN F 73 -1.70 -7.47 -22.64
N PRO F 74 -2.23 -8.57 -22.09
CA PRO F 74 -1.77 -9.07 -20.79
C PRO F 74 -0.36 -9.71 -20.81
N ARG F 75 0.17 -10.00 -21.99
CA ARG F 75 1.46 -10.67 -22.06
C ARG F 75 2.61 -9.72 -21.76
N VAL F 76 2.70 -9.26 -20.52
CA VAL F 76 3.71 -8.25 -20.14
C VAL F 76 4.85 -8.87 -19.32
N VAL F 77 6.08 -8.70 -19.82
CA VAL F 77 7.26 -9.22 -19.13
C VAL F 77 8.17 -8.10 -18.65
N SER F 78 8.14 -7.82 -17.36
CA SER F 78 8.97 -6.76 -16.78
C SER F 78 10.45 -7.11 -16.79
N VAL F 79 11.30 -6.08 -16.91
CA VAL F 79 12.77 -6.22 -16.93
C VAL F 79 13.41 -5.06 -16.20
N ASN F 80 14.73 -5.14 -16.02
CA ASN F 80 15.39 -4.17 -15.16
C ASN F 80 15.79 -2.87 -15.89
N CYS F 81 15.61 -2.84 -17.21
CA CYS F 81 15.70 -1.59 -17.99
C CYS F 81 15.27 -1.86 -19.43
N GLY F 82 15.07 -0.79 -20.18
CA GLY F 82 14.64 -0.90 -21.57
C GLY F 82 15.66 -1.59 -22.47
N THR F 83 16.94 -1.28 -22.29
CA THR F 83 17.98 -1.89 -23.10
C THR F 83 17.97 -3.40 -22.93
N ALA F 84 17.75 -3.83 -21.69
CA ALA F 84 17.70 -5.26 -21.35
C ALA F 84 16.50 -5.94 -22.01
N GLY F 85 15.39 -5.22 -22.07
CA GLY F 85 14.21 -5.68 -22.77
C GLY F 85 14.49 -5.94 -24.23
N LEU F 86 15.28 -5.04 -24.84
CA LEU F 86 15.68 -5.18 -26.22
C LEU F 86 16.68 -6.32 -26.37
N HIS F 87 17.65 -6.37 -25.47
CA HIS F 87 18.66 -7.41 -25.45
C HIS F 87 17.97 -8.77 -25.42
N LEU F 88 17.03 -8.90 -24.49
CA LEU F 88 16.27 -10.12 -24.30
C LEU F 88 15.44 -10.49 -25.54
N ALA F 89 14.74 -9.52 -26.11
CA ALA F 89 13.91 -9.75 -27.31
C ALA F 89 14.76 -10.15 -28.54
N LEU F 90 15.90 -9.49 -28.73
CA LEU F 90 16.80 -9.80 -29.83
C LEU F 90 17.42 -11.20 -29.68
N SER F 91 17.44 -11.73 -28.46
CA SER F 91 17.97 -13.08 -28.26
C SER F 91 17.07 -14.10 -28.95
N LEU F 92 15.80 -13.75 -29.17
CA LEU F 92 14.90 -14.60 -29.92
C LEU F 92 15.36 -14.76 -31.37
N ALA F 93 15.93 -13.70 -31.93
CA ALA F 93 16.39 -13.73 -33.31
C ALA F 93 17.65 -14.58 -33.47
N ALA F 94 18.62 -14.36 -32.59
CA ALA F 94 19.89 -15.08 -32.63
C ALA F 94 19.71 -16.55 -32.27
N ARG F 95 18.90 -16.81 -31.25
CA ARG F 95 18.68 -18.15 -30.72
C ARG F 95 17.19 -18.47 -30.67
N PRO F 96 16.64 -19.04 -31.75
CA PRO F 96 15.19 -19.23 -31.88
C PRO F 96 14.45 -20.03 -30.78
N GLY F 97 14.92 -21.16 -30.22
CA GLY F 97 16.22 -21.79 -30.43
C GLY F 97 16.60 -22.52 -29.14
N ALA F 98 17.41 -23.57 -29.23
CA ALA F 98 17.87 -24.28 -28.03
C ALA F 98 19.24 -24.92 -28.25
N PRO F 106 26.42 -15.14 -39.74
CA PRO F 106 25.72 -14.65 -40.94
C PRO F 106 24.47 -13.81 -40.61
N GLY F 107 23.92 -13.98 -39.40
CA GLY F 107 22.68 -13.33 -39.02
C GLY F 107 22.75 -11.81 -38.98
N GLU F 108 21.72 -11.14 -39.49
CA GLU F 108 21.67 -9.67 -39.52
C GLU F 108 20.43 -9.08 -38.83
N VAL F 109 20.54 -7.83 -38.38
CA VAL F 109 19.38 -7.11 -37.86
C VAL F 109 19.27 -5.75 -38.54
N LEU F 110 18.11 -5.46 -39.13
CA LEU F 110 17.87 -4.17 -39.76
C LEU F 110 17.33 -3.19 -38.72
N THR F 111 17.95 -2.02 -38.61
CA THR F 111 17.62 -1.07 -37.54
C THR F 111 17.92 0.37 -37.97
N THR F 112 17.48 1.34 -37.17
CA THR F 112 17.72 2.77 -37.46
C THR F 112 18.87 3.35 -36.67
N PRO F 113 19.71 4.17 -37.31
CA PRO F 113 20.85 4.77 -36.58
C PRO F 113 20.45 6.03 -35.83
N LEU F 114 19.28 6.57 -36.13
CA LEU F 114 18.79 7.73 -35.42
C LEU F 114 17.95 7.28 -34.24
N THR F 115 18.62 7.10 -33.10
CA THR F 115 18.03 6.59 -31.85
C THR F 115 19.13 6.49 -30.78
N PHE F 116 18.72 6.16 -29.56
CA PHE F 116 19.64 5.95 -28.43
C PHE F 116 20.49 4.68 -28.64
N GLU F 117 21.77 4.70 -28.22
CA GLU F 117 22.65 3.54 -28.44
C GLU F 117 22.09 2.28 -27.83
N GLY F 118 21.33 2.43 -26.76
CA GLY F 118 20.67 1.31 -26.11
C GLY F 118 19.76 0.56 -27.05
N THR F 119 19.31 1.20 -28.11
CA THR F 119 18.50 0.51 -29.10
C THR F 119 19.36 -0.52 -29.81
N ASN F 120 20.61 -0.15 -30.10
CA ASN F 120 21.38 -0.92 -31.06
C ASN F 120 22.49 -1.80 -30.50
N TRP F 121 23.08 -1.42 -29.38
CA TRP F 121 24.16 -2.24 -28.83
C TRP F 121 23.74 -3.67 -28.44
N PRO F 122 22.47 -3.88 -27.97
CA PRO F 122 22.03 -5.26 -27.78
C PRO F 122 22.10 -6.13 -29.04
N ILE F 123 22.05 -5.52 -30.22
CA ILE F 123 22.23 -6.28 -31.44
C ILE F 123 23.65 -6.85 -31.45
N LEU F 124 24.63 -6.02 -31.15
CA LEU F 124 26.00 -6.51 -31.16
C LEU F 124 26.18 -7.45 -29.98
N ALA F 125 25.53 -7.14 -28.88
CA ALA F 125 25.63 -7.98 -27.70
C ALA F 125 25.10 -9.40 -27.97
N ASN F 126 24.14 -9.52 -28.87
CA ASN F 126 23.59 -10.81 -29.26
C ASN F 126 24.33 -11.48 -30.42
N GLY F 127 25.45 -10.91 -30.85
CA GLY F 127 26.27 -11.50 -31.90
C GLY F 127 25.71 -11.43 -33.31
N LEU F 128 24.79 -10.50 -33.53
CA LEU F 128 24.20 -10.30 -34.84
C LEU F 128 24.81 -9.06 -35.53
N ARG F 129 24.75 -9.03 -36.85
CA ARG F 129 25.25 -7.91 -37.66
C ARG F 129 24.26 -6.73 -37.70
N ILE F 130 24.80 -5.50 -37.55
CA ILE F 130 23.99 -4.31 -37.69
C ILE F 130 23.97 -3.89 -39.14
N ARG F 131 22.78 -3.73 -39.72
CA ARG F 131 22.67 -3.09 -41.02
C ARG F 131 21.76 -1.87 -40.89
N TRP F 132 22.27 -0.71 -41.32
CA TRP F 132 21.52 0.52 -41.13
C TRP F 132 20.47 0.72 -42.21
N VAL F 133 19.28 1.09 -41.77
CA VAL F 133 18.21 1.50 -42.66
C VAL F 133 18.08 3.02 -42.51
N ASP F 134 17.90 3.72 -43.62
CA ASP F 134 17.83 5.17 -43.64
C ASP F 134 16.63 5.68 -42.85
N VAL F 135 16.64 6.98 -42.57
CA VAL F 135 15.59 7.60 -41.79
C VAL F 135 14.69 8.44 -42.68
N ASP F 136 13.38 8.38 -42.43
CA ASP F 136 12.43 9.29 -43.07
C ASP F 136 12.52 10.64 -42.38
N PRO F 137 13.02 11.65 -43.10
CA PRO F 137 13.28 12.97 -42.53
C PRO F 137 12.01 13.68 -42.03
N ALA F 138 10.85 13.16 -42.39
CA ALA F 138 9.59 13.78 -42.00
C ALA F 138 9.09 13.31 -40.64
N THR F 139 9.38 12.07 -40.30
CA THR F 139 8.89 11.50 -39.04
C THR F 139 10.02 11.26 -38.05
N LEU F 140 11.26 11.29 -38.56
CA LEU F 140 12.46 10.92 -37.80
C LEU F 140 12.49 9.43 -37.47
N ASN F 141 11.56 8.67 -38.04
CA ASN F 141 11.57 7.23 -37.89
C ASN F 141 12.20 6.61 -39.11
N MET F 142 12.28 5.28 -39.12
CA MET F 142 12.90 4.53 -40.19
C MET F 142 12.18 4.76 -41.52
N ASP F 143 12.93 4.90 -42.60
CA ASP F 143 12.33 4.95 -43.93
C ASP F 143 11.91 3.53 -44.31
N LEU F 144 10.61 3.26 -44.26
CA LEU F 144 10.07 1.91 -44.46
C LEU F 144 10.22 1.44 -45.90
N ASP F 145 10.51 2.37 -46.81
CA ASP F 145 10.77 1.98 -48.18
C ASP F 145 12.21 1.49 -48.34
N ASP F 146 13.13 2.12 -47.60
CA ASP F 146 14.50 1.66 -47.55
C ASP F 146 14.58 0.28 -46.89
N LEU F 147 13.72 0.06 -45.89
CA LEU F 147 13.65 -1.23 -45.24
C LEU F 147 13.34 -2.30 -46.29
N ALA F 148 12.34 -2.01 -47.13
CA ALA F 148 11.90 -2.94 -48.18
C ALA F 148 13.03 -3.35 -49.13
N ALA F 149 13.90 -2.41 -49.48
CA ALA F 149 14.98 -2.66 -50.42
C ALA F 149 16.08 -3.53 -49.79
N LYS F 150 16.24 -3.40 -48.48
CA LYS F 150 17.37 -3.98 -47.75
C LYS F 150 17.11 -5.32 -47.04
N ILE F 151 15.88 -5.81 -47.05
CA ILE F 151 15.54 -7.09 -46.41
C ILE F 151 16.19 -8.26 -47.15
N SER F 152 16.78 -9.18 -46.41
CA SER F 152 17.62 -10.24 -46.98
C SER F 152 17.28 -11.57 -46.30
N PRO F 153 17.59 -12.70 -46.96
CA PRO F 153 17.43 -14.00 -46.29
C PRO F 153 18.23 -14.07 -44.98
N ALA F 154 19.23 -13.19 -44.84
CA ALA F 154 20.04 -13.13 -43.64
C ALA F 154 19.41 -12.28 -42.54
N THR F 155 18.35 -11.55 -42.87
CA THR F 155 17.71 -10.67 -41.91
C THR F 155 17.04 -11.50 -40.83
N ARG F 156 17.59 -11.46 -39.61
CA ARG F 156 17.03 -12.22 -38.50
C ARG F 156 15.94 -11.44 -37.76
N ALA F 157 16.09 -10.12 -37.70
CA ALA F 157 15.16 -9.25 -36.98
C ALA F 157 15.19 -7.81 -37.51
N ILE F 158 14.09 -7.09 -37.30
CA ILE F 158 13.99 -5.67 -37.65
C ILE F 158 13.64 -4.87 -36.41
N VAL F 159 14.41 -3.82 -36.13
CA VAL F 159 14.11 -2.95 -34.99
C VAL F 159 13.69 -1.57 -35.51
N VAL F 160 12.46 -1.17 -35.17
CA VAL F 160 11.96 0.16 -35.48
C VAL F 160 11.87 0.96 -34.18
N VAL F 161 12.19 2.25 -34.24
CA VAL F 161 12.06 3.08 -33.06
C VAL F 161 10.89 4.03 -33.26
N HIS F 162 9.97 4.03 -32.31
CA HIS F 162 8.95 5.06 -32.30
C HIS F 162 9.54 6.31 -31.69
N TRP F 163 10.33 7.04 -32.47
CA TRP F 163 11.03 8.20 -31.94
C TRP F 163 10.10 9.25 -31.31
N LEU F 164 10.40 9.62 -30.06
CA LEU F 164 9.62 10.59 -29.26
C LEU F 164 8.18 10.19 -28.98
N GLY F 165 7.84 8.93 -29.25
CA GLY F 165 6.49 8.44 -29.09
C GLY F 165 5.60 8.72 -30.30
N TYR F 166 6.22 9.08 -31.42
CA TYR F 166 5.51 9.22 -32.68
C TYR F 166 5.52 7.88 -33.40
N PRO F 167 4.34 7.26 -33.53
CA PRO F 167 4.22 5.90 -34.07
C PRO F 167 4.73 5.72 -35.50
N VAL F 168 5.57 4.70 -35.66
CA VAL F 168 5.93 4.15 -36.97
C VAL F 168 4.63 3.70 -37.63
N ASP F 169 4.48 3.87 -38.94
CA ASP F 169 3.28 3.31 -39.56
C ASP F 169 3.37 1.79 -39.57
N LEU F 170 2.79 1.18 -38.54
CA LEU F 170 2.91 -0.25 -38.31
C LEU F 170 2.19 -1.07 -39.39
N ASN F 171 1.10 -0.53 -39.92
CA ASN F 171 0.42 -1.18 -41.04
C ASN F 171 1.32 -1.28 -42.27
N ARG F 172 2.00 -0.19 -42.59
CA ARG F 172 2.94 -0.15 -43.72
C ARG F 172 4.12 -1.06 -43.44
N LEU F 173 4.61 -0.96 -42.21
CA LEU F 173 5.72 -1.77 -41.76
C LEU F 173 5.42 -3.25 -41.96
N ARG F 174 4.20 -3.64 -41.61
CA ARG F 174 3.81 -5.04 -41.71
C ARG F 174 3.66 -5.44 -43.17
N ALA F 175 3.04 -4.56 -43.97
CA ALA F 175 2.87 -4.82 -45.40
C ALA F 175 4.22 -4.92 -46.09
N VAL F 176 5.17 -4.11 -45.64
CA VAL F 176 6.51 -4.12 -46.21
C VAL F 176 7.22 -5.44 -45.90
N VAL F 177 7.20 -5.85 -44.64
CA VAL F 177 7.86 -7.10 -44.20
C VAL F 177 7.23 -8.30 -44.88
N ASP F 178 5.91 -8.29 -45.01
CA ASP F 178 5.20 -9.41 -45.61
C ASP F 178 5.52 -9.62 -47.09
N ARG F 179 5.59 -8.54 -47.87
CA ARG F 179 5.88 -8.65 -49.30
C ARG F 179 7.32 -9.08 -49.55
N ALA F 180 8.24 -8.45 -48.82
CA ALA F 180 9.67 -8.69 -49.02
C ALA F 180 10.04 -10.12 -48.72
N THR F 181 9.36 -10.71 -47.74
CA THR F 181 9.72 -12.01 -47.22
C THR F 181 8.78 -13.14 -47.67
N ALA F 182 8.30 -13.06 -48.90
CA ALA F 182 7.36 -14.03 -49.48
C ALA F 182 7.89 -15.48 -49.47
N GLY F 183 9.07 -15.70 -50.06
CA GLY F 183 9.64 -17.03 -50.15
C GLY F 183 10.48 -17.50 -48.96
N TYR F 184 10.81 -16.58 -48.06
CA TYR F 184 11.89 -16.78 -47.07
C TYR F 184 11.74 -17.97 -46.10
N ASP F 185 10.55 -18.59 -46.07
CA ASP F 185 10.23 -19.78 -45.26
C ASP F 185 10.28 -19.56 -43.73
N ARG F 186 10.90 -18.48 -43.27
CA ARG F 186 10.62 -17.96 -41.93
C ARG F 186 10.78 -16.44 -41.87
N ARG F 187 9.71 -15.81 -41.39
CA ARG F 187 9.61 -14.37 -41.22
C ARG F 187 10.52 -13.87 -40.09
N PRO F 188 11.31 -12.82 -40.36
CA PRO F 188 12.18 -12.22 -39.35
C PRO F 188 11.40 -11.56 -38.21
N LEU F 189 12.02 -11.46 -37.04
CA LEU F 189 11.39 -10.89 -35.84
C LEU F 189 11.22 -9.37 -35.95
N VAL F 190 10.01 -8.89 -35.67
CA VAL F 190 9.73 -7.46 -35.64
C VAL F 190 9.72 -6.95 -34.20
N VAL F 191 10.65 -6.05 -33.88
CA VAL F 191 10.76 -5.47 -32.55
C VAL F 191 10.50 -3.98 -32.57
N GLU F 192 9.49 -3.53 -31.82
CA GLU F 192 9.23 -2.11 -31.67
C GLU F 192 9.89 -1.59 -30.41
N ASP F 193 10.82 -0.65 -30.57
CA ASP F 193 11.39 0.08 -29.46
C ASP F 193 10.42 1.17 -29.03
N CYS F 194 9.69 0.90 -27.95
CA CYS F 194 8.68 1.84 -27.49
C CYS F 194 9.16 2.64 -26.29
N ALA F 195 10.47 2.79 -26.13
CA ALA F 195 11.02 3.39 -24.91
C ALA F 195 10.46 4.79 -24.58
N GLN F 196 10.21 5.60 -25.60
CA GLN F 196 9.71 6.96 -25.37
C GLN F 196 8.20 7.04 -25.59
N ALA F 197 7.61 5.88 -25.85
CA ALA F 197 6.28 5.82 -26.43
C ALA F 197 5.16 5.38 -25.48
N TRP F 198 5.39 5.41 -24.17
CA TRP F 198 4.31 5.12 -23.23
C TRP F 198 3.13 6.06 -23.49
N GLY F 199 1.94 5.47 -23.66
CA GLY F 199 0.76 6.28 -23.87
C GLY F 199 0.41 6.43 -25.33
N ALA F 200 1.39 6.18 -26.20
CA ALA F 200 1.20 6.35 -27.64
C ALA F 200 0.15 5.39 -28.20
N THR F 201 -0.57 5.88 -29.20
CA THR F 201 -1.64 5.12 -29.82
C THR F 201 -1.47 5.10 -31.34
N TYR F 202 -1.73 3.94 -31.93
CA TYR F 202 -1.70 3.80 -33.37
C TYR F 202 -2.97 3.08 -33.78
N ARG F 203 -3.74 3.71 -34.66
CA ARG F 203 -5.04 3.20 -35.09
C ARG F 203 -5.98 2.92 -33.91
N GLY F 204 -5.91 3.77 -32.89
CA GLY F 204 -6.85 3.68 -31.78
C GLY F 204 -6.49 2.79 -30.61
N ALA F 205 -5.41 2.02 -30.75
CA ALA F 205 -5.01 1.11 -29.70
C ALA F 205 -3.61 1.46 -29.24
N PRO F 206 -3.31 1.28 -27.94
CA PRO F 206 -1.93 1.52 -27.50
C PRO F 206 -0.93 0.53 -28.13
N LEU F 207 0.32 0.98 -28.27
CA LEU F 207 1.38 0.18 -28.86
C LEU F 207 1.62 -1.06 -28.00
N GLY F 208 1.85 -2.19 -28.64
CA GLY F 208 1.95 -3.49 -27.96
C GLY F 208 0.80 -4.41 -28.35
N THR F 209 -0.12 -3.86 -29.11
CA THR F 209 -1.31 -4.59 -29.53
C THR F 209 -1.36 -4.81 -31.04
N HIS F 210 -0.24 -4.61 -31.73
CA HIS F 210 -0.25 -4.68 -33.19
C HIS F 210 0.51 -5.89 -33.75
N GLY F 211 0.72 -6.89 -32.89
CA GLY F 211 1.28 -8.17 -33.30
C GLY F 211 2.81 -8.28 -33.31
N ASN F 212 3.49 -7.25 -32.80
CA ASN F 212 4.96 -7.29 -32.77
C ASN F 212 5.48 -7.38 -31.33
N VAL F 213 6.77 -7.71 -31.19
CA VAL F 213 7.41 -7.63 -29.88
C VAL F 213 7.71 -6.16 -29.56
N CYS F 214 7.17 -5.67 -28.45
CA CYS F 214 7.37 -4.26 -28.10
C CYS F 214 8.14 -4.13 -26.81
N VAL F 215 9.16 -3.27 -26.81
CA VAL F 215 9.95 -3.03 -25.62
C VAL F 215 9.70 -1.61 -25.15
N TYR F 216 9.30 -1.46 -23.89
CA TYR F 216 9.07 -0.15 -23.29
C TYR F 216 10.12 0.11 -22.23
N SER F 217 10.46 1.37 -21.99
CA SER F 217 11.34 1.70 -20.87
C SER F 217 10.62 2.48 -19.77
N THR F 218 10.98 2.24 -18.52
CA THR F 218 10.49 3.09 -17.46
C THR F 218 11.66 3.72 -16.72
N GLY F 219 12.70 4.06 -17.47
CA GLY F 219 13.85 4.73 -16.90
C GLY F 219 13.49 6.07 -16.26
N ALA F 220 14.46 6.67 -15.58
CA ALA F 220 14.23 7.83 -14.73
C ALA F 220 13.38 8.93 -15.36
N ILE F 221 13.66 9.30 -16.61
CA ILE F 221 12.96 10.47 -17.18
C ILE F 221 11.92 10.09 -18.22
N1 LLP F 222 15.63 3.08 -26.38
C2 LLP F 222 15.14 4.31 -26.60
C2' LLP F 222 14.50 4.70 -27.97
C3 LLP F 222 15.20 5.28 -25.57
O3 LLP F 222 14.67 6.56 -25.79
C4 LLP F 222 15.74 5.00 -24.35
C4' LLP F 222 15.75 6.17 -23.23
C5 LLP F 222 16.23 3.75 -24.12
C6 LLP F 222 16.20 2.78 -25.13
C5' LLP F 222 16.88 3.41 -22.75
OP4 LLP F 222 16.10 2.56 -21.95
P LLP F 222 16.73 2.16 -20.61
OP1 LLP F 222 17.64 3.25 -20.19
OP2 LLP F 222 17.51 0.84 -20.77
OP3 LLP F 222 15.67 1.99 -19.58
N LLP F 222 11.65 8.79 -18.39
CA LLP F 222 10.56 8.38 -19.29
CB LLP F 222 10.69 6.94 -19.68
CG LLP F 222 11.51 6.84 -20.97
CD LLP F 222 13.02 6.75 -20.67
CE LLP F 222 13.87 7.08 -21.93
NZ LLP F 222 14.66 5.89 -22.31
C LLP F 222 9.31 8.74 -18.54
O LLP F 222 9.35 8.87 -17.32
N ILE F 223 8.20 8.91 -19.23
CA ILE F 223 7.10 9.58 -18.57
C ILE F 223 6.49 8.70 -17.45
N LEU F 224 6.45 7.38 -17.65
CA LEU F 224 6.18 6.44 -16.54
C LEU F 224 7.49 5.79 -16.13
N THR F 225 7.94 6.05 -14.91
CA THR F 225 9.22 5.56 -14.44
C THR F 225 9.06 4.58 -13.26
N THR F 226 9.96 3.60 -13.20
CA THR F 226 10.02 2.70 -12.05
C THR F 226 11.34 2.96 -11.32
N GLY F 227 11.94 4.13 -11.59
CA GLY F 227 13.30 4.42 -11.18
C GLY F 227 14.22 3.96 -12.30
N SER F 228 14.45 2.65 -12.35
CA SER F 228 15.02 1.97 -13.50
C SER F 228 14.04 0.87 -13.84
N GLY F 229 14.04 0.43 -15.09
CA GLY F 229 13.16 -0.66 -15.44
C GLY F 229 12.64 -0.59 -16.84
N GLY F 230 11.91 -1.63 -17.24
CA GLY F 230 11.24 -1.65 -18.53
C GLY F 230 10.29 -2.81 -18.60
N PHE F 231 9.68 -3.05 -19.76
CA PHE F 231 8.94 -4.28 -19.94
C PHE F 231 8.81 -4.60 -21.41
N VAL F 232 8.61 -5.89 -21.70
CA VAL F 232 8.41 -6.35 -23.06
C VAL F 232 6.99 -6.88 -23.20
N VAL F 233 6.34 -6.53 -24.30
CA VAL F 233 5.00 -6.99 -24.61
C VAL F 233 5.09 -7.94 -25.79
N LEU F 234 4.50 -9.12 -25.64
CA LEU F 234 4.58 -10.18 -26.63
C LEU F 234 3.23 -10.37 -27.33
N PRO F 235 3.26 -10.71 -28.63
CA PRO F 235 2.03 -10.92 -29.41
C PRO F 235 1.41 -12.31 -29.23
N ASP F 236 2.17 -13.27 -28.73
CA ASP F 236 1.63 -14.62 -28.50
C ASP F 236 2.28 -15.29 -27.28
N ASP F 237 1.70 -16.41 -26.87
CA ASP F 237 2.08 -17.05 -25.62
C ASP F 237 3.47 -17.70 -25.67
N ASP F 238 3.89 -18.14 -26.86
CA ASP F 238 5.21 -18.74 -27.03
C ASP F 238 6.33 -17.80 -26.73
N LEU F 239 6.23 -16.60 -27.29
CA LEU F 239 7.23 -15.59 -27.08
C LEU F 239 7.20 -15.16 -25.61
N TYR F 240 6.00 -15.11 -25.03
CA TYR F 240 5.85 -14.73 -23.62
C TYR F 240 6.54 -15.71 -22.68
N ASP F 241 6.25 -17.00 -22.86
CA ASP F 241 6.88 -18.05 -22.06
C ASP F 241 8.41 -18.04 -22.25
N ARG F 242 8.85 -17.99 -23.50
CA ARG F 242 10.28 -18.06 -23.80
C ARG F 242 11.05 -16.87 -23.23
N LEU F 243 10.46 -15.67 -23.29
CA LEU F 243 11.14 -14.50 -22.77
C LEU F 243 11.12 -14.49 -21.25
N ARG F 244 10.05 -15.02 -20.68
CA ARG F 244 9.90 -15.12 -19.23
C ARG F 244 10.97 -16.06 -18.71
N LEU F 245 11.28 -17.10 -19.49
CA LEU F 245 12.35 -18.04 -19.17
C LEU F 245 13.74 -17.39 -19.18
N ARG F 246 14.07 -16.72 -20.29
CA ARG F 246 15.41 -16.17 -20.49
C ARG F 246 15.64 -14.95 -19.59
N ARG F 247 14.56 -14.46 -18.99
CA ARG F 247 14.60 -13.33 -18.05
C ARG F 247 15.31 -13.69 -16.74
N TRP F 248 15.21 -14.95 -16.33
CA TRP F 248 15.88 -15.47 -15.13
C TRP F 248 16.67 -16.76 -15.50
N LEU F 249 17.74 -16.57 -16.28
CA LEU F 249 18.74 -17.61 -16.58
C LEU F 249 18.23 -18.90 -17.23
N GLY F 250 17.01 -18.90 -17.73
CA GLY F 250 16.45 -20.09 -18.34
C GLY F 250 16.03 -21.11 -17.30
N ILE F 251 15.82 -20.64 -16.07
CA ILE F 251 15.41 -21.52 -14.98
C ILE F 251 13.92 -21.39 -14.71
N GLU F 252 13.17 -22.47 -14.91
CA GLU F 252 11.78 -22.50 -14.51
C GLU F 252 11.63 -22.34 -13.00
N ARG F 253 10.95 -21.27 -12.60
CA ARG F 253 10.89 -20.94 -11.18
C ARG F 253 9.90 -21.83 -10.43
N ALA F 254 9.12 -22.62 -11.18
CA ALA F 254 8.16 -23.56 -10.58
C ALA F 254 8.85 -24.89 -10.26
N SER F 255 10.13 -24.97 -10.58
CA SER F 255 10.93 -26.19 -10.39
C SER F 255 11.58 -26.31 -9.01
N ASP F 256 11.89 -27.53 -8.63
CA ASP F 256 12.55 -27.81 -7.36
C ASP F 256 14.05 -27.54 -7.45
N ARG F 257 14.48 -26.31 -7.18
CA ARG F 257 15.91 -26.01 -7.25
C ARG F 257 16.56 -26.19 -5.88
N ILE F 258 15.76 -26.58 -4.89
CA ILE F 258 16.21 -26.82 -3.53
C ILE F 258 16.93 -28.18 -3.47
N THR F 259 16.48 -29.10 -4.32
CA THR F 259 17.15 -30.38 -4.49
C THR F 259 17.96 -30.38 -5.79
N GLY F 260 17.92 -29.26 -6.49
CA GLY F 260 18.66 -29.12 -7.73
C GLY F 260 18.03 -29.89 -8.87
N ASP F 261 16.76 -30.22 -8.73
CA ASP F 261 16.06 -31.03 -9.71
C ASP F 261 15.37 -30.15 -10.76
N TYR F 262 16.17 -29.52 -11.61
CA TYR F 262 15.67 -28.65 -12.67
C TYR F 262 16.67 -28.63 -13.82
N ASP F 263 16.21 -28.22 -15.00
CA ASP F 263 17.09 -28.16 -16.17
C ASP F 263 16.98 -26.83 -16.91
N VAL F 264 18.09 -26.41 -17.51
CA VAL F 264 18.08 -25.22 -18.35
C VAL F 264 18.33 -25.64 -19.80
N ALA F 265 17.32 -25.48 -20.65
CA ALA F 265 17.43 -25.91 -22.04
C ALA F 265 17.92 -24.77 -22.93
N GLU F 266 17.56 -23.56 -22.52
CA GLU F 266 17.93 -22.34 -23.20
C GLU F 266 18.54 -21.41 -22.17
N TRP F 267 19.84 -21.18 -22.24
CA TRP F 267 20.46 -20.34 -21.21
C TRP F 267 19.87 -18.94 -21.31
N GLY F 268 19.86 -18.24 -20.20
CA GLY F 268 19.20 -16.96 -20.16
C GLY F 268 20.02 -15.91 -19.44
N TYR F 269 19.32 -14.87 -19.02
CA TYR F 269 19.96 -13.71 -18.43
C TYR F 269 19.45 -13.45 -17.02
N ARG F 270 19.84 -12.31 -16.46
CA ARG F 270 19.42 -11.92 -15.12
C ARG F 270 18.85 -10.52 -15.27
N PHE F 271 17.58 -10.46 -15.66
CA PHE F 271 16.96 -9.23 -16.12
C PHE F 271 15.69 -8.85 -15.36
N ILE F 272 15.39 -9.53 -14.27
CA ILE F 272 14.14 -9.24 -13.57
C ILE F 272 14.09 -7.82 -13.02
N LEU F 273 12.87 -7.32 -12.90
CA LEU F 273 12.60 -6.07 -12.19
C LEU F 273 12.33 -6.43 -10.74
N ASN F 274 12.81 -5.64 -9.79
CA ASN F 274 12.60 -6.04 -8.41
C ASN F 274 11.35 -5.36 -7.85
N GLU F 275 10.96 -5.74 -6.64
CA GLU F 275 9.71 -5.30 -6.04
C GLU F 275 9.67 -3.80 -5.81
N ILE F 276 10.83 -3.19 -5.68
CA ILE F 276 10.88 -1.76 -5.48
C ILE F 276 10.49 -1.10 -6.79
N GLY F 277 10.96 -1.65 -7.91
CA GLY F 277 10.55 -1.15 -9.21
C GLY F 277 9.05 -1.21 -9.43
N GLY F 278 8.45 -2.36 -9.15
CA GLY F 278 7.01 -2.53 -9.28
C GLY F 278 6.21 -1.57 -8.40
N ALA F 279 6.71 -1.33 -7.20
CA ALA F 279 6.02 -0.43 -6.28
C ALA F 279 5.95 0.99 -6.85
N ILE F 280 7.09 1.48 -7.34
CA ILE F 280 7.19 2.80 -7.93
C ILE F 280 6.29 2.88 -9.17
N GLY F 281 6.36 1.84 -10.02
CA GLY F 281 5.53 1.76 -11.21
C GLY F 281 4.05 1.86 -10.89
N LEU F 282 3.60 1.14 -9.87
CA LEU F 282 2.19 1.19 -9.47
C LEU F 282 1.80 2.58 -8.98
N SER F 283 2.66 3.23 -8.21
CA SER F 283 2.39 4.59 -7.72
C SER F 283 2.21 5.57 -8.86
N ASN F 284 3.10 5.51 -9.83
CA ASN F 284 3.13 6.46 -10.93
C ASN F 284 2.12 6.16 -12.03
N LEU F 285 1.62 4.92 -12.08
CA LEU F 285 0.53 4.59 -12.99
C LEU F 285 -0.73 5.38 -12.67
N GLU F 286 -0.92 5.70 -11.39
CA GLU F 286 -2.07 6.45 -10.91
C GLU F 286 -2.01 7.94 -11.30
N ARG F 287 -0.83 8.41 -11.66
CA ARG F 287 -0.67 9.82 -12.00
C ARG F 287 -0.30 10.05 -13.47
N VAL F 288 0.04 9.00 -14.20
CA VAL F 288 0.68 9.15 -15.49
C VAL F 288 -0.26 9.66 -16.58
N ASP F 289 -1.55 9.32 -16.51
CA ASP F 289 -2.50 9.74 -17.53
C ASP F 289 -2.60 11.26 -17.61
N GLU F 290 -2.62 11.91 -16.45
CA GLU F 290 -2.67 13.36 -16.38
C GLU F 290 -1.38 13.99 -16.93
N LEU F 291 -0.24 13.37 -16.62
CA LEU F 291 1.05 13.85 -17.12
C LEU F 291 1.13 13.77 -18.63
N LEU F 292 0.59 12.70 -19.20
CA LEU F 292 0.56 12.51 -20.65
C LEU F 292 -0.34 13.52 -21.33
N ARG F 293 -1.47 13.80 -20.69
CA ARG F 293 -2.45 14.73 -21.22
C ARG F 293 -1.83 16.12 -21.38
N ARG F 294 -0.95 16.49 -20.46
CA ARG F 294 -0.30 17.78 -20.53
C ARG F 294 0.76 17.82 -21.63
N HIS F 295 1.49 16.71 -21.81
CA HIS F 295 2.46 16.58 -22.90
C HIS F 295 1.80 16.89 -24.24
N ARG F 296 0.68 16.23 -24.51
CA ARG F 296 -0.02 16.39 -25.78
C ARG F 296 -0.61 17.79 -25.95
N GLU F 297 -1.12 18.34 -24.84
CA GLU F 297 -1.74 19.66 -24.84
C GLU F 297 -0.70 20.73 -25.19
N ASN F 298 0.49 20.61 -24.61
CA ASN F 298 1.60 21.49 -24.91
C ASN F 298 2.06 21.28 -26.36
N ALA F 299 2.08 20.03 -26.78
CA ALA F 299 2.49 19.66 -28.13
C ALA F 299 1.60 20.22 -29.24
N ALA F 300 0.28 20.18 -29.03
CA ALA F 300 -0.66 20.76 -29.99
C ALA F 300 -0.48 22.27 -30.05
N PHE F 301 -0.18 22.88 -28.90
CA PHE F 301 0.05 24.31 -28.80
C PHE F 301 1.21 24.70 -29.71
N TYR F 302 2.29 23.94 -29.64
CA TYR F 302 3.44 24.16 -30.51
C TYR F 302 3.09 24.00 -31.99
N ASP F 303 2.34 22.96 -32.33
CA ASP F 303 1.96 22.70 -33.73
C ASP F 303 1.28 23.92 -34.35
N LYS F 304 0.43 24.60 -33.57
CA LYS F 304 -0.28 25.81 -33.98
C LYS F 304 0.63 27.03 -33.99
N GLU F 305 1.34 27.27 -32.89
CA GLU F 305 2.14 28.49 -32.70
C GLU F 305 3.51 28.48 -33.38
N LEU F 306 4.11 27.31 -33.59
CA LEU F 306 5.42 27.28 -34.26
C LEU F 306 5.24 27.06 -35.75
N ALA F 307 4.00 27.05 -36.20
CA ALA F 307 3.72 26.88 -37.61
C ALA F 307 4.04 28.20 -38.34
N GLY F 308 4.69 28.07 -39.49
CA GLY F 308 4.99 29.20 -40.33
C GLY F 308 6.16 30.08 -39.92
N ILE F 309 6.95 29.66 -38.95
CA ILE F 309 8.19 30.40 -38.70
C ILE F 309 9.24 29.75 -39.58
N ASP F 310 9.72 30.53 -40.54
CA ASP F 310 10.68 30.01 -41.51
C ASP F 310 12.01 29.80 -40.79
N GLY F 311 12.62 28.64 -41.06
CA GLY F 311 13.83 28.20 -40.41
C GLY F 311 13.48 27.19 -39.34
N VAL F 312 12.18 26.89 -39.23
CA VAL F 312 11.62 25.91 -38.29
C VAL F 312 10.73 24.89 -39.00
N GLU F 313 11.18 23.65 -39.14
CA GLU F 313 10.39 22.63 -39.79
C GLU F 313 9.86 21.62 -38.80
N GLN F 314 8.56 21.37 -38.85
CA GLN F 314 7.95 20.46 -37.90
C GLN F 314 7.89 19.02 -38.43
N THR F 315 7.48 18.12 -37.56
CA THR F 315 7.39 16.70 -37.84
C THR F 315 6.02 16.39 -38.46
N GLU F 316 5.99 15.39 -39.33
CA GLU F 316 4.74 14.89 -39.90
C GLU F 316 3.68 14.52 -38.83
N ARG F 317 2.41 14.73 -39.14
CA ARG F 317 1.33 14.37 -38.25
C ARG F 317 0.25 13.63 -39.01
N ALA F 318 0.05 12.36 -38.69
CA ALA F 318 -1.01 11.59 -39.32
C ALA F 318 -2.23 11.50 -38.40
N ASP F 319 -3.40 11.36 -39.00
CA ASP F 319 -4.65 11.26 -38.25
C ASP F 319 -4.89 9.94 -37.57
N ASP F 320 -4.19 8.90 -38.00
CA ASP F 320 -4.48 7.55 -37.58
C ASP F 320 -3.60 7.13 -36.42
N ARG F 321 -3.05 8.11 -35.71
CA ARG F 321 -2.22 7.79 -34.54
C ARG F 321 -2.17 8.97 -33.57
N GLU F 322 -1.86 8.67 -32.32
CA GLU F 322 -1.81 9.71 -31.29
C GLU F 322 -0.45 9.73 -30.61
N PRO F 323 0.44 10.63 -31.08
CA PRO F 323 1.82 10.67 -30.57
C PRO F 323 1.89 10.98 -29.07
N ALA F 324 3.01 10.62 -28.43
CA ALA F 324 3.20 10.83 -26.99
C ALA F 324 3.96 12.14 -26.69
N PHE F 325 4.73 12.60 -27.67
CA PHE F 325 5.49 13.84 -27.57
C PHE F 325 6.31 13.89 -26.27
N TRP F 326 7.18 12.91 -26.10
CA TRP F 326 8.04 12.88 -24.94
C TRP F 326 8.93 14.11 -24.94
N MET F 327 9.45 14.44 -26.11
CA MET F 327 10.06 15.75 -26.34
C MET F 327 9.46 16.26 -27.64
N TYR F 328 9.60 17.55 -27.92
CA TYR F 328 9.06 18.10 -29.16
C TYR F 328 10.18 18.31 -30.18
N PRO F 329 10.04 17.67 -31.35
CA PRO F 329 11.03 17.71 -32.43
C PRO F 329 10.94 18.90 -33.38
N LEU F 330 12.09 19.43 -33.75
CA LEU F 330 12.19 20.43 -34.81
C LEU F 330 13.39 20.15 -35.70
N LYS F 331 13.27 20.53 -36.97
CA LYS F 331 14.42 20.49 -37.86
C LYS F 331 14.74 21.94 -38.21
N VAL F 332 15.93 22.41 -37.81
CA VAL F 332 16.24 23.82 -37.93
C VAL F 332 17.53 24.10 -38.71
N ARG F 333 17.49 25.17 -39.49
CA ARG F 333 18.69 25.71 -40.10
C ARG F 333 19.60 26.25 -39.01
N ASP F 334 20.91 26.15 -39.22
CA ASP F 334 21.90 26.72 -38.31
C ASP F 334 21.62 26.32 -36.85
N ARG F 335 21.49 25.01 -36.59
CA ARG F 335 21.14 24.52 -35.25
C ARG F 335 21.98 25.04 -34.09
N PRO F 336 23.31 25.11 -34.24
CA PRO F 336 24.12 25.60 -33.12
C PRO F 336 23.75 26.99 -32.60
N ALA F 337 23.45 27.92 -33.50
CA ALA F 337 23.02 29.23 -33.05
C ALA F 337 21.64 29.12 -32.38
N PHE F 338 20.81 28.24 -32.92
CA PHE F 338 19.47 28.01 -32.41
C PHE F 338 19.48 27.51 -30.96
N MET F 339 20.25 26.46 -30.72
CA MET F 339 20.32 25.86 -29.39
C MET F 339 20.88 26.87 -28.38
N ARG F 340 21.88 27.63 -28.81
CA ARG F 340 22.50 28.65 -27.97
C ARG F 340 21.52 29.79 -27.65
N ARG F 341 20.75 30.19 -28.65
CA ARG F 341 19.76 31.25 -28.48
C ARG F 341 18.76 30.86 -27.40
N LEU F 342 18.22 29.64 -27.49
CA LEU F 342 17.23 29.17 -26.52
C LEU F 342 17.82 28.98 -25.12
N LEU F 343 19.11 28.65 -25.05
CA LEU F 343 19.78 28.45 -23.76
C LEU F 343 19.90 29.80 -23.05
N ASP F 344 20.14 30.87 -23.82
CA ASP F 344 20.17 32.24 -23.28
C ASP F 344 18.79 32.65 -22.78
N ALA F 345 17.77 32.04 -23.35
CA ALA F 345 16.40 32.31 -22.96
C ALA F 345 15.95 31.40 -21.83
N GLY F 346 16.88 30.61 -21.30
CA GLY F 346 16.58 29.76 -20.17
C GLY F 346 15.81 28.52 -20.61
N ILE F 347 15.99 28.13 -21.87
CA ILE F 347 15.32 26.96 -22.41
C ILE F 347 16.31 25.85 -22.79
N ALA F 348 16.21 24.72 -22.11
CA ALA F 348 17.07 23.58 -22.42
C ALA F 348 16.68 22.94 -23.75
N THR F 349 17.68 22.47 -24.47
CA THR F 349 17.51 22.02 -25.84
C THR F 349 18.58 20.95 -26.12
N SER F 350 18.26 19.89 -26.88
CA SER F 350 19.30 18.86 -27.12
C SER F 350 19.15 18.02 -28.39
N VAL F 351 20.30 17.56 -28.88
CA VAL F 351 20.36 16.59 -29.97
C VAL F 351 20.01 15.20 -29.47
N VAL F 352 20.11 15.00 -28.16
CA VAL F 352 19.73 13.75 -27.48
C VAL F 352 20.69 12.59 -27.76
N SER F 353 20.84 12.20 -29.03
CA SER F 353 21.86 11.20 -29.36
C SER F 353 22.42 11.40 -30.76
N ARG F 354 23.68 10.99 -30.93
CA ARG F 354 24.35 10.98 -32.22
C ARG F 354 23.84 9.82 -33.08
N ARG F 355 23.80 10.03 -34.38
CA ARG F 355 23.51 8.95 -35.33
C ARG F 355 24.47 7.79 -35.05
N ASN F 356 23.91 6.64 -34.67
CA ASN F 356 24.71 5.53 -34.17
C ASN F 356 25.70 4.99 -35.20
N ASP F 357 25.41 5.20 -36.48
CA ASP F 357 26.26 4.70 -37.54
C ASP F 357 27.63 5.38 -37.62
N ALA F 358 27.76 6.53 -36.96
CA ALA F 358 29.00 7.32 -37.03
C ALA F 358 30.02 6.96 -35.96
N HIS F 359 29.61 6.18 -34.96
CA HIS F 359 30.51 5.76 -33.87
C HIS F 359 31.61 4.84 -34.41
N SER F 360 32.83 5.00 -33.91
CA SER F 360 33.97 4.15 -34.31
C SER F 360 33.65 2.66 -34.21
N CYS F 361 32.95 2.29 -33.14
CA CYS F 361 32.69 0.89 -32.81
C CYS F 361 31.86 0.18 -33.89
N VAL F 362 31.25 0.93 -34.79
CA VAL F 362 30.47 0.33 -35.88
C VAL F 362 30.89 0.87 -37.26
N ALA F 363 32.17 1.20 -37.42
CA ALA F 363 32.64 1.76 -38.67
C ALA F 363 32.37 0.82 -39.86
N SER F 364 32.31 -0.48 -39.58
CA SER F 364 32.18 -1.49 -40.64
C SER F 364 30.77 -1.52 -41.26
N ALA F 365 29.77 -1.11 -40.51
CA ALA F 365 28.40 -1.15 -41.01
C ALA F 365 28.05 0.18 -41.66
N ARG F 366 29.03 1.08 -41.69
CA ARG F 366 28.79 2.41 -42.19
C ARG F 366 28.52 2.33 -43.67
N THR F 367 27.43 2.96 -44.04
CA THR F 367 26.84 2.93 -45.37
C THR F 367 26.26 4.32 -45.54
N THR F 368 26.16 4.78 -46.77
CA THR F 368 25.69 6.13 -47.00
C THR F 368 24.17 6.17 -46.81
N LEU F 369 23.71 7.07 -45.93
CA LEU F 369 22.28 7.18 -45.61
C LEU F 369 21.76 8.62 -45.78
N PRO F 370 21.29 8.96 -47.01
CA PRO F 370 20.95 10.31 -47.44
C PRO F 370 19.77 10.99 -46.72
N GLY F 371 18.74 10.23 -46.39
CA GLY F 371 17.60 10.79 -45.68
C GLY F 371 18.08 11.26 -44.31
N LEU F 372 18.89 10.42 -43.67
CA LEU F 372 19.48 10.72 -42.39
C LEU F 372 20.48 11.87 -42.49
N ASP F 373 21.30 11.88 -43.54
CA ASP F 373 22.25 12.96 -43.76
C ASP F 373 21.54 14.31 -43.79
N ARG F 374 20.33 14.32 -44.36
CA ARG F 374 19.55 15.56 -44.52
C ARG F 374 19.06 16.12 -43.19
N VAL F 375 18.98 15.31 -42.14
CA VAL F 375 18.43 15.83 -40.91
C VAL F 375 19.43 15.82 -39.77
N ALA F 376 20.54 15.10 -39.95
CA ALA F 376 21.48 14.86 -38.86
C ALA F 376 21.99 16.14 -38.20
N ASP F 377 22.22 17.20 -38.97
CA ASP F 377 22.74 18.44 -38.40
C ASP F 377 21.66 19.44 -38.06
N ARG F 378 20.42 19.08 -38.34
CA ARG F 378 19.33 20.02 -38.20
C ARG F 378 18.33 19.63 -37.10
N VAL F 379 18.25 18.34 -36.79
CA VAL F 379 17.26 17.84 -35.83
C VAL F 379 17.56 18.39 -34.43
N VAL F 380 16.52 18.77 -33.72
CA VAL F 380 16.68 19.31 -32.36
C VAL F 380 15.43 19.07 -31.51
N HIS F 381 15.60 18.99 -30.18
CA HIS F 381 14.48 18.69 -29.29
C HIS F 381 14.28 19.78 -28.22
N ILE F 382 13.03 20.13 -27.97
CA ILE F 382 12.69 21.25 -27.07
C ILE F 382 11.69 20.78 -25.99
N PRO F 383 11.68 21.47 -24.83
CA PRO F 383 10.80 21.12 -23.70
C PRO F 383 9.33 21.15 -24.06
N VAL F 384 8.62 20.08 -23.70
CA VAL F 384 7.20 19.98 -24.02
C VAL F 384 6.45 19.29 -22.88
N GLY F 385 7.21 18.73 -21.94
CA GLY F 385 6.66 17.91 -20.87
C GLY F 385 5.69 18.52 -19.88
N TRP F 386 5.24 17.68 -18.95
CA TRP F 386 4.17 17.99 -18.00
C TRP F 386 4.52 19.08 -17.02
N TRP F 387 5.80 19.45 -16.95
CA TRP F 387 6.26 20.46 -16.00
C TRP F 387 6.18 21.90 -16.52
N LEU F 388 5.90 22.08 -17.82
CA LEU F 388 5.81 23.43 -18.41
C LEU F 388 4.58 24.15 -17.92
N THR F 389 4.76 25.33 -17.34
CA THR F 389 3.62 26.19 -17.03
C THR F 389 3.16 26.86 -18.31
N GLU F 390 1.98 27.45 -18.25
CA GLU F 390 1.41 28.15 -19.37
C GLU F 390 2.40 29.22 -19.88
N ASP F 391 3.03 29.88 -18.92
CA ASP F 391 4.03 30.90 -19.18
C ASP F 391 5.32 30.33 -19.78
N ASP F 392 5.78 29.19 -19.24
CA ASP F 392 6.97 28.49 -19.74
C ASP F 392 6.84 28.19 -21.23
N ARG F 393 5.66 27.78 -21.61
CA ARG F 393 5.35 27.45 -22.99
C ARG F 393 5.42 28.68 -23.91
N SER F 394 4.79 29.77 -23.48
CA SER F 394 4.82 31.02 -24.25
C SER F 394 6.25 31.49 -24.41
N HIS F 395 7.04 31.34 -23.36
CA HIS F 395 8.41 31.80 -23.42
C HIS F 395 9.18 31.06 -24.51
N VAL F 396 8.96 29.75 -24.63
CA VAL F 396 9.59 28.96 -25.69
C VAL F 396 9.18 29.45 -27.08
N VAL F 397 7.87 29.57 -27.33
CA VAL F 397 7.38 30.06 -28.63
C VAL F 397 7.93 31.45 -28.96
N GLU F 398 7.92 32.36 -27.97
CA GLU F 398 8.43 33.72 -28.17
C GLU F 398 9.91 33.77 -28.51
N THR F 399 10.71 32.95 -27.85
CA THR F 399 12.15 32.92 -28.10
C THR F 399 12.40 32.51 -29.53
N ILE F 400 11.68 31.48 -29.96
CA ILE F 400 11.75 30.99 -31.33
C ILE F 400 11.31 32.05 -32.35
N LYS F 401 10.30 32.86 -32.02
CA LYS F 401 9.83 33.89 -32.94
C LYS F 401 10.86 35.02 -33.12
N SER F 402 11.76 35.18 -32.16
CA SER F 402 12.77 36.24 -32.22
C SER F 402 13.93 35.91 -33.16
N GLY F 403 13.94 34.69 -33.68
CA GLY F 403 14.98 34.30 -34.62
C GLY F 403 16.32 34.01 -33.97
N TRP F 404 17.28 33.59 -34.79
CA TRP F 404 18.63 33.29 -34.34
C TRP F 404 19.58 33.30 -35.55
S SO4 G . -10.84 -30.73 -26.53
O1 SO4 G . -11.71 -29.69 -27.03
O2 SO4 G . -9.77 -30.14 -25.72
O3 SO4 G . -11.65 -31.64 -25.73
O4 SO4 G . -10.23 -31.45 -27.64
C4 T46 H . -13.40 -41.10 9.90
C5 T46 H . -12.36 -42.06 10.57
C6 T46 H . -13.10 -42.92 11.55
C21 T46 H . -7.47 -45.34 1.58
O21 T46 H . -6.84 -46.30 1.23
N31 T46 H . -8.25 -44.44 0.64
C41 T46 H . -9.00 -43.28 1.11
O41 T46 H . -9.60 -42.61 0.34
C51 T46 H . -9.01 -42.93 2.53
C5A T46 H . -9.83 -41.68 3.00
C61 T46 H . -8.27 -43.77 3.50
N11 T46 H . -7.52 -44.94 3.05
C1, T46 H . -6.74 -45.82 3.97
C2, T46 H . -5.65 -45.14 4.40
C3, T46 H . -5.53 -45.38 6.02
O3, T46 H . -4.55 -46.44 6.22
O4, T46 H . -7.53 -46.26 5.18
C4, T46 H . -6.68 -45.73 6.46
C5, T46 H . -7.41 -44.56 7.14
O5, T46 H . -7.31 -43.41 6.30
P T46 H . -7.41 -41.92 7.02
O1P T46 H . -6.02 -41.29 7.10
O2P T46 H . -8.34 -41.04 6.21
OPP T46 H . -8.07 -42.16 8.54
P2 T46 H . -8.84 -41.01 9.50
O4P T46 H . -8.65 -41.32 10.99
O3P T46 H . -8.27 -39.65 9.17
O1 T46 H . -10.45 -40.94 9.17
C1 T46 H . -11.07 -41.99 8.54
C2 T46 H . -12.14 -41.35 7.72
O2 T46 H . -11.49 -40.53 6.70
C3 T46 H . -12.93 -40.48 8.61
O3 T46 H . -14.07 -39.93 7.88
O4 T46 H . -14.44 -40.87 10.40
O5 T46 H . -11.63 -42.86 9.59
S SO4 I . -21.00 47.57 28.31
O1 SO4 I . -21.69 48.64 29.00
O2 SO4 I . -19.72 48.06 27.82
O3 SO4 I . -20.76 46.50 29.27
O4 SO4 I . -21.80 47.07 27.20
PA TYD J . 5.91 46.89 0.63
O1A TYD J . 6.51 46.19 1.75
O2A TYD J . 5.97 45.88 -0.43
O3A TYD J . 4.35 47.34 0.96
PB TYD J . 3.13 46.31 1.36
O1B TYD J . 2.16 46.83 2.33
O2B TYD J . 3.61 45.07 1.98
O3B TYD J . 2.33 45.89 0.20
O5' TYD J . 6.78 48.22 0.22
C5' TYD J . 6.17 49.47 0.33
C4' TYD J . 7.23 50.58 0.37
O4' TYD J . 7.49 50.96 1.75
C3' TYD J . 8.49 50.09 -0.26
O3' TYD J . 8.91 51.00 -1.31
C2' TYD J . 9.54 50.02 0.75
C1' TYD J . 8.93 50.67 1.98
N1 TYD J . 9.11 49.84 3.11
C2 TYD J . 10.24 50.08 3.97
O2 TYD J . 10.99 50.97 3.70
N3 TYD J . 10.46 49.27 5.12
C4 TYD J . 9.57 48.21 5.44
O4 TYD J . 9.76 47.53 6.40
C5 TYD J . 8.37 47.95 4.51
C5M TYD J . 7.38 46.81 4.81
C6 TYD J . 8.17 48.72 3.42
PA TYD K . 21.04 12.47 -19.00
O1A TYD K . 21.94 13.20 -19.89
O2A TYD K . 21.99 11.82 -18.07
O3A TYD K . 20.11 11.38 -19.82
PB TYD K . 20.43 10.70 -21.30
O1B TYD K . 21.31 11.51 -22.18
O2B TYD K . 19.25 10.40 -22.10
O3B TYD K . 21.08 9.40 -21.18
O5' TYD K . 20.04 13.52 -18.22
C5' TYD K . 18.89 13.89 -18.93
C4' TYD K . 18.30 15.18 -18.37
O4' TYD K . 17.21 14.83 -17.50
C3' TYD K . 19.35 15.91 -17.61
O3' TYD K . 19.34 17.32 -17.97
C2' TYD K . 19.05 15.79 -16.19
C1' TYD K . 17.65 15.21 -16.14
N1 TYD K . 17.69 14.10 -15.29
C2 TYD K . 17.08 14.20 -13.98
O2 TYD K . 16.55 15.22 -13.67
N3 TYD K . 17.11 13.09 -13.10
C4 TYD K . 17.73 11.88 -13.50
O4 TYD K . 17.77 10.96 -12.76
C5 TYD K . 18.40 11.79 -14.88
C5M TYD K . 19.07 10.49 -15.31
C6 TYD K . 18.36 12.84 -15.71
PA TYD L . 15.41 -18.41 -4.11
O1A TYD L . 14.92 -17.41 -5.06
O2A TYD L . 14.67 -19.62 -4.53
O3A TYD L . 17.06 -18.63 -4.23
PB TYD L . 18.00 -18.67 -5.60
O1B TYD L . 17.58 -17.76 -6.66
O2B TYD L . 19.40 -18.26 -5.37
O3B TYD L . 18.12 -20.00 -6.23
O5' TYD L . 14.97 -17.96 -2.58
C5' TYD L . 14.74 -18.95 -1.61
C4' TYD L . 15.00 -18.37 -0.22
O4' TYD L . 15.44 -17.01 -0.36
C3' TYD L . 13.74 -18.38 0.60
O3' TYD L . 14.00 -18.90 1.93
C2' TYD L . 13.26 -16.99 0.70
C1' TYD L . 14.51 -16.17 0.43
N1 TYD L . 14.25 -14.95 -0.25
C2 TYD L . 13.53 -13.89 0.45
O2 TYD L . 13.13 -14.04 1.56
N3 TYD L . 13.27 -12.67 -0.20
C4 TYD L . 13.72 -12.44 -1.53
O4 TYD L . 13.49 -11.41 -2.04
C5 TYD L . 14.49 -13.54 -2.27
C5M TYD L . 14.96 -13.27 -3.70
C6 TYD L . 14.73 -14.72 -1.65
#